data_8KFA
#
_entry.id   8KFA
#
_cell.length_a   1.00
_cell.length_b   1.00
_cell.length_c   1.00
_cell.angle_alpha   90.00
_cell.angle_beta   90.00
_cell.angle_gamma   90.00
#
_symmetry.space_group_name_H-M   'P 1'
#
loop_
_entity.id
_entity.type
_entity.pdbx_description
1 polymer 'D48 heavy chain'
2 polymer 'D48 light chain'
3 polymer 'Envelope glycoprotein B'
#
loop_
_entity_poly.entity_id
_entity_poly.type
_entity_poly.pdbx_seq_one_letter_code
_entity_poly.pdbx_strand_id
1 'polypeptide(L)'
;EVQLVETGGGVVRPGRSLRLSCTTSGFSFSGSAMHWVRQAPGKGLEWVAVISHDGNIIQYHDSVKGRFTISRDNSKNVLL
LQMNSLRVDDTAMYYCARDVWLLPATISYAFDFWGQGTMVTVSSASTKGPSVFPLAPSSKSTSGGTAALGCLVKDYFPEP
VTVSWNSGALTSGVHTFPAVLQSSGLYSLSSVVTVPSSSLGTQTYICNVNHKPSNTKVDKRVGSHHHHHH
;
H,D,E
2 'polypeptide(L)'
;VIWMTQSPPSLSASIGDTVTITCRASQGISNSIAWYQRRPGKAPELLVYAAYRLQSGVPSRLSGSGSGAEYTLTIKNMQP
EDFATYYCQQYYDNPLTFGGGTKVEIKRTVAAPSVFIFPPSDEQLKSGTASVVCLLNNFYPREAKVQWKVDNALQSGNSQ
ESVTEQDSKDSTYSLSSTLTLSKADYEKHKVYACEVTHQGLSSPVTKSFNRGEC
;
L,F,G
3 'polypeptide(L)'
;ANFYVCPPPTGATVVQFEQPRRCPTRPEGQNYTEGIAVVFKENIAPYKFKATMYYKDVTVSQVWFGHRYSQFMGIFEDRA
PVPFEEVIDKINAKGVCRSTAKYVRNNLETTAFHRDDHETDMELKPANAATRTSRGWHTTDLKYNPSRVEAFHRYGTTVN
CIVEEVDARSVYPYDEFVLATGDFVYMSPFYGYREGSHTEHTTYAADRFKQVDGFYARDLTTKARATAPTTRNLLTTPKF
TVAWDWVPKRPSVCTMTKWQEVDEMLRSEYGGSFRFSSDAISTTFTTNLTEYPLSRVDLGDCIGKDARDAMDRIFARRYN
ATHIKVGQPQYYQANGGFLIAYQPLLSNTLAELYVREHLREQSRKPPNPTPPPPGASANASVERIKTTSSIEFARLQFTY
NHIQRHVNDMLGRVAIAWCELQNHELTLWNEARKLNPNAIASVTVGRRVSARMLGDVMAVSTCVPVAADNVIVQNSMRIS
SRPGACYSRPLVSFRYEDQGPLVEGQLGENNELRLTRDAIEPCTVGHRRYFTFGGGYVYFEEYAYSHQLSRADITTVSTF
IDLNITMLEDHEFVPLEVYTRHEIKDSGLLDYTEVQRRNQLHDLRFADIDTVIHA
;
A,B,C
#
# COMPACT_ATOMS: atom_id res chain seq x y z
N GLU A 1 37.75 -39.13 1.86
CA GLU A 1 36.88 -39.96 2.69
C GLU A 1 36.73 -39.35 4.07
N VAL A 2 35.53 -39.41 4.63
CA VAL A 2 35.25 -38.78 5.91
C VAL A 2 35.89 -39.59 7.03
N GLN A 3 36.61 -38.91 7.92
CA GLN A 3 37.29 -39.57 9.03
C GLN A 3 37.24 -38.65 10.23
N LEU A 4 36.73 -39.16 11.35
CA LEU A 4 36.59 -38.39 12.58
C LEU A 4 37.62 -38.92 13.59
N VAL A 5 38.82 -38.37 13.53
CA VAL A 5 39.87 -38.70 14.48
C VAL A 5 39.70 -37.82 15.71
N GLU A 6 39.52 -38.46 16.87
CA GLU A 6 39.26 -37.75 18.11
C GLU A 6 40.20 -38.25 19.20
N THR A 7 40.73 -37.32 20.00
CA THR A 7 41.69 -37.63 21.05
C THR A 7 41.31 -36.93 22.35
N GLY A 8 42.21 -36.97 23.33
CA GLY A 8 42.01 -36.27 24.58
C GLY A 8 41.24 -37.04 25.64
N GLY A 9 40.95 -38.31 25.41
CA GLY A 9 40.24 -39.11 26.39
C GLY A 9 41.20 -39.88 27.29
N GLY A 10 40.85 -39.96 28.56
CA GLY A 10 41.69 -40.65 29.52
C GLY A 10 41.02 -40.69 30.88
N VAL A 11 41.63 -41.45 31.78
CA VAL A 11 41.11 -41.59 33.14
C VAL A 11 41.35 -40.30 33.91
N VAL A 12 40.30 -39.78 34.53
CA VAL A 12 40.38 -38.56 35.33
C VAL A 12 39.60 -38.77 36.61
N ARG A 13 40.26 -38.52 37.75
CA ARG A 13 39.57 -38.59 39.02
C ARG A 13 38.52 -37.48 39.10
N PRO A 14 37.42 -37.69 39.81
CA PRO A 14 36.36 -36.68 39.86
C PRO A 14 36.85 -35.39 40.51
N GLY A 15 36.31 -34.27 40.03
CA GLY A 15 36.57 -32.99 40.66
C GLY A 15 36.94 -31.85 39.73
N ARG A 16 37.71 -32.10 38.68
CA ARG A 16 38.12 -31.03 37.80
C ARG A 16 37.69 -31.31 36.35
N SER A 17 38.18 -30.49 35.44
CA SER A 17 37.71 -30.47 34.06
C SER A 17 38.50 -31.42 33.17
N LEU A 18 38.16 -31.43 31.89
CA LEU A 18 38.83 -32.26 30.89
C LEU A 18 38.59 -31.63 29.52
N ARG A 19 39.42 -32.02 28.55
CA ARG A 19 39.34 -31.49 27.20
C ARG A 19 39.32 -32.62 26.19
N LEU A 20 38.38 -32.55 25.24
CA LEU A 20 38.31 -33.49 24.13
C LEU A 20 38.39 -32.73 22.82
N SER A 21 39.08 -33.32 21.84
CA SER A 21 39.23 -32.73 20.51
C SER A 21 38.94 -33.77 19.45
N CYS A 22 38.47 -33.31 18.30
CA CYS A 22 38.16 -34.18 17.17
C CYS A 22 38.70 -33.55 15.88
N THR A 23 39.19 -34.40 14.99
CA THR A 23 39.76 -33.97 13.71
C THR A 23 38.95 -34.59 12.58
N THR A 24 38.60 -33.75 11.60
CA THR A 24 37.79 -34.18 10.45
C THR A 24 38.65 -34.18 9.20
N SER A 25 38.64 -35.30 8.48
CA SER A 25 39.41 -35.42 7.25
C SER A 25 38.55 -35.12 6.03
N GLY A 26 37.46 -35.87 5.86
CA GLY A 26 36.61 -35.66 4.70
C GLY A 26 35.52 -34.63 4.95
N PHE A 27 34.86 -34.74 6.10
CA PHE A 27 33.83 -33.77 6.46
C PHE A 27 34.45 -32.38 6.60
N SER A 28 33.84 -31.40 5.95
CA SER A 28 34.34 -30.04 5.91
C SER A 28 33.56 -29.17 6.90
N PHE A 29 34.28 -28.52 7.80
CA PHE A 29 33.63 -27.56 8.69
C PHE A 29 33.11 -26.37 7.89
N SER A 30 32.31 -25.54 8.57
CA SER A 30 31.65 -24.37 8.00
C SER A 30 30.63 -24.75 6.93
N GLY A 31 30.41 -26.05 6.72
CA GLY A 31 29.43 -26.53 5.77
C GLY A 31 28.43 -27.47 6.41
N SER A 32 28.83 -28.08 7.53
CA SER A 32 27.99 -29.02 8.24
C SER A 32 28.18 -28.84 9.74
N ALA A 33 27.13 -29.18 10.50
CA ALA A 33 27.18 -29.06 11.94
C ALA A 33 27.76 -30.32 12.56
N MET A 34 28.22 -30.19 13.80
CA MET A 34 28.86 -31.28 14.53
C MET A 34 28.17 -31.45 15.88
N HIS A 35 28.02 -32.69 16.32
CA HIS A 35 27.46 -33.02 17.62
C HIS A 35 28.48 -33.78 18.45
N TRP A 36 28.15 -33.93 19.73
CA TRP A 36 28.88 -34.80 20.64
C TRP A 36 27.87 -35.74 21.30
N VAL A 37 28.07 -37.03 21.12
CA VAL A 37 27.17 -38.06 21.66
C VAL A 37 27.99 -39.03 22.48
N ARG A 38 27.51 -39.34 23.68
CA ARG A 38 28.20 -40.24 24.60
C ARG A 38 27.37 -41.50 24.81
N GLN A 39 28.05 -42.59 25.11
CA GLN A 39 27.40 -43.90 25.30
C GLN A 39 27.98 -44.53 26.57
N ALA A 40 27.28 -44.36 27.69
CA ALA A 40 27.74 -44.92 28.94
C ALA A 40 27.68 -46.45 28.90
N PRO A 41 28.60 -47.12 29.57
CA PRO A 41 28.56 -48.59 29.63
C PRO A 41 27.28 -49.07 30.30
N GLY A 42 26.66 -50.08 29.69
CA GLY A 42 25.41 -50.61 30.19
C GLY A 42 24.17 -49.81 29.82
N LYS A 43 24.33 -48.70 29.12
CA LYS A 43 23.21 -47.87 28.69
C LYS A 43 23.32 -47.61 27.20
N GLY A 44 22.31 -46.95 26.66
CA GLY A 44 22.29 -46.58 25.26
C GLY A 44 23.02 -45.27 25.00
N LEU A 45 22.88 -44.80 23.77
CA LEU A 45 23.51 -43.55 23.38
C LEU A 45 22.78 -42.37 24.02
N GLU A 46 23.50 -41.25 24.13
CA GLU A 46 22.95 -40.06 24.77
C GLU A 46 23.53 -38.82 24.12
N TRP A 47 22.66 -37.91 23.69
CA TRP A 47 23.09 -36.67 23.07
C TRP A 47 23.60 -35.70 24.13
N VAL A 48 24.64 -34.95 23.78
CA VAL A 48 25.28 -34.05 24.75
C VAL A 48 25.28 -32.62 24.23
N ALA A 49 25.92 -32.39 23.08
CA ALA A 49 26.11 -31.03 22.60
C ALA A 49 26.07 -30.99 21.08
N VAL A 50 25.86 -29.79 20.55
CA VAL A 50 25.86 -29.56 19.11
C VAL A 50 26.43 -28.16 18.85
N ILE A 51 27.18 -28.03 17.76
CA ILE A 51 27.69 -26.75 17.31
C ILE A 51 27.28 -26.53 15.86
N SER A 52 26.90 -25.31 15.53
CA SER A 52 26.45 -24.99 14.19
C SER A 52 27.64 -24.96 13.23
N HIS A 53 27.35 -24.67 11.96
CA HIS A 53 28.40 -24.66 10.95
C HIS A 53 29.45 -23.59 11.24
N ASP A 54 29.01 -22.41 11.69
CA ASP A 54 29.94 -21.34 12.04
C ASP A 54 30.21 -21.26 13.54
N GLY A 55 29.26 -21.65 14.37
CA GLY A 55 29.43 -21.64 15.82
C GLY A 55 28.52 -20.71 16.57
N ASN A 56 27.62 -19.97 15.91
CA ASN A 56 26.74 -19.05 16.60
C ASN A 56 25.53 -19.72 17.24
N ILE A 57 25.25 -20.98 16.89
CA ILE A 57 24.14 -21.73 17.46
C ILE A 57 24.72 -22.85 18.31
N ILE A 58 24.46 -22.79 19.61
CA ILE A 58 24.95 -23.78 20.56
C ILE A 58 23.77 -24.31 21.37
N GLN A 59 23.62 -25.63 21.39
CA GLN A 59 22.60 -26.29 22.20
C GLN A 59 23.24 -27.41 23.00
N TYR A 60 22.85 -27.52 24.27
CA TYR A 60 23.42 -28.49 25.18
C TYR A 60 22.35 -29.40 25.73
N HIS A 61 22.73 -30.61 26.11
CA HIS A 61 21.82 -31.51 26.79
C HIS A 61 21.50 -30.97 28.18
N ASP A 62 20.33 -31.34 28.69
CA ASP A 62 19.87 -30.82 29.98
C ASP A 62 20.76 -31.26 31.13
N SER A 63 21.60 -32.28 30.94
CA SER A 63 22.49 -32.77 31.97
C SER A 63 23.88 -32.13 31.93
N VAL A 64 24.12 -31.21 31.01
CA VAL A 64 25.43 -30.57 30.91
C VAL A 64 25.26 -29.05 30.96
N LYS A 65 24.18 -28.59 31.58
CA LYS A 65 23.97 -27.16 31.76
C LYS A 65 25.05 -26.55 32.65
N GLY A 66 25.83 -25.63 32.09
CA GLY A 66 26.83 -24.93 32.86
C GLY A 66 28.07 -25.73 33.19
N ARG A 67 28.22 -26.93 32.63
CA ARG A 67 29.36 -27.79 32.91
C ARG A 67 30.16 -28.18 31.68
N PHE A 68 29.58 -28.14 30.50
CA PHE A 68 30.26 -28.52 29.27
C PHE A 68 30.36 -27.33 28.34
N THR A 69 31.43 -27.31 27.54
CA THR A 69 31.68 -26.23 26.59
C THR A 69 32.08 -26.84 25.26
N ILE A 70 31.47 -26.36 24.17
CA ILE A 70 31.76 -26.83 22.83
C ILE A 70 32.26 -25.66 22.00
N SER A 71 33.22 -25.93 21.12
CA SER A 71 33.74 -24.91 20.23
C SER A 71 34.38 -25.59 19.03
N ARG A 72 34.49 -24.85 17.93
CA ARG A 72 35.09 -25.36 16.71
C ARG A 72 35.98 -24.28 16.11
N ASP A 73 37.00 -24.72 15.37
CA ASP A 73 37.87 -23.83 14.62
C ASP A 73 37.90 -24.34 13.18
N ASN A 74 37.15 -23.68 12.31
CA ASN A 74 36.99 -24.15 10.94
C ASN A 74 38.30 -24.11 10.16
N SER A 75 39.29 -23.33 10.63
CA SER A 75 40.55 -23.22 9.92
C SER A 75 41.32 -24.54 9.93
N LYS A 76 41.44 -25.16 11.10
CA LYS A 76 42.19 -26.40 11.25
C LYS A 76 41.29 -27.62 11.28
N ASN A 77 39.98 -27.46 11.10
CA ASN A 77 39.02 -28.57 11.08
C ASN A 77 39.11 -29.41 12.35
N VAL A 78 39.13 -28.73 13.49
CA VAL A 78 39.21 -29.38 14.80
C VAL A 78 38.01 -28.94 15.64
N LEU A 79 37.32 -29.91 16.22
CA LEU A 79 36.16 -29.66 17.08
C LEU A 79 36.56 -29.87 18.53
N LEU A 80 36.25 -28.89 19.37
CA LEU A 80 36.68 -28.88 20.76
C LEU A 80 35.46 -29.09 21.67
N LEU A 81 35.59 -30.04 22.61
CA LEU A 81 34.58 -30.25 23.64
C LEU A 81 35.28 -30.16 24.99
N GLN A 82 34.93 -29.14 25.77
CA GLN A 82 35.51 -28.91 27.08
C GLN A 82 34.44 -29.11 28.14
N MET A 83 34.65 -30.07 29.03
CA MET A 83 33.72 -30.33 30.13
C MET A 83 34.40 -30.04 31.45
N ASN A 84 33.63 -29.46 32.38
CA ASN A 84 34.13 -29.09 33.70
C ASN A 84 33.35 -29.85 34.77
N SER A 85 34.05 -30.20 35.85
CA SER A 85 33.46 -30.90 36.98
C SER A 85 32.77 -32.20 36.55
N LEU A 86 33.49 -33.00 35.76
CA LEU A 86 32.96 -34.28 35.30
C LEU A 86 32.72 -35.20 36.49
N ARG A 87 31.53 -35.81 36.52
CA ARG A 87 31.15 -36.72 37.58
C ARG A 87 31.31 -38.17 37.12
N VAL A 88 31.00 -39.11 38.01
CA VAL A 88 31.16 -40.53 37.72
C VAL A 88 30.22 -40.98 36.61
N ASP A 89 29.02 -40.40 36.54
CA ASP A 89 28.06 -40.80 35.52
C ASP A 89 28.49 -40.43 34.12
N ASP A 90 29.52 -39.60 33.97
CA ASP A 90 29.99 -39.18 32.65
C ASP A 90 30.85 -40.21 31.95
N THR A 91 31.16 -41.33 32.60
CA THR A 91 31.88 -42.43 31.94
C THR A 91 31.09 -42.89 30.72
N ALA A 92 31.63 -42.67 29.53
CA ALA A 92 30.89 -43.00 28.31
C ALA A 92 31.85 -43.00 27.13
N MET A 93 31.40 -43.62 26.04
CA MET A 93 32.12 -43.61 24.77
C MET A 93 31.70 -42.37 23.99
N TYR A 94 32.57 -41.36 23.96
CA TYR A 94 32.23 -40.07 23.35
C TYR A 94 32.58 -40.11 21.87
N TYR A 95 31.56 -40.00 21.01
CA TYR A 95 31.75 -39.91 19.57
C TYR A 95 31.49 -38.49 19.11
N CYS A 96 32.29 -38.03 18.15
CA CYS A 96 32.08 -36.72 17.53
C CYS A 96 31.16 -36.88 16.32
N ALA A 97 29.88 -37.10 16.62
CA ALA A 97 28.90 -37.34 15.57
C ALA A 97 28.69 -36.09 14.72
N ARG A 98 28.55 -36.31 13.42
CA ARG A 98 28.35 -35.22 12.46
C ARG A 98 26.88 -35.14 12.07
N ASP A 99 26.31 -33.94 12.15
CA ASP A 99 24.93 -33.75 11.74
C ASP A 99 24.79 -33.98 10.24
N VAL A 100 23.70 -34.67 9.86
CA VAL A 100 23.47 -34.96 8.46
C VAL A 100 23.27 -33.66 7.68
N TRP A 101 23.71 -33.66 6.43
CA TRP A 101 23.60 -32.49 5.57
C TRP A 101 22.36 -32.63 4.69
N LEU A 102 21.43 -31.71 4.84
CA LEU A 102 20.20 -31.68 4.05
C LEU A 102 20.00 -30.38 3.29
N LEU A 103 20.33 -29.26 3.91
CA LEU A 103 20.22 -27.93 3.31
C LEU A 103 21.53 -27.19 3.53
N PRO A 104 21.80 -26.14 2.72
CA PRO A 104 23.08 -25.43 2.84
C PRO A 104 23.49 -25.05 4.25
N ALA A 105 22.65 -24.32 4.98
CA ALA A 105 22.95 -23.90 6.34
C ALA A 105 21.77 -24.23 7.25
N THR A 106 21.73 -25.48 7.71
CA THR A 106 20.72 -25.94 8.66
C THR A 106 21.33 -27.03 9.52
N ILE A 107 20.96 -27.03 10.79
CA ILE A 107 21.35 -28.09 11.72
C ILE A 107 20.17 -29.05 11.84
N SER A 108 20.37 -30.29 11.39
CA SER A 108 19.28 -31.25 11.23
C SER A 108 19.07 -32.15 12.44
N TYR A 109 19.99 -32.14 13.41
CA TYR A 109 19.88 -32.94 14.62
C TYR A 109 19.79 -34.44 14.31
N ALA A 110 20.38 -34.86 13.20
CA ALA A 110 20.47 -36.27 12.85
C ALA A 110 21.90 -36.56 12.41
N PHE A 111 22.43 -37.70 12.85
CA PHE A 111 23.85 -38.00 12.74
C PHE A 111 24.06 -38.96 11.58
N ASP A 112 24.72 -38.49 10.53
CA ASP A 112 24.94 -39.32 9.35
C ASP A 112 26.21 -40.17 9.44
N PHE A 113 27.27 -39.65 10.06
CA PHE A 113 28.51 -40.39 10.22
C PHE A 113 29.07 -40.12 11.60
N TRP A 114 29.47 -41.18 12.30
CA TRP A 114 29.91 -41.10 13.68
C TRP A 114 31.42 -41.33 13.79
N GLY A 115 31.97 -40.93 14.93
CA GLY A 115 33.36 -41.24 15.23
C GLY A 115 33.53 -42.65 15.77
N GLN A 116 34.79 -43.10 15.78
CA GLN A 116 35.08 -44.44 16.27
C GLN A 116 34.79 -44.58 17.75
N GLY A 117 35.15 -43.57 18.54
CA GLY A 117 34.99 -43.60 19.98
C GLY A 117 36.26 -43.20 20.69
N THR A 118 36.09 -42.88 21.97
CA THR A 118 37.22 -42.52 22.81
C THR A 118 36.88 -42.84 24.26
N MET A 119 37.90 -43.25 25.01
CA MET A 119 37.73 -43.70 26.39
C MET A 119 37.73 -42.47 27.29
N VAL A 120 36.58 -42.18 27.91
CA VAL A 120 36.46 -41.08 28.86
C VAL A 120 35.79 -41.66 30.10
N THR A 121 36.56 -41.80 31.18
CA THR A 121 36.06 -42.37 32.42
C THR A 121 36.41 -41.47 33.58
N VAL A 122 35.55 -41.49 34.60
CA VAL A 122 35.72 -40.70 35.82
C VAL A 122 35.62 -41.69 36.98
N SER A 123 36.76 -42.11 37.50
CA SER A 123 36.82 -43.07 38.60
C SER A 123 37.60 -42.49 39.76
N SER A 124 37.31 -43.00 40.96
CA SER A 124 38.01 -42.56 42.17
C SER A 124 38.52 -43.75 42.97
N VAL B 1 10.87 -33.57 28.66
CA VAL B 1 11.82 -34.39 27.91
C VAL B 1 11.08 -35.50 27.17
N ILE B 2 11.39 -35.65 25.89
CA ILE B 2 10.77 -36.69 25.08
C ILE B 2 11.41 -38.04 25.40
N TRP B 3 10.59 -39.01 25.75
CA TRP B 3 11.06 -40.33 26.18
C TRP B 3 10.84 -41.32 25.05
N MET B 4 11.91 -42.02 24.67
CA MET B 4 11.85 -43.05 23.64
C MET B 4 11.66 -44.42 24.27
N THR B 5 10.78 -45.23 23.68
CA THR B 5 10.51 -46.60 24.11
C THR B 5 10.60 -47.49 22.88
N GLN B 6 11.81 -47.96 22.58
CA GLN B 6 12.05 -48.81 21.41
C GLN B 6 11.83 -50.26 21.81
N SER B 7 10.58 -50.70 21.73
CA SER B 7 10.21 -52.06 22.08
C SER B 7 10.04 -52.91 20.83
N PRO B 8 10.32 -54.22 20.91
CA PRO B 8 10.84 -54.94 22.07
C PRO B 8 12.35 -54.82 22.23
N PRO B 9 12.86 -55.04 23.45
CA PRO B 9 14.30 -54.92 23.68
C PRO B 9 15.15 -55.86 22.86
N SER B 10 14.62 -57.02 22.47
CA SER B 10 15.41 -57.96 21.68
C SER B 10 14.48 -58.87 20.90
N LEU B 11 14.97 -59.33 19.74
CA LEU B 11 14.27 -60.27 18.89
C LEU B 11 15.29 -61.24 18.29
N SER B 12 14.79 -62.16 17.46
CA SER B 12 15.63 -63.14 16.80
C SER B 12 14.99 -63.53 15.48
N ALA B 13 15.77 -63.46 14.40
CA ALA B 13 15.28 -63.82 13.08
C ALA B 13 16.45 -64.30 12.24
N SER B 14 16.15 -65.24 11.34
CA SER B 14 17.16 -65.82 10.45
C SER B 14 17.21 -65.04 9.14
N ILE B 15 18.10 -65.48 8.24
CA ILE B 15 18.25 -64.82 6.96
C ILE B 15 16.98 -64.99 6.14
N GLY B 16 16.53 -63.90 5.52
CA GLY B 16 15.33 -63.91 4.72
C GLY B 16 14.05 -63.70 5.48
N ASP B 17 14.09 -63.63 6.81
CA ASP B 17 12.90 -63.42 7.60
C ASP B 17 12.53 -61.94 7.62
N THR B 18 11.32 -61.67 8.10
CA THR B 18 10.84 -60.30 8.29
C THR B 18 10.81 -59.99 9.78
N VAL B 19 11.08 -58.74 10.13
CA VAL B 19 11.14 -58.34 11.53
C VAL B 19 10.66 -56.89 11.63
N THR B 20 9.96 -56.60 12.73
CA THR B 20 9.45 -55.25 12.98
C THR B 20 9.84 -54.83 14.39
N ILE B 21 10.19 -53.55 14.53
CA ILE B 21 10.56 -52.96 15.81
C ILE B 21 9.79 -51.66 15.97
N THR B 22 9.33 -51.39 17.18
CA THR B 22 8.40 -50.31 17.46
C THR B 22 9.02 -49.30 18.42
N CYS B 23 8.87 -48.02 18.08
CA CYS B 23 9.32 -46.92 18.93
C CYS B 23 8.12 -46.07 19.31
N ARG B 24 7.98 -45.77 20.60
CA ARG B 24 6.92 -44.92 21.11
C ARG B 24 7.51 -43.64 21.66
N ALA B 25 6.65 -42.62 21.76
CA ALA B 25 7.05 -41.31 22.24
C ALA B 25 6.11 -40.84 23.33
N SER B 26 6.64 -40.05 24.26
CA SER B 26 5.80 -39.47 25.31
C SER B 26 4.76 -38.51 24.74
N GLN B 27 5.06 -37.90 23.60
CA GLN B 27 4.11 -37.03 22.92
C GLN B 27 4.41 -37.06 21.43
N GLY B 28 3.43 -36.64 20.64
CA GLY B 28 3.58 -36.63 19.20
C GLY B 28 4.75 -35.79 18.73
N ILE B 29 5.59 -36.38 17.88
CA ILE B 29 6.80 -35.71 17.39
C ILE B 29 6.71 -35.37 15.91
N SER B 30 5.63 -35.77 15.23
CA SER B 30 5.34 -35.36 13.86
C SER B 30 6.48 -35.75 12.92
N ASN B 31 6.69 -37.06 12.79
CA ASN B 31 7.63 -37.65 11.84
C ASN B 31 9.07 -37.21 12.08
N SER B 32 9.36 -36.67 13.25
CA SER B 32 10.73 -36.23 13.58
C SER B 32 11.45 -37.30 14.40
N ILE B 33 11.68 -38.45 13.77
CA ILE B 33 12.39 -39.54 14.41
C ILE B 33 13.45 -40.04 13.43
N ALA B 34 14.52 -40.60 13.99
CA ALA B 34 15.62 -41.15 13.20
C ALA B 34 15.95 -42.55 13.70
N TRP B 35 16.31 -43.43 12.77
CA TRP B 35 16.60 -44.82 13.07
C TRP B 35 18.09 -45.09 12.84
N TYR B 36 18.74 -45.67 13.84
CA TYR B 36 20.18 -45.91 13.82
C TYR B 36 20.47 -47.38 14.07
N GLN B 37 21.46 -47.90 13.37
CA GLN B 37 21.91 -49.28 13.55
C GLN B 37 23.43 -49.30 13.72
N ARG B 38 23.90 -50.28 14.48
CA ARG B 38 25.34 -50.47 14.70
C ARG B 38 25.69 -51.93 14.42
N ARG B 39 26.43 -52.16 13.35
CA ARG B 39 27.03 -53.48 13.16
C ARG B 39 28.01 -53.76 14.28
N PRO B 40 28.14 -55.02 14.70
CA PRO B 40 29.04 -55.34 15.82
C PRO B 40 30.45 -54.85 15.57
N GLY B 41 30.96 -54.05 16.51
CA GLY B 41 32.28 -53.47 16.38
C GLY B 41 32.38 -52.29 15.44
N LYS B 42 31.26 -51.78 14.94
CA LYS B 42 31.26 -50.69 13.97
C LYS B 42 30.59 -49.46 14.55
N ALA B 43 30.91 -48.31 13.95
CA ALA B 43 30.32 -47.04 14.34
C ALA B 43 28.88 -46.95 13.83
N PRO B 44 28.03 -46.17 14.51
CA PRO B 44 26.65 -46.02 14.05
C PRO B 44 26.59 -45.38 12.66
N GLU B 45 25.57 -45.76 11.91
CA GLU B 45 25.30 -45.15 10.61
C GLU B 45 23.82 -44.81 10.51
N LEU B 46 23.54 -43.67 9.88
CA LEU B 46 22.16 -43.24 9.71
C LEU B 46 21.43 -44.14 8.73
N LEU B 47 20.20 -44.50 9.07
CA LEU B 47 19.36 -45.32 8.21
C LEU B 47 18.10 -44.60 7.76
N VAL B 48 17.32 -44.07 8.70
CA VAL B 48 16.05 -43.41 8.40
C VAL B 48 16.01 -42.08 9.13
N TYR B 49 15.61 -41.03 8.42
CA TYR B 49 15.27 -39.76 9.03
C TYR B 49 13.97 -39.28 8.40
N ALA B 50 13.27 -38.40 9.11
CA ALA B 50 11.91 -37.99 8.79
C ALA B 50 10.93 -39.16 8.80
N ALA B 51 11.37 -40.31 9.31
CA ALA B 51 10.57 -41.50 9.59
C ALA B 51 10.16 -42.27 8.34
N TYR B 52 10.36 -41.70 7.14
CA TYR B 52 10.13 -42.48 5.92
C TYR B 52 11.10 -42.13 4.80
N ARG B 53 12.32 -41.70 5.13
CA ARG B 53 13.30 -41.34 4.11
C ARG B 53 14.54 -42.20 4.28
N LEU B 54 15.04 -42.73 3.16
CA LEU B 54 16.22 -43.57 3.12
C LEU B 54 17.31 -42.88 2.34
N GLN B 55 18.53 -42.87 2.89
CA GLN B 55 19.66 -42.21 2.26
C GLN B 55 20.25 -43.10 1.17
N SER B 56 21.32 -42.62 0.54
CA SER B 56 21.99 -43.40 -0.49
C SER B 56 22.70 -44.59 0.13
N GLY B 57 22.58 -45.75 -0.52
CA GLY B 57 23.23 -46.96 -0.08
C GLY B 57 22.40 -47.83 0.85
N VAL B 58 21.33 -47.30 1.41
CA VAL B 58 20.49 -48.11 2.31
C VAL B 58 19.69 -49.10 1.48
N PRO B 59 19.65 -50.38 1.87
CA PRO B 59 18.84 -51.35 1.11
C PRO B 59 17.37 -50.98 1.10
N SER B 60 16.72 -51.24 -0.04
CA SER B 60 15.32 -50.87 -0.21
C SER B 60 14.39 -51.70 0.66
N ARG B 61 14.85 -52.83 1.18
CA ARG B 61 14.00 -53.64 2.04
C ARG B 61 13.67 -52.92 3.34
N LEU B 62 14.62 -52.17 3.88
CA LEU B 62 14.37 -51.38 5.07
C LEU B 62 13.37 -50.28 4.77
N SER B 63 12.49 -49.98 5.73
CA SER B 63 11.48 -48.95 5.54
C SER B 63 10.86 -48.52 6.86
N GLY B 64 10.78 -47.21 7.08
CA GLY B 64 10.12 -46.67 8.25
C GLY B 64 8.68 -46.26 7.95
N SER B 65 7.88 -46.16 9.00
CA SER B 65 6.48 -45.81 8.86
C SER B 65 5.99 -45.22 10.18
N GLY B 66 4.68 -45.08 10.31
CA GLY B 66 4.08 -44.53 11.50
C GLY B 66 3.97 -43.02 11.48
N SER B 67 3.24 -42.49 12.46
CA SER B 67 3.01 -41.05 12.57
C SER B 67 2.63 -40.74 14.01
N GLY B 68 2.69 -39.46 14.34
CA GLY B 68 2.34 -39.02 15.68
C GLY B 68 3.36 -39.43 16.72
N ALA B 69 2.97 -40.37 17.59
CA ALA B 69 3.87 -40.91 18.60
C ALA B 69 4.20 -42.37 18.36
N GLU B 70 3.82 -42.92 17.21
CA GLU B 70 4.06 -44.31 16.86
C GLU B 70 4.90 -44.37 15.59
N TYR B 71 6.03 -45.08 15.66
CA TYR B 71 6.91 -45.21 14.50
C TYR B 71 7.56 -46.59 14.55
N THR B 72 7.44 -47.33 13.45
CA THR B 72 7.91 -48.71 13.38
C THR B 72 8.88 -48.86 12.22
N LEU B 73 10.02 -49.48 12.47
CA LEU B 73 10.99 -49.82 11.44
C LEU B 73 10.80 -51.28 11.07
N THR B 74 10.49 -51.53 9.80
CA THR B 74 10.20 -52.88 9.32
C THR B 74 11.28 -53.31 8.34
N ILE B 75 11.88 -54.47 8.61
CA ILE B 75 12.90 -55.07 7.74
C ILE B 75 12.32 -56.36 7.17
N LYS B 76 12.23 -56.43 5.84
CA LYS B 76 11.69 -57.60 5.15
C LYS B 76 12.82 -58.33 4.43
N ASN B 77 12.84 -59.65 4.57
CA ASN B 77 13.88 -60.50 3.98
C ASN B 77 15.27 -60.06 4.44
N MET B 78 15.47 -60.13 5.75
CA MET B 78 16.73 -59.69 6.35
C MET B 78 17.90 -60.52 5.83
N GLN B 79 18.97 -59.84 5.44
CA GLN B 79 20.18 -60.51 4.98
C GLN B 79 21.16 -60.67 6.14
N PRO B 80 22.30 -61.31 5.92
CA PRO B 80 23.28 -61.45 7.02
C PRO B 80 23.78 -60.11 7.54
N GLU B 81 23.89 -59.10 6.68
CA GLU B 81 24.39 -57.79 7.07
C GLU B 81 23.31 -56.91 7.68
N ASP B 82 22.18 -57.48 8.10
CA ASP B 82 21.09 -56.71 8.69
C ASP B 82 20.82 -57.08 10.14
N PHE B 83 21.52 -58.06 10.69
CA PHE B 83 21.31 -58.48 12.08
C PHE B 83 22.26 -57.69 12.97
N ALA B 84 21.73 -56.67 13.64
CA ALA B 84 22.52 -55.81 14.51
C ALA B 84 21.57 -55.03 15.41
N THR B 85 22.14 -54.25 16.32
CA THR B 85 21.35 -53.41 17.20
C THR B 85 20.73 -52.26 16.40
N TYR B 86 19.54 -51.84 16.83
CA TYR B 86 18.84 -50.74 16.18
C TYR B 86 18.40 -49.72 17.23
N TYR B 87 18.57 -48.44 16.91
CA TYR B 87 18.25 -47.35 17.83
C TYR B 87 17.34 -46.35 17.14
N CYS B 88 16.27 -45.97 17.82
CA CYS B 88 15.36 -44.94 17.34
C CYS B 88 15.65 -43.64 18.09
N GLN B 89 15.92 -42.57 17.34
CA GLN B 89 16.27 -41.29 17.92
C GLN B 89 15.33 -40.21 17.38
N GLN B 90 14.78 -39.40 18.29
CA GLN B 90 13.90 -38.30 17.92
C GLN B 90 14.69 -37.00 17.85
N TYR B 91 14.20 -36.07 17.03
CA TYR B 91 14.78 -34.74 16.95
C TYR B 91 13.69 -33.66 16.82
N TYR B 92 12.51 -33.92 17.39
CA TYR B 92 11.43 -32.95 17.34
C TYR B 92 11.66 -31.79 18.30
N ASP B 93 12.15 -32.08 19.51
CA ASP B 93 12.35 -31.07 20.53
C ASP B 93 13.72 -31.31 21.17
N ASN B 94 13.99 -30.62 22.27
CA ASN B 94 15.26 -30.74 22.97
C ASN B 94 15.01 -31.05 24.44
N PRO B 95 15.92 -31.78 25.10
CA PRO B 95 17.15 -32.35 24.52
C PRO B 95 16.90 -33.60 23.69
N LEU B 96 17.80 -33.88 22.76
CA LEU B 96 17.68 -35.06 21.92
C LEU B 96 17.83 -36.32 22.76
N THR B 97 16.96 -37.30 22.51
CA THR B 97 16.97 -38.55 23.23
C THR B 97 16.99 -39.72 22.25
N PHE B 98 17.59 -40.83 22.69
CA PHE B 98 17.71 -42.03 21.89
C PHE B 98 16.79 -43.12 22.44
N GLY B 99 16.61 -44.16 21.62
CA GLY B 99 15.82 -45.29 22.05
C GLY B 99 16.60 -46.25 22.92
N GLY B 100 15.86 -47.13 23.59
CA GLY B 100 16.51 -48.12 24.44
C GLY B 100 17.38 -49.09 23.65
N GLY B 101 16.96 -49.44 22.46
CA GLY B 101 17.72 -50.34 21.62
C GLY B 101 17.08 -51.71 21.52
N THR B 102 17.18 -52.31 20.34
CA THR B 102 16.65 -53.64 20.10
C THR B 102 17.75 -54.52 19.51
N LYS B 103 17.71 -55.80 19.83
CA LYS B 103 18.71 -56.76 19.39
C LYS B 103 18.05 -57.83 18.53
N VAL B 104 18.73 -58.19 17.44
CA VAL B 104 18.27 -59.26 16.55
C VAL B 104 19.44 -60.22 16.36
N GLU B 105 19.49 -61.27 17.18
CA GLU B 105 20.52 -62.29 17.11
C GLU B 105 19.98 -63.53 16.41
N ILE B 106 20.77 -64.08 15.49
CA ILE B 106 20.34 -65.25 14.74
C ILE B 106 20.18 -66.44 15.68
N LYS B 107 19.08 -67.16 15.51
CA LYS B 107 18.79 -68.33 16.33
C LYS B 107 19.75 -69.48 16.03
N ALA C 1 15.76 14.14 -50.81
CA ALA C 1 16.13 14.95 -51.97
C ALA C 1 17.61 15.34 -51.92
N ASN C 2 18.48 14.35 -52.10
CA ASN C 2 19.91 14.57 -52.07
C ASN C 2 20.59 13.63 -53.06
N PHE C 3 21.81 13.98 -53.44
CA PHE C 3 22.62 13.18 -54.34
C PHE C 3 24.02 13.05 -53.80
N TYR C 4 24.70 11.96 -54.17
CA TYR C 4 26.06 11.70 -53.71
C TYR C 4 26.87 11.10 -54.83
N VAL C 5 28.18 11.36 -54.79
CA VAL C 5 29.13 10.79 -55.74
C VAL C 5 30.19 10.04 -54.93
N CYS C 6 30.38 8.77 -55.26
CA CYS C 6 31.34 7.93 -54.53
C CYS C 6 32.55 7.67 -55.41
N PRO C 7 33.70 8.28 -55.11
CA PRO C 7 34.92 7.98 -55.87
C PRO C 7 35.40 6.58 -55.58
N PRO C 8 36.16 5.97 -56.49
CA PRO C 8 36.70 4.63 -56.25
C PRO C 8 37.58 4.61 -55.00
N PRO C 9 37.20 3.84 -53.99
CA PRO C 9 37.95 3.85 -52.73
C PRO C 9 39.34 3.26 -52.90
N THR C 10 40.26 3.75 -52.07
CA THR C 10 41.64 3.26 -52.02
C THR C 10 41.87 2.53 -50.70
N GLY C 11 43.11 2.13 -50.48
CA GLY C 11 43.49 1.44 -49.26
C GLY C 11 43.85 2.34 -48.10
N ALA C 12 43.54 3.64 -48.19
CA ALA C 12 43.90 4.56 -47.12
C ALA C 12 43.12 4.26 -45.85
N THR C 13 41.81 4.10 -45.95
CA THR C 13 40.95 3.85 -44.81
C THR C 13 40.39 2.43 -44.89
N VAL C 14 40.55 1.68 -43.81
CA VAL C 14 40.09 0.30 -43.72
C VAL C 14 39.26 0.16 -42.45
N VAL C 15 38.08 -0.45 -42.58
CA VAL C 15 37.18 -0.67 -41.45
C VAL C 15 36.82 -2.14 -41.38
N GLN C 16 36.47 -2.60 -40.19
CA GLN C 16 36.10 -3.98 -39.96
C GLN C 16 34.82 -4.05 -39.14
N PHE C 17 34.01 -5.06 -39.40
CA PHE C 17 32.83 -5.31 -38.60
C PHE C 17 33.23 -5.79 -37.21
N GLU C 18 32.48 -5.35 -36.21
CA GLU C 18 32.77 -5.75 -34.83
C GLU C 18 32.61 -7.25 -34.67
N GLN C 19 33.53 -7.86 -33.93
CA GLN C 19 33.44 -9.29 -33.66
C GLN C 19 32.21 -9.58 -32.81
N PRO C 20 31.68 -10.80 -32.88
CA PRO C 20 30.48 -11.13 -32.09
C PRO C 20 30.68 -10.84 -30.61
N ARG C 21 29.87 -9.94 -30.07
CA ARG C 21 29.98 -9.56 -28.67
C ARG C 21 29.55 -10.72 -27.78
N ARG C 22 29.98 -10.64 -26.51
CA ARG C 22 29.68 -11.68 -25.53
C ARG C 22 28.29 -11.42 -24.97
N CYS C 23 27.36 -12.33 -25.27
CA CYS C 23 26.01 -12.18 -24.74
C CYS C 23 26.02 -12.33 -23.22
N PRO C 24 25.28 -11.49 -22.51
CA PRO C 24 25.23 -11.62 -21.05
C PRO C 24 24.59 -12.94 -20.65
N THR C 25 25.03 -13.46 -19.51
CA THR C 25 24.52 -14.73 -19.01
C THR C 25 23.33 -14.49 -18.08
N ARG C 26 22.50 -15.53 -17.96
CA ARG C 26 21.34 -15.45 -17.09
C ARG C 26 21.80 -15.35 -15.63
N PRO C 27 21.03 -14.66 -14.79
CA PRO C 27 21.38 -14.57 -13.37
C PRO C 27 21.29 -15.94 -12.71
N GLU C 28 22.03 -16.08 -11.60
CA GLU C 28 22.07 -17.33 -10.87
C GLU C 28 20.69 -17.76 -10.39
N GLY C 29 19.77 -16.83 -10.20
CA GLY C 29 18.44 -17.16 -9.73
C GLY C 29 18.38 -17.22 -8.22
N GLN C 30 17.36 -16.60 -7.63
CA GLN C 30 17.22 -16.57 -6.18
C GLN C 30 16.99 -17.98 -5.64
N ASN C 31 17.97 -18.50 -4.90
CA ASN C 31 17.85 -19.82 -4.30
C ASN C 31 16.81 -19.76 -3.19
N TYR C 32 15.63 -20.33 -3.45
CA TYR C 32 14.50 -20.26 -2.53
C TYR C 32 14.43 -21.53 -1.69
N THR C 33 14.17 -21.36 -0.40
CA THR C 33 14.01 -22.47 0.53
C THR C 33 12.57 -22.46 1.03
N GLU C 34 11.77 -23.41 0.53
CA GLU C 34 10.39 -23.52 0.96
C GLU C 34 10.31 -24.02 2.39
N GLY C 35 9.18 -23.77 3.03
CA GLY C 35 8.99 -24.23 4.39
C GLY C 35 7.82 -23.55 5.06
N ILE C 36 7.30 -24.23 6.09
CA ILE C 36 6.22 -23.67 6.89
C ILE C 36 6.72 -22.44 7.63
N ALA C 37 5.80 -21.54 7.96
CA ALA C 37 6.15 -20.36 8.74
C ALA C 37 4.93 -19.86 9.46
N VAL C 38 5.15 -19.24 10.62
CA VAL C 38 4.10 -18.67 11.46
C VAL C 38 4.60 -17.30 11.90
N VAL C 39 4.13 -16.25 11.24
CA VAL C 39 4.56 -14.91 11.61
C VAL C 39 3.88 -14.49 12.91
N PHE C 40 4.66 -13.91 13.81
CA PHE C 40 4.17 -13.47 15.11
C PHE C 40 4.20 -11.95 15.20
N LYS C 41 3.22 -11.40 15.89
CA LYS C 41 3.09 -9.97 16.08
C LYS C 41 3.00 -9.67 17.58
N GLU C 42 3.32 -8.43 17.93
CA GLU C 42 3.27 -8.01 19.32
C GLU C 42 1.85 -8.12 19.86
N ASN C 43 1.72 -8.74 21.04
CA ASN C 43 0.41 -9.00 21.63
C ASN C 43 -0.05 -7.75 22.35
N ILE C 44 -0.73 -6.87 21.62
CA ILE C 44 -1.32 -5.69 22.25
C ILE C 44 -2.60 -6.04 22.99
N ALA C 45 -3.22 -7.17 22.66
CA ALA C 45 -4.43 -7.57 23.35
C ALA C 45 -4.10 -7.92 24.81
N PRO C 46 -4.91 -7.47 25.76
CA PRO C 46 -4.62 -7.76 27.18
C PRO C 46 -4.82 -9.23 27.51
N TYR C 47 -4.53 -9.60 28.76
CA TYR C 47 -4.70 -10.97 29.23
C TYR C 47 -6.02 -11.03 29.99
N LYS C 48 -7.04 -11.57 29.33
CA LYS C 48 -8.37 -11.63 29.91
C LYS C 48 -8.56 -12.90 30.72
N PHE C 49 -9.20 -12.77 31.88
CA PHE C 49 -9.49 -13.91 32.72
C PHE C 49 -10.70 -13.58 33.58
N LYS C 50 -11.48 -14.61 33.90
CA LYS C 50 -12.71 -14.43 34.67
C LYS C 50 -12.38 -14.20 36.14
N ALA C 51 -12.98 -13.17 36.73
CA ALA C 51 -12.81 -12.86 38.14
C ALA C 51 -14.17 -12.59 38.76
N THR C 52 -14.31 -12.96 40.04
CA THR C 52 -15.56 -12.82 40.76
C THR C 52 -15.39 -11.80 41.87
N MET C 53 -16.28 -10.82 41.92
CA MET C 53 -16.23 -9.74 42.89
C MET C 53 -17.30 -9.98 43.94
N TYR C 54 -16.90 -10.03 45.21
CA TYR C 54 -17.81 -10.21 46.33
C TYR C 54 -17.78 -8.93 47.16
N TYR C 55 -18.79 -8.08 46.98
CA TYR C 55 -18.87 -6.83 47.72
C TYR C 55 -20.31 -6.60 48.14
N LYS C 56 -20.47 -5.79 49.18
CA LYS C 56 -21.78 -5.46 49.74
C LYS C 56 -22.01 -3.97 49.57
N ASP C 57 -23.03 -3.62 48.79
CA ASP C 57 -23.35 -2.22 48.51
C ASP C 57 -24.00 -1.61 49.74
N VAL C 58 -23.17 -1.21 50.69
CA VAL C 58 -23.65 -0.56 51.91
C VAL C 58 -24.15 0.82 51.53
N THR C 59 -25.46 1.02 51.60
CA THR C 59 -26.08 2.31 51.30
C THR C 59 -26.93 2.72 52.49
N VAL C 60 -26.67 3.90 53.03
CA VAL C 60 -27.44 4.46 54.13
C VAL C 60 -28.00 5.81 53.69
N SER C 61 -29.26 6.05 54.01
CA SER C 61 -29.95 7.27 53.59
C SER C 61 -30.60 7.94 54.78
N GLN C 62 -30.47 9.26 54.84
CA GLN C 62 -31.18 10.08 55.82
C GLN C 62 -32.36 10.73 55.12
N VAL C 63 -33.56 10.52 55.66
CA VAL C 63 -34.80 10.95 55.03
C VAL C 63 -35.54 11.88 55.97
N TRP C 64 -35.91 13.06 55.49
CA TRP C 64 -36.81 13.93 56.23
C TRP C 64 -38.24 13.41 56.08
N PHE C 65 -38.98 13.42 57.18
CA PHE C 65 -40.38 13.03 57.18
C PHE C 65 -41.20 14.25 57.58
N GLY C 66 -41.61 15.03 56.59
CA GLY C 66 -42.40 16.21 56.86
C GLY C 66 -43.79 15.88 57.35
N HIS C 67 -44.48 16.92 57.83
CA HIS C 67 -45.84 16.73 58.32
C HIS C 67 -46.76 16.22 57.23
N ARG C 68 -46.46 16.51 55.97
CA ARG C 68 -47.29 16.08 54.85
C ARG C 68 -46.64 15.03 53.98
N TYR C 69 -45.32 15.07 53.79
CA TYR C 69 -44.69 14.21 52.80
C TYR C 69 -43.20 14.11 53.11
N SER C 70 -42.57 13.06 52.58
CA SER C 70 -41.19 12.74 52.91
C SER C 70 -40.22 13.37 51.92
N GLN C 71 -38.93 13.33 52.29
CA GLN C 71 -37.90 13.97 51.49
C GLN C 71 -36.53 13.44 51.89
N PHE C 72 -35.66 13.24 50.90
CA PHE C 72 -34.30 12.78 51.14
C PHE C 72 -33.40 13.91 51.61
N MET C 73 -32.35 13.53 52.35
CA MET C 73 -31.27 14.44 52.73
C MET C 73 -29.90 13.78 52.62
N GLY C 74 -29.75 12.83 51.70
CA GLY C 74 -28.46 12.20 51.50
C GLY C 74 -28.53 10.69 51.44
N ILE C 75 -27.82 10.11 50.48
CA ILE C 75 -27.75 8.66 50.31
C ILE C 75 -26.27 8.32 50.19
N PHE C 76 -25.68 7.79 51.26
CA PHE C 76 -24.26 7.45 51.27
C PHE C 76 -24.10 6.06 50.66
N GLU C 77 -23.90 6.03 49.34
CA GLU C 77 -23.63 4.77 48.66
C GLU C 77 -22.18 4.37 48.87
N ASP C 78 -21.95 3.09 49.15
CA ASP C 78 -20.61 2.61 49.41
C ASP C 78 -20.53 1.13 49.07
N ARG C 79 -19.35 0.72 48.60
CA ARG C 79 -19.07 -0.68 48.31
C ARG C 79 -18.11 -1.21 49.35
N ALA C 80 -18.46 -2.33 49.97
CA ALA C 80 -17.68 -2.86 51.07
C ALA C 80 -17.19 -4.26 50.78
N PRO C 81 -15.94 -4.57 51.10
CA PRO C 81 -15.43 -5.93 50.90
C PRO C 81 -15.96 -6.88 51.97
N VAL C 82 -15.70 -8.17 51.76
CA VAL C 82 -16.15 -9.22 52.66
C VAL C 82 -14.96 -10.07 53.10
N PRO C 83 -14.99 -10.64 54.30
CA PRO C 83 -13.84 -11.42 54.77
C PRO C 83 -13.60 -12.66 53.92
N PHE C 84 -12.32 -13.05 53.88
CA PHE C 84 -11.94 -14.31 53.22
C PHE C 84 -12.72 -15.48 53.79
N GLU C 85 -12.85 -15.54 55.12
CA GLU C 85 -13.59 -16.62 55.74
C GLU C 85 -15.05 -16.59 55.33
N GLU C 86 -15.63 -15.40 55.23
CA GLU C 86 -17.02 -15.30 54.79
C GLU C 86 -17.18 -15.83 53.37
N VAL C 87 -16.28 -15.44 52.47
CA VAL C 87 -16.36 -15.92 51.09
C VAL C 87 -16.21 -17.44 51.04
N ILE C 88 -15.24 -17.97 51.77
CA ILE C 88 -14.95 -19.40 51.69
C ILE C 88 -16.11 -20.21 52.27
N ASP C 89 -16.61 -19.81 53.43
CA ASP C 89 -17.62 -20.63 54.12
C ASP C 89 -19.03 -20.33 53.59
N LYS C 90 -19.50 -19.10 53.76
CA LYS C 90 -20.92 -18.84 53.54
C LYS C 90 -21.23 -18.64 52.07
N ILE C 91 -20.32 -18.04 51.31
CA ILE C 91 -20.61 -17.71 49.91
C ILE C 91 -20.48 -18.94 49.03
N ASN C 92 -19.30 -19.57 49.03
CA ASN C 92 -19.05 -20.67 48.11
C ASN C 92 -19.77 -21.94 48.53
N ALA C 93 -19.73 -22.28 49.82
CA ALA C 93 -20.27 -23.56 50.26
C ALA C 93 -21.78 -23.52 50.43
N LYS C 94 -22.28 -22.68 51.34
CA LYS C 94 -23.70 -22.62 51.61
C LYS C 94 -24.47 -21.77 50.59
N GLY C 95 -23.78 -20.99 49.76
CA GLY C 95 -24.47 -20.16 48.79
C GLY C 95 -25.24 -19.01 49.40
N VAL C 96 -24.89 -18.59 50.62
CA VAL C 96 -25.59 -17.51 51.30
C VAL C 96 -24.60 -16.41 51.63
N CYS C 97 -25.09 -15.33 52.24
CA CYS C 97 -24.24 -14.23 52.66
C CYS C 97 -24.82 -13.60 53.90
N ARG C 98 -23.95 -13.00 54.71
CA ARG C 98 -24.40 -12.34 55.92
C ARG C 98 -25.11 -11.03 55.59
N SER C 99 -25.93 -10.58 56.53
CA SER C 99 -26.57 -9.27 56.44
C SER C 99 -25.73 -8.17 57.09
N THR C 100 -24.43 -8.41 57.25
CA THR C 100 -23.52 -7.43 57.81
C THR C 100 -22.25 -7.39 56.96
N ALA C 101 -21.49 -6.31 57.11
CA ALA C 101 -20.29 -6.10 56.29
C ALA C 101 -19.18 -5.59 57.21
N LYS C 102 -18.33 -6.49 57.67
CA LYS C 102 -17.15 -6.13 58.44
C LYS C 102 -16.07 -5.64 57.49
N TYR C 103 -15.84 -4.33 57.45
CA TYR C 103 -14.84 -3.77 56.56
C TYR C 103 -14.29 -2.50 57.16
N VAL C 104 -13.08 -2.14 56.73
CA VAL C 104 -12.38 -0.97 57.25
C VAL C 104 -12.33 0.07 56.13
N ARG C 105 -13.01 1.18 56.35
CA ARG C 105 -13.02 2.30 55.43
C ARG C 105 -12.74 3.58 56.20
N ASN C 106 -12.02 4.50 55.55
CA ASN C 106 -11.64 5.78 56.16
C ASN C 106 -10.87 5.55 57.46
N ASN C 107 -10.00 4.55 57.45
CA ASN C 107 -9.17 4.19 58.61
C ASN C 107 -10.02 3.96 59.86
N LEU C 108 -11.12 3.23 59.68
CA LEU C 108 -12.00 2.89 60.78
C LEU C 108 -12.76 1.64 60.41
N GLU C 109 -13.04 0.80 61.41
CA GLU C 109 -13.78 -0.43 61.20
C GLU C 109 -15.28 -0.18 61.39
N THR C 110 -16.06 -0.44 60.34
CA THR C 110 -17.48 -0.14 60.33
C THR C 110 -18.26 -1.34 59.81
N THR C 111 -19.46 -1.52 60.34
CA THR C 111 -20.39 -2.53 59.86
C THR C 111 -21.76 -1.91 59.65
N ALA C 112 -22.49 -2.45 58.68
CA ALA C 112 -23.87 -2.06 58.43
C ALA C 112 -24.72 -3.32 58.46
N PHE C 113 -25.81 -3.26 59.20
CA PHE C 113 -26.74 -4.38 59.30
C PHE C 113 -27.89 -4.13 58.33
N HIS C 114 -28.14 -5.07 57.43
CA HIS C 114 -29.17 -4.90 56.42
C HIS C 114 -30.52 -4.69 57.09
N ARG C 115 -31.26 -3.68 56.62
CA ARG C 115 -32.51 -3.24 57.21
C ARG C 115 -32.36 -2.83 58.67
N ASP C 116 -31.13 -2.60 59.14
CA ASP C 116 -30.84 -2.20 60.51
C ASP C 116 -31.40 -3.20 61.53
N ASP C 117 -31.41 -4.48 61.18
CA ASP C 117 -31.88 -5.55 62.05
C ASP C 117 -30.69 -6.38 62.53
N HIS C 118 -31.00 -7.42 63.30
CA HIS C 118 -29.95 -8.30 63.79
C HIS C 118 -29.36 -9.12 62.64
N GLU C 119 -28.14 -9.61 62.86
CA GLU C 119 -27.41 -10.32 61.83
C GLU C 119 -28.15 -11.58 61.39
N THR C 120 -28.25 -11.78 60.08
CA THR C 120 -28.84 -12.98 59.52
C THR C 120 -28.10 -13.35 58.24
N ASP C 121 -28.21 -14.62 57.85
CA ASP C 121 -27.54 -15.14 56.66
C ASP C 121 -28.55 -15.13 55.52
N MET C 122 -28.57 -14.04 54.76
CA MET C 122 -29.50 -13.91 53.65
C MET C 122 -29.13 -14.90 52.54
N GLU C 123 -30.16 -15.43 51.88
CA GLU C 123 -29.97 -16.38 50.79
C GLU C 123 -29.67 -15.63 49.51
N LEU C 124 -28.51 -15.90 48.92
CA LEU C 124 -28.12 -15.26 47.68
C LEU C 124 -28.96 -15.77 46.53
N LYS C 125 -29.46 -14.84 45.71
CA LYS C 125 -30.31 -15.18 44.58
C LYS C 125 -29.83 -14.45 43.33
N PRO C 126 -30.08 -15.01 42.15
CA PRO C 126 -29.62 -14.38 40.91
C PRO C 126 -30.32 -13.06 40.65
N ALA C 127 -29.61 -12.16 39.99
CA ALA C 127 -30.15 -10.87 39.61
C ALA C 127 -31.04 -11.02 38.38
N ASN C 128 -32.06 -10.16 38.29
CA ASN C 128 -32.95 -10.18 37.14
C ASN C 128 -32.19 -9.88 35.86
N ALA C 129 -32.49 -10.65 34.81
CA ALA C 129 -31.73 -10.55 33.58
C ALA C 129 -32.15 -9.33 32.78
N ALA C 130 -31.17 -8.48 32.46
CA ALA C 130 -31.37 -7.31 31.61
C ALA C 130 -30.64 -7.54 30.29
N THR C 131 -30.68 -6.54 29.43
CA THR C 131 -30.07 -6.66 28.10
C THR C 131 -28.54 -6.73 28.22
N ARG C 132 -27.96 -7.70 27.51
CA ARG C 132 -26.51 -7.87 27.45
C ARG C 132 -25.88 -7.92 28.83
N THR C 133 -26.50 -8.68 29.73
CA THR C 133 -26.04 -8.80 31.11
C THR C 133 -25.55 -10.21 31.37
N SER C 134 -24.39 -10.31 32.02
CA SER C 134 -23.83 -11.61 32.40
C SER C 134 -24.52 -12.10 33.67
N ARG C 135 -23.97 -13.15 34.28
CA ARG C 135 -24.57 -13.74 35.47
C ARG C 135 -24.10 -12.96 36.69
N GLY C 136 -25.03 -12.25 37.34
CA GLY C 136 -24.77 -11.58 38.58
C GLY C 136 -25.63 -12.16 39.70
N TRP C 137 -25.36 -11.70 40.92
CA TRP C 137 -26.08 -12.20 42.08
C TRP C 137 -26.17 -11.11 43.14
N HIS C 138 -27.25 -11.15 43.91
CA HIS C 138 -27.46 -10.18 44.98
C HIS C 138 -28.47 -10.75 45.95
N THR C 139 -28.21 -10.54 47.25
CA THR C 139 -29.11 -11.08 48.27
C THR C 139 -30.42 -10.31 48.33
N THR C 140 -30.37 -8.99 48.25
CA THR C 140 -31.55 -8.14 48.38
C THR C 140 -31.83 -7.44 47.05
N ASP C 141 -33.12 -7.32 46.72
CA ASP C 141 -33.55 -6.62 45.53
C ASP C 141 -34.03 -5.21 45.81
N LEU C 142 -34.80 -5.01 46.88
CA LEU C 142 -35.21 -3.68 47.30
C LEU C 142 -34.09 -3.04 48.12
N LYS C 143 -34.32 -1.80 48.54
CA LYS C 143 -33.38 -1.09 49.40
C LYS C 143 -34.14 -0.51 50.58
N TYR C 144 -33.68 -0.82 51.79
CA TYR C 144 -34.40 -0.44 53.00
C TYR C 144 -34.38 1.07 53.19
N ASN C 145 -35.52 1.63 53.57
CA ASN C 145 -35.67 3.03 53.90
C ASN C 145 -36.42 3.15 55.22
N PRO C 146 -36.13 4.17 56.01
CA PRO C 146 -36.74 4.28 57.34
C PRO C 146 -38.25 4.43 57.26
N SER C 147 -38.94 3.88 58.26
CA SER C 147 -40.38 4.04 58.36
C SER C 147 -40.73 5.48 58.67
N ARG C 148 -41.85 5.95 58.12
CA ARG C 148 -42.22 7.36 58.25
C ARG C 148 -42.70 7.65 59.67
N VAL C 149 -42.04 8.61 60.32
CA VAL C 149 -42.49 9.15 61.59
C VAL C 149 -42.37 10.68 61.53
N GLU C 150 -43.40 11.37 62.00
CA GLU C 150 -43.53 12.79 61.72
C GLU C 150 -42.41 13.61 62.35
N ALA C 151 -41.87 14.54 61.57
CA ALA C 151 -40.93 15.56 62.05
C ALA C 151 -39.68 14.93 62.69
N PHE C 152 -39.14 13.92 62.02
CA PHE C 152 -37.92 13.27 62.49
C PHE C 152 -36.98 13.01 61.33
N HIS C 153 -35.68 13.16 61.59
CA HIS C 153 -34.64 12.82 60.63
C HIS C 153 -34.21 11.38 60.91
N ARG C 154 -34.77 10.44 60.16
CA ARG C 154 -34.59 9.02 60.43
C ARG C 154 -33.51 8.46 59.52
N TYR C 155 -32.46 7.91 60.14
CA TYR C 155 -31.44 7.17 59.42
C TYR C 155 -31.95 5.80 59.01
N GLY C 156 -31.41 5.27 57.92
CA GLY C 156 -31.76 3.93 57.49
C GLY C 156 -30.70 3.33 56.58
N THR C 157 -30.24 2.13 56.91
CA THR C 157 -29.15 1.49 56.20
C THR C 157 -29.67 0.46 55.21
N THR C 158 -28.75 -0.16 54.48
CA THR C 158 -29.08 -1.20 53.52
C THR C 158 -27.81 -1.94 53.11
N VAL C 159 -27.84 -3.27 53.17
CA VAL C 159 -26.71 -4.10 52.76
C VAL C 159 -27.21 -5.08 51.70
N ASN C 160 -26.54 -5.09 50.55
CA ASN C 160 -26.88 -5.99 49.45
C ASN C 160 -25.59 -6.69 49.01
N CYS C 161 -25.32 -7.85 49.60
CA CYS C 161 -24.16 -8.63 49.19
C CYS C 161 -24.31 -9.04 47.72
N ILE C 162 -23.35 -8.61 46.90
CA ILE C 162 -23.43 -8.77 45.46
C ILE C 162 -22.24 -9.59 44.99
N VAL C 163 -22.53 -10.64 44.23
CA VAL C 163 -21.51 -11.50 43.63
C VAL C 163 -21.64 -11.36 42.12
N GLU C 164 -20.60 -10.88 41.46
CA GLU C 164 -20.64 -10.59 40.04
C GLU C 164 -19.49 -11.30 39.35
N GLU C 165 -19.79 -12.00 38.26
CA GLU C 165 -18.78 -12.71 37.47
C GLU C 165 -18.35 -11.79 36.33
N VAL C 166 -17.30 -11.02 36.58
CA VAL C 166 -16.78 -10.09 35.61
C VAL C 166 -15.55 -10.71 34.94
N ASP C 167 -15.10 -10.12 33.85
CA ASP C 167 -13.88 -10.51 33.17
C ASP C 167 -12.81 -9.45 33.38
N ALA C 168 -11.68 -9.85 33.94
CA ALA C 168 -10.59 -8.93 34.21
C ALA C 168 -9.63 -8.87 33.04
N ARG C 169 -8.86 -7.79 32.98
CA ARG C 169 -7.89 -7.59 31.91
C ARG C 169 -6.62 -6.98 32.48
N SER C 170 -5.48 -7.47 32.00
CA SER C 170 -4.18 -6.95 32.41
C SER C 170 -3.30 -6.78 31.18
N VAL C 171 -2.35 -5.85 31.26
CA VAL C 171 -1.46 -5.54 30.16
C VAL C 171 -0.03 -5.61 30.67
N TYR C 172 0.90 -5.81 29.74
CA TYR C 172 2.30 -5.96 30.08
C TYR C 172 2.79 -4.75 30.86
N PRO C 173 3.58 -4.93 31.93
CA PRO C 173 4.14 -6.21 32.39
C PRO C 173 3.25 -6.99 33.35
N TYR C 174 1.94 -6.84 33.21
CA TYR C 174 0.98 -7.58 34.03
C TYR C 174 1.20 -7.32 35.52
N ASP C 175 1.54 -6.06 35.84
CA ASP C 175 1.73 -5.66 37.22
C ASP C 175 0.39 -5.50 37.93
N GLU C 176 -0.65 -5.10 37.21
CA GLU C 176 -1.98 -4.95 37.78
C GLU C 176 -3.00 -5.24 36.69
N PHE C 177 -4.22 -5.56 37.11
CA PHE C 177 -5.28 -5.90 36.18
C PHE C 177 -6.53 -5.08 36.47
N VAL C 178 -7.22 -4.67 35.41
CA VAL C 178 -8.47 -3.95 35.52
C VAL C 178 -9.61 -4.94 35.52
N LEU C 179 -10.78 -4.48 35.95
CA LEU C 179 -11.97 -5.31 35.99
C LEU C 179 -13.06 -4.68 35.12
N ALA C 180 -14.08 -5.49 34.81
CA ALA C 180 -15.16 -5.02 33.94
C ALA C 180 -15.95 -3.88 34.55
N THR C 181 -15.90 -3.70 35.86
CA THR C 181 -16.60 -2.62 36.53
C THR C 181 -15.82 -1.30 36.51
N GLY C 182 -14.65 -1.28 35.89
CA GLY C 182 -13.89 -0.06 35.76
C GLY C 182 -13.06 0.31 36.96
N ASP C 183 -12.86 -0.60 37.90
CA ASP C 183 -12.07 -0.33 39.10
C ASP C 183 -10.80 -1.17 39.09
N PHE C 184 -9.66 -0.51 39.27
CA PHE C 184 -8.37 -1.17 39.21
C PHE C 184 -8.15 -2.07 40.42
N VAL C 185 -7.29 -3.06 40.23
CA VAL C 185 -6.72 -3.85 41.33
C VAL C 185 -5.21 -3.81 41.15
N TYR C 186 -4.51 -3.28 42.15
CA TYR C 186 -3.06 -3.04 42.04
C TYR C 186 -2.33 -4.27 42.56
N MET C 187 -2.36 -5.32 41.73
CA MET C 187 -1.77 -6.61 42.08
C MET C 187 -1.60 -7.46 40.84
N SER C 188 -0.45 -8.11 40.69
CA SER C 188 -0.23 -8.96 39.54
C SER C 188 -1.22 -10.12 39.55
N PRO C 189 -1.85 -10.44 38.42
CA PRO C 189 -2.82 -11.55 38.41
C PRO C 189 -2.20 -12.89 38.78
N PHE C 190 -0.90 -13.06 38.58
CA PHE C 190 -0.22 -14.32 38.83
C PHE C 190 0.47 -14.37 40.18
N TYR C 191 0.30 -13.35 41.01
CA TYR C 191 0.91 -13.36 42.33
C TYR C 191 0.34 -14.49 43.17
N GLY C 192 1.22 -15.16 43.91
CA GLY C 192 0.81 -16.26 44.77
C GLY C 192 1.93 -16.75 45.66
N TYR C 193 1.96 -18.04 45.93
CA TYR C 193 3.00 -18.64 46.76
C TYR C 193 3.75 -19.77 46.07
N ARG C 194 3.05 -20.59 45.29
CA ARG C 194 3.68 -21.72 44.63
C ARG C 194 4.44 -21.26 43.39
N GLU C 195 5.39 -22.10 42.96
CA GLU C 195 6.18 -21.87 41.75
C GLU C 195 6.92 -20.54 41.78
N GLY C 196 7.30 -20.10 42.98
CA GLY C 196 7.99 -18.82 43.12
C GLY C 196 7.18 -17.64 42.65
N SER C 197 5.87 -17.65 42.91
CA SER C 197 5.01 -16.54 42.49
C SER C 197 5.13 -15.33 43.41
N HIS C 198 5.70 -15.50 44.60
CA HIS C 198 5.86 -14.37 45.52
C HIS C 198 6.75 -13.28 44.95
N THR C 199 7.60 -13.59 43.97
CA THR C 199 8.44 -12.59 43.34
C THR C 199 7.65 -11.60 42.51
N GLU C 200 6.39 -11.89 42.20
CA GLU C 200 5.56 -10.95 41.47
C GLU C 200 5.30 -9.71 42.32
N HIS C 201 5.04 -8.60 41.64
CA HIS C 201 4.84 -7.32 42.32
C HIS C 201 3.41 -7.18 42.79
N THR C 202 3.23 -6.81 44.06
CA THR C 202 1.94 -6.49 44.62
C THR C 202 2.06 -5.21 45.44
N THR C 203 0.94 -4.50 45.58
CA THR C 203 0.92 -3.25 46.34
C THR C 203 0.24 -3.41 47.69
N TYR C 204 -0.82 -4.21 47.76
CA TYR C 204 -1.48 -4.46 49.03
C TYR C 204 -0.62 -5.34 49.93
N ALA C 205 -0.72 -5.12 51.23
CA ALA C 205 0.02 -5.90 52.20
C ALA C 205 -0.45 -7.36 52.18
N ALA C 206 0.46 -8.25 52.60
CA ALA C 206 0.20 -9.68 52.51
C ALA C 206 -1.00 -10.12 53.36
N ASP C 207 -1.36 -9.35 54.38
CA ASP C 207 -2.50 -9.73 55.21
C ASP C 207 -3.82 -9.64 54.45
N ARG C 208 -3.91 -8.76 53.46
CA ARG C 208 -5.13 -8.58 52.69
C ARG C 208 -5.24 -9.56 51.53
N PHE C 209 -4.26 -10.44 51.34
CA PHE C 209 -4.28 -11.41 50.25
C PHE C 209 -4.09 -12.81 50.84
N LYS C 210 -4.94 -13.74 50.42
CA LYS C 210 -4.83 -15.12 50.84
C LYS C 210 -5.07 -16.02 49.64
N GLN C 211 -4.54 -17.24 49.72
CA GLN C 211 -4.61 -18.21 48.63
C GLN C 211 -5.11 -19.53 49.16
N VAL C 212 -6.01 -20.17 48.41
CA VAL C 212 -6.62 -21.44 48.78
C VAL C 212 -6.28 -22.47 47.72
N ASP C 213 -5.79 -23.62 48.14
CA ASP C 213 -5.50 -24.74 47.25
C ASP C 213 -6.61 -25.76 47.35
N GLY C 214 -7.01 -26.31 46.20
CA GLY C 214 -8.11 -27.26 46.17
C GLY C 214 -9.44 -26.62 46.47
N PHE C 215 -9.89 -25.75 45.56
CA PHE C 215 -11.12 -24.99 45.73
C PHE C 215 -12.11 -25.39 44.65
N TYR C 216 -13.34 -25.69 45.05
CA TYR C 216 -14.40 -26.06 44.13
C TYR C 216 -15.51 -24.99 44.18
N ALA C 217 -16.13 -24.77 43.04
CA ALA C 217 -17.12 -23.70 42.89
C ALA C 217 -18.45 -24.14 43.50
N ARG C 218 -19.51 -23.39 43.22
CA ARG C 218 -20.84 -23.67 43.75
C ARG C 218 -21.83 -23.87 42.61
N ASP C 219 -22.72 -24.84 42.78
CA ASP C 219 -23.79 -25.09 41.82
C ASP C 219 -24.81 -23.98 41.93
N LEU C 220 -24.42 -22.77 41.54
CA LEU C 220 -25.19 -21.57 41.82
C LEU C 220 -25.84 -20.99 40.56
N ALA C 228 -13.82 -30.88 39.79
CA ALA C 228 -12.36 -30.77 39.69
C ALA C 228 -11.86 -29.54 40.44
N PRO C 229 -11.68 -29.67 41.75
CA PRO C 229 -11.19 -28.53 42.54
C PRO C 229 -9.82 -28.06 42.06
N THR C 230 -9.64 -26.74 42.06
CA THR C 230 -8.37 -26.13 41.68
C THR C 230 -7.95 -25.11 42.72
N THR C 231 -6.82 -24.45 42.49
CA THR C 231 -6.37 -23.40 43.40
C THR C 231 -7.19 -22.14 43.22
N ARG C 232 -7.20 -21.30 44.26
CA ARG C 232 -7.93 -20.05 44.25
C ARG C 232 -7.05 -18.94 44.82
N ASN C 233 -7.12 -17.76 44.21
CA ASN C 233 -6.31 -16.61 44.60
C ASN C 233 -7.26 -15.45 44.86
N LEU C 234 -7.54 -15.19 46.14
CA LEU C 234 -8.49 -14.17 46.54
C LEU C 234 -7.76 -12.93 47.03
N LEU C 235 -8.51 -11.85 47.23
CA LEU C 235 -7.95 -10.56 47.63
C LEU C 235 -9.06 -9.73 48.24
N THR C 236 -8.68 -8.76 49.07
CA THR C 236 -9.63 -7.83 49.69
C THR C 236 -9.16 -6.41 49.43
N THR C 237 -9.63 -5.82 48.33
CA THR C 237 -9.42 -4.41 48.08
C THR C 237 -10.24 -3.59 49.07
N PRO C 238 -9.89 -2.32 49.30
CA PRO C 238 -10.65 -1.49 50.24
C PRO C 238 -12.11 -1.32 49.87
N LYS C 239 -12.52 -1.67 48.65
CA LYS C 239 -13.90 -1.54 48.21
C LYS C 239 -14.59 -2.87 47.97
N PHE C 240 -13.90 -3.87 47.45
CA PHE C 240 -14.50 -5.14 47.09
C PHE C 240 -13.52 -6.27 47.39
N THR C 241 -13.84 -7.47 46.92
CA THR C 241 -12.97 -8.65 47.07
C THR C 241 -12.95 -9.39 45.74
N VAL C 242 -11.94 -9.10 44.93
CA VAL C 242 -11.76 -9.81 43.68
C VAL C 242 -11.18 -11.19 43.96
N ALA C 243 -11.67 -12.20 43.24
CA ALA C 243 -11.18 -13.56 43.39
C ALA C 243 -11.01 -14.18 42.00
N TRP C 244 -9.87 -14.82 41.79
CA TRP C 244 -9.59 -15.48 40.52
C TRP C 244 -8.66 -16.66 40.78
N ASP C 245 -8.90 -17.76 40.08
CA ASP C 245 -8.08 -18.95 40.27
C ASP C 245 -6.66 -18.70 39.80
N TRP C 246 -5.69 -19.05 40.64
CA TRP C 246 -4.29 -18.81 40.32
C TRP C 246 -3.84 -19.67 39.15
N VAL C 247 -3.01 -19.08 38.28
CA VAL C 247 -2.43 -19.80 37.16
C VAL C 247 -0.96 -19.45 37.04
N PRO C 248 -0.16 -20.39 36.52
CA PRO C 248 1.26 -20.09 36.30
C PRO C 248 1.44 -19.05 35.21
N LYS C 249 2.22 -18.02 35.52
CA LYS C 249 2.33 -16.87 34.62
C LYS C 249 2.94 -17.25 33.28
N ARG C 250 4.05 -17.98 33.31
CA ARG C 250 4.79 -18.25 32.08
C ARG C 250 3.97 -18.97 31.03
N PRO C 251 3.26 -20.08 31.34
CA PRO C 251 2.39 -20.67 30.31
C PRO C 251 1.02 -20.02 30.22
N SER C 252 0.63 -19.24 31.22
CA SER C 252 -0.69 -18.62 31.19
C SER C 252 -0.75 -17.43 30.23
N VAL C 253 0.32 -16.63 30.17
CA VAL C 253 0.30 -15.42 29.37
C VAL C 253 1.52 -15.38 28.47
N CYS C 254 1.38 -14.66 27.35
CA CYS C 254 2.47 -14.46 26.40
C CYS C 254 2.38 -13.04 25.86
N THR C 255 3.50 -12.54 25.36
CA THR C 255 3.59 -11.19 24.83
C THR C 255 3.74 -11.17 23.31
N MET C 256 3.33 -12.25 22.65
CA MET C 256 3.34 -12.31 21.19
C MET C 256 2.15 -13.15 20.74
N THR C 257 1.40 -12.62 19.78
CA THR C 257 0.20 -13.29 19.26
C THR C 257 0.50 -13.83 17.87
N LYS C 258 0.13 -15.08 17.63
CA LYS C 258 0.22 -15.66 16.29
C LYS C 258 -0.66 -14.86 15.33
N TRP C 259 -0.08 -14.40 14.23
CA TRP C 259 -0.79 -13.56 13.28
C TRP C 259 -1.30 -14.37 12.07
N GLN C 260 -0.39 -15.02 11.35
CA GLN C 260 -0.76 -15.79 10.17
C GLN C 260 0.05 -17.08 10.15
N GLU C 261 -0.56 -18.11 9.56
CA GLU C 261 0.10 -19.40 9.36
C GLU C 261 0.26 -19.60 7.85
N VAL C 262 1.45 -19.34 7.35
CA VAL C 262 1.73 -19.46 5.92
C VAL C 262 2.09 -20.90 5.61
N ASP C 263 1.30 -21.54 4.74
CA ASP C 263 1.57 -22.92 4.38
C ASP C 263 2.89 -23.05 3.63
N GLU C 264 3.18 -22.11 2.73
CA GLU C 264 4.40 -22.14 1.92
C GLU C 264 5.00 -20.75 1.91
N MET C 265 6.04 -20.53 2.72
CA MET C 265 6.73 -19.25 2.81
C MET C 265 8.17 -19.47 2.36
N LEU C 266 8.50 -19.02 1.15
CA LEU C 266 9.84 -19.18 0.62
C LEU C 266 10.83 -18.32 1.39
N ARG C 267 12.01 -18.89 1.65
CA ARG C 267 13.11 -18.18 2.31
C ARG C 267 14.27 -18.07 1.33
N SER C 268 14.81 -16.87 1.20
CA SER C 268 15.94 -16.62 0.31
C SER C 268 16.90 -15.66 0.98
N GLU C 269 18.18 -15.77 0.61
CA GLU C 269 19.23 -14.92 1.13
C GLU C 269 19.77 -14.06 0.00
N TYR C 270 19.72 -12.74 0.17
CA TYR C 270 20.19 -11.80 -0.83
C TYR C 270 20.60 -10.50 -0.15
N GLY C 271 21.82 -10.05 -0.43
CA GLY C 271 22.30 -8.81 0.15
C GLY C 271 22.43 -8.85 1.66
N GLY C 272 22.88 -9.98 2.21
CA GLY C 272 23.06 -10.10 3.64
C GLY C 272 21.78 -10.01 4.44
N SER C 273 20.70 -10.63 3.97
CA SER C 273 19.44 -10.65 4.71
C SER C 273 18.59 -11.80 4.19
N PHE C 274 17.61 -12.19 5.00
CA PHE C 274 16.64 -13.21 4.63
C PHE C 274 15.35 -12.55 4.18
N ARG C 275 14.88 -12.92 3.00
CA ARG C 275 13.66 -12.36 2.42
C ARG C 275 12.58 -13.44 2.44
N PHE C 276 11.84 -13.49 3.54
CA PHE C 276 10.72 -14.42 3.68
C PHE C 276 9.56 -13.90 2.85
N SER C 277 9.33 -14.50 1.68
CA SER C 277 8.26 -14.09 0.79
C SER C 277 7.10 -15.07 0.89
N SER C 278 5.92 -14.55 1.19
CA SER C 278 4.71 -15.37 1.34
C SER C 278 3.75 -15.01 0.21
N ASP C 279 3.73 -15.83 -0.83
CA ASP C 279 2.82 -15.60 -1.95
C ASP C 279 1.36 -15.80 -1.55
N ALA C 280 1.09 -16.54 -0.47
CA ALA C 280 -0.29 -16.79 -0.07
C ALA C 280 -0.96 -15.51 0.42
N ILE C 281 -0.29 -14.76 1.29
CA ILE C 281 -0.84 -13.51 1.81
C ILE C 281 -0.22 -12.29 1.16
N SER C 282 0.67 -12.49 0.18
CA SER C 282 1.30 -11.40 -0.56
C SER C 282 2.03 -10.45 0.39
N THR C 283 3.05 -10.99 1.06
CA THR C 283 3.79 -10.24 2.08
C THR C 283 5.21 -10.76 2.15
N THR C 284 6.18 -9.85 2.02
CA THR C 284 7.60 -10.19 2.10
C THR C 284 8.22 -9.47 3.28
N PHE C 285 8.91 -10.22 4.14
CA PHE C 285 9.63 -9.68 5.27
C PHE C 285 11.13 -9.77 5.03
N THR C 286 11.88 -8.88 5.68
CA THR C 286 13.34 -8.89 5.64
C THR C 286 13.88 -9.06 7.04
N THR C 287 14.75 -10.05 7.22
CA THR C 287 15.28 -10.37 8.54
C THR C 287 16.78 -10.66 8.43
N ASN C 288 17.46 -10.51 9.56
CA ASN C 288 18.89 -10.79 9.64
C ASN C 288 19.15 -12.30 9.55
N LEU C 289 20.38 -12.65 9.18
CA LEU C 289 20.75 -14.07 9.09
C LEU C 289 20.76 -14.73 10.46
N THR C 290 21.15 -14.00 11.50
CA THR C 290 21.23 -14.59 12.83
C THR C 290 19.84 -14.97 13.32
N GLU C 291 19.69 -16.22 13.76
CA GLU C 291 18.42 -16.67 14.30
C GLU C 291 18.13 -15.97 15.63
N TYR C 292 16.94 -15.43 15.75
CA TYR C 292 16.57 -14.71 16.96
C TYR C 292 16.40 -15.68 18.12
N PRO C 293 17.11 -15.50 19.23
CA PRO C 293 16.96 -16.42 20.36
C PRO C 293 15.64 -16.19 21.08
N LEU C 294 15.01 -17.29 21.49
CA LEU C 294 13.75 -17.20 22.23
C LEU C 294 13.95 -16.63 23.64
N SER C 295 15.14 -16.79 24.21
CA SER C 295 15.40 -16.25 25.54
C SER C 295 15.31 -14.73 25.54
N ARG C 296 15.61 -14.09 24.41
CA ARG C 296 15.54 -12.63 24.34
C ARG C 296 14.11 -12.10 24.44
N VAL C 297 13.11 -12.95 24.20
CA VAL C 297 11.72 -12.54 24.25
C VAL C 297 11.19 -12.76 25.65
N ASP C 298 10.56 -11.74 26.22
CA ASP C 298 9.97 -11.85 27.54
C ASP C 298 8.65 -12.61 27.47
N LEU C 299 8.52 -13.65 28.30
CA LEU C 299 7.30 -14.45 28.38
C LEU C 299 6.91 -15.02 27.02
N GLY C 300 7.91 -15.48 26.28
CA GLY C 300 7.67 -15.98 24.93
C GLY C 300 7.70 -17.49 24.80
N ASP C 301 7.47 -18.20 25.92
CA ASP C 301 7.46 -19.65 25.86
C ASP C 301 6.27 -20.18 25.06
N CYS C 302 5.13 -19.51 25.13
CA CYS C 302 3.96 -19.92 24.37
C CYS C 302 4.18 -19.79 22.86
N ILE C 303 5.15 -18.97 22.45
CA ILE C 303 5.45 -18.83 21.02
C ILE C 303 5.86 -20.17 20.43
N GLY C 304 6.74 -20.88 21.12
CA GLY C 304 7.18 -22.18 20.63
C GLY C 304 6.04 -23.18 20.54
N LYS C 305 5.19 -23.21 21.56
CA LYS C 305 4.06 -24.15 21.54
C LYS C 305 3.12 -23.84 20.39
N ASP C 306 2.74 -22.57 20.23
CA ASP C 306 1.82 -22.21 19.16
C ASP C 306 2.43 -22.50 17.79
N ALA C 307 3.70 -22.14 17.60
CA ALA C 307 4.34 -22.39 16.32
C ALA C 307 4.43 -23.87 16.02
N ARG C 308 4.83 -24.68 17.01
CA ARG C 308 4.95 -26.11 16.77
C ARG C 308 3.60 -26.72 16.43
N ASP C 309 2.54 -26.33 17.14
CA ASP C 309 1.21 -26.85 16.84
C ASP C 309 0.80 -26.48 15.42
N ALA C 310 1.00 -25.22 15.04
CA ALA C 310 0.59 -24.78 13.72
C ALA C 310 1.34 -25.52 12.62
N MET C 311 2.66 -25.62 12.76
CA MET C 311 3.45 -26.29 11.73
C MET C 311 3.14 -27.78 11.65
N ASP C 312 2.92 -28.43 12.80
CA ASP C 312 2.54 -29.84 12.77
C ASP C 312 1.22 -30.02 12.06
N ARG C 313 0.23 -29.17 12.36
CA ARG C 313 -1.06 -29.29 11.69
C ARG C 313 -0.93 -29.07 10.18
N ILE C 314 -0.18 -28.04 9.78
CA ILE C 314 -0.04 -27.73 8.36
C ILE C 314 0.71 -28.85 7.65
N PHE C 315 1.78 -29.36 8.26
CA PHE C 315 2.57 -30.42 7.64
C PHE C 315 1.73 -31.68 7.46
N ALA C 316 0.99 -32.08 8.51
CA ALA C 316 0.14 -33.26 8.40
C ALA C 316 -0.93 -33.06 7.33
N ARG C 317 -1.51 -31.86 7.28
CA ARG C 317 -2.58 -31.61 6.31
C ARG C 317 -2.06 -31.64 4.87
N ARG C 318 -0.87 -31.09 4.63
CA ARG C 318 -0.52 -30.83 3.24
C ARG C 318 0.80 -31.45 2.79
N TYR C 319 1.84 -31.41 3.63
CA TYR C 319 3.20 -31.64 3.15
C TYR C 319 3.74 -33.03 3.45
N ASN C 320 3.01 -33.86 4.21
CA ASN C 320 3.55 -35.15 4.61
C ASN C 320 3.78 -36.10 3.43
N ALA C 321 3.22 -35.80 2.25
CA ALA C 321 3.33 -36.70 1.12
C ALA C 321 4.41 -36.29 0.13
N THR C 322 4.92 -35.06 0.21
CA THR C 322 5.87 -34.60 -0.79
C THR C 322 7.14 -34.02 -0.15
N HIS C 323 7.01 -33.44 1.04
CA HIS C 323 8.11 -32.77 1.69
C HIS C 323 8.32 -33.33 3.08
N ILE C 324 9.51 -33.07 3.63
CA ILE C 324 9.86 -33.47 4.99
C ILE C 324 10.45 -32.27 5.71
N LYS C 325 10.32 -32.27 7.03
CA LYS C 325 10.90 -31.19 7.83
C LYS C 325 12.39 -31.44 8.04
N VAL C 326 13.10 -30.37 8.40
CA VAL C 326 14.54 -30.41 8.62
C VAL C 326 14.81 -29.74 9.96
N GLY C 327 14.96 -30.55 11.01
CA GLY C 327 15.38 -30.03 12.30
C GLY C 327 14.30 -29.24 13.01
N GLN C 328 14.70 -28.64 14.13
CA GLN C 328 13.81 -27.80 14.90
C GLN C 328 13.46 -26.53 14.14
N PRO C 329 12.31 -25.93 14.41
CA PRO C 329 11.96 -24.67 13.76
C PRO C 329 12.95 -23.57 14.07
N GLN C 330 13.18 -22.69 13.09
CA GLN C 330 14.09 -21.58 13.22
C GLN C 330 13.31 -20.28 13.35
N TYR C 331 13.76 -19.42 14.26
CA TYR C 331 13.08 -18.16 14.55
C TYR C 331 13.95 -16.99 14.11
N TYR C 332 13.38 -16.10 13.30
CA TYR C 332 14.07 -14.90 12.86
C TYR C 332 13.16 -13.70 13.09
N GLN C 333 13.75 -12.57 13.47
CA GLN C 333 13.02 -11.34 13.69
C GLN C 333 13.16 -10.45 12.47
N ALA C 334 12.03 -10.08 11.87
CA ALA C 334 12.01 -9.29 10.65
C ALA C 334 11.74 -7.82 10.97
N ASN C 335 11.91 -6.99 9.95
CA ASN C 335 11.70 -5.55 10.11
C ASN C 335 10.24 -5.27 10.41
N GLY C 336 10.01 -4.21 11.19
CA GLY C 336 8.68 -3.85 11.60
C GLY C 336 8.20 -4.50 12.89
N GLY C 337 8.97 -5.40 13.47
CA GLY C 337 8.61 -6.01 14.73
C GLY C 337 7.88 -7.33 14.57
N PHE C 338 8.32 -8.15 13.62
CA PHE C 338 7.71 -9.45 13.34
C PHE C 338 8.70 -10.56 13.62
N LEU C 339 8.22 -11.62 14.28
CA LEU C 339 9.01 -12.82 14.53
C LEU C 339 8.46 -13.93 13.65
N ILE C 340 9.30 -14.48 12.79
CA ILE C 340 8.89 -15.48 11.81
C ILE C 340 9.46 -16.82 12.27
N ALA C 341 8.65 -17.60 12.97
CA ALA C 341 8.99 -18.98 13.26
C ALA C 341 8.99 -19.76 11.96
N TYR C 342 10.14 -20.30 11.57
CA TYR C 342 10.32 -20.89 10.26
C TYR C 342 10.80 -22.33 10.41
N GLN C 343 10.17 -23.23 9.65
CA GLN C 343 10.59 -24.63 9.58
C GLN C 343 10.93 -24.96 8.14
N PRO C 344 12.21 -25.14 7.80
CA PRO C 344 12.56 -25.46 6.42
C PRO C 344 12.03 -26.83 6.03
N LEU C 345 11.75 -26.99 4.73
CA LEU C 345 11.21 -28.22 4.19
C LEU C 345 12.06 -28.69 3.03
N LEU C 346 12.17 -30.01 2.89
CA LEU C 346 12.92 -30.62 1.81
C LEU C 346 11.99 -31.51 1.00
N SER C 347 11.84 -31.21 -0.28
CA SER C 347 10.99 -32.02 -1.15
C SER C 347 11.59 -33.40 -1.36
N ASN C 348 10.71 -34.39 -1.52
CA ASN C 348 11.17 -35.75 -1.76
C ASN C 348 11.85 -35.92 -3.11
N THR C 349 11.69 -34.95 -4.01
CA THR C 349 12.33 -35.01 -5.32
C THR C 349 13.85 -34.89 -5.20
N VAL C 382 16.91 -9.89 27.66
CA VAL C 382 15.46 -9.98 27.57
C VAL C 382 14.86 -8.60 27.26
N GLU C 383 13.96 -8.56 26.29
CA GLU C 383 13.34 -7.31 25.89
C GLU C 383 12.02 -7.61 25.20
N ARG C 384 11.17 -6.58 25.12
CA ARG C 384 9.87 -6.69 24.44
C ARG C 384 9.96 -6.03 23.08
N ILE C 385 9.63 -6.79 22.04
CA ILE C 385 9.71 -6.30 20.67
C ILE C 385 8.42 -5.57 20.32
N LYS C 386 8.56 -4.41 19.69
CA LYS C 386 7.43 -3.57 19.30
C LYS C 386 7.15 -3.75 17.81
N THR C 387 5.88 -3.94 17.46
CA THR C 387 5.47 -4.24 16.10
C THR C 387 4.78 -3.02 15.49
N THR C 388 5.07 -2.75 14.22
CA THR C 388 4.41 -1.67 13.51
C THR C 388 2.91 -1.91 13.43
N SER C 389 2.17 -0.85 13.12
CA SER C 389 0.72 -0.91 13.06
C SER C 389 0.19 -1.23 11.68
N SER C 390 1.06 -1.36 10.67
CA SER C 390 0.60 -1.63 9.32
C SER C 390 1.65 -2.47 8.61
N ILE C 391 1.19 -3.45 7.83
CA ILE C 391 2.06 -4.32 7.06
C ILE C 391 2.16 -3.78 5.63
N GLU C 392 1.82 -2.50 5.46
CA GLU C 392 1.83 -1.90 4.13
C GLU C 392 3.22 -1.93 3.52
N PHE C 393 4.25 -1.68 4.34
CA PHE C 393 5.62 -1.73 3.84
C PHE C 393 5.96 -3.11 3.30
N ALA C 394 5.55 -4.16 4.03
CA ALA C 394 5.88 -5.52 3.61
C ALA C 394 5.10 -5.92 2.37
N ARG C 395 3.82 -5.53 2.29
CA ARG C 395 3.04 -5.85 1.10
C ARG C 395 3.59 -5.12 -0.13
N LEU C 396 3.96 -3.86 0.03
CA LEU C 396 4.59 -3.14 -1.07
C LEU C 396 5.92 -3.75 -1.44
N GLN C 397 6.69 -4.20 -0.45
CA GLN C 397 7.96 -4.86 -0.74
C GLN C 397 7.74 -6.12 -1.56
N PHE C 398 6.74 -6.93 -1.19
CA PHE C 398 6.45 -8.14 -1.95
C PHE C 398 5.99 -7.82 -3.36
N THR C 399 5.10 -6.83 -3.52
CA THR C 399 4.62 -6.47 -4.84
C THR C 399 5.76 -5.97 -5.72
N TYR C 400 6.59 -5.09 -5.17
CA TYR C 400 7.71 -4.56 -5.92
C TYR C 400 8.71 -5.67 -6.26
N ASN C 401 8.93 -6.60 -5.33
CA ASN C 401 9.83 -7.71 -5.61
C ASN C 401 9.28 -8.59 -6.73
N HIS C 402 7.99 -8.92 -6.68
CA HIS C 402 7.40 -9.75 -7.74
C HIS C 402 7.55 -9.06 -9.08
N ILE C 403 7.14 -7.79 -9.16
CA ILE C 403 7.21 -7.06 -10.43
C ILE C 403 8.66 -6.91 -10.88
N GLN C 404 9.58 -6.66 -9.95
CA GLN C 404 10.97 -6.40 -10.30
C GLN C 404 11.65 -7.67 -10.80
N ARG C 405 11.49 -8.79 -10.07
CA ARG C 405 12.01 -10.05 -10.57
C ARG C 405 11.44 -10.38 -11.94
N HIS C 406 10.13 -10.20 -12.13
CA HIS C 406 9.56 -10.53 -13.43
C HIS C 406 10.15 -9.67 -14.54
N VAL C 407 10.11 -8.35 -14.37
CA VAL C 407 10.56 -7.47 -15.44
C VAL C 407 12.05 -7.63 -15.67
N ASN C 408 12.83 -7.80 -14.60
CA ASN C 408 14.26 -7.99 -14.75
C ASN C 408 14.55 -9.28 -15.52
N ASP C 409 13.87 -10.37 -15.18
CA ASP C 409 14.10 -11.63 -15.87
C ASP C 409 13.72 -11.51 -17.35
N MET C 410 12.57 -10.92 -17.65
CA MET C 410 12.14 -10.91 -19.05
C MET C 410 12.94 -9.90 -19.87
N LEU C 411 13.30 -8.76 -19.30
CA LEU C 411 14.14 -7.82 -20.03
C LEU C 411 15.57 -8.32 -20.17
N GLY C 412 16.06 -9.10 -19.21
CA GLY C 412 17.33 -9.77 -19.39
C GLY C 412 17.26 -10.81 -20.48
N ARG C 413 16.14 -11.53 -20.57
CA ARG C 413 15.94 -12.45 -21.68
C ARG C 413 15.91 -11.70 -23.01
N VAL C 414 15.26 -10.54 -23.03
CA VAL C 414 15.22 -9.71 -24.24
C VAL C 414 16.62 -9.26 -24.62
N ALA C 415 17.41 -8.82 -23.64
CA ALA C 415 18.78 -8.38 -23.92
C ALA C 415 19.65 -9.52 -24.41
N ILE C 416 19.51 -10.70 -23.81
CA ILE C 416 20.28 -11.86 -24.25
C ILE C 416 19.89 -12.24 -25.67
N ALA C 417 18.58 -12.24 -25.96
CA ALA C 417 18.11 -12.55 -27.31
C ALA C 417 18.58 -11.50 -28.31
N TRP C 418 18.67 -10.24 -27.89
CA TRP C 418 19.15 -9.20 -28.79
C TRP C 418 20.64 -9.38 -29.08
N CYS C 419 21.44 -9.67 -28.06
CA CYS C 419 22.86 -9.92 -28.29
C CYS C 419 23.05 -11.14 -29.18
N GLU C 420 22.26 -12.19 -28.96
CA GLU C 420 22.31 -13.35 -29.82
C GLU C 420 21.89 -13.00 -31.25
N LEU C 421 20.88 -12.13 -31.38
CA LEU C 421 20.41 -11.74 -32.70
C LEU C 421 21.49 -10.98 -33.47
N GLN C 422 22.21 -10.09 -32.80
CA GLN C 422 23.30 -9.38 -33.45
C GLN C 422 24.42 -10.35 -33.83
N ASN C 423 24.86 -11.17 -32.87
CA ASN C 423 25.94 -12.13 -33.14
C ASN C 423 25.54 -13.15 -34.20
N HIS C 424 24.24 -13.35 -34.40
CA HIS C 424 23.73 -14.35 -35.32
C HIS C 424 23.46 -13.77 -36.71
N GLU C 425 23.08 -12.49 -36.78
CA GLU C 425 22.95 -11.78 -38.03
C GLU C 425 24.26 -11.22 -38.53
N LEU C 426 25.33 -11.32 -37.75
CA LEU C 426 26.64 -10.91 -38.25
C LEU C 426 27.02 -11.66 -39.52
N THR C 427 26.59 -12.92 -39.65
CA THR C 427 26.88 -13.67 -40.87
C THR C 427 26.10 -13.12 -42.06
N LEU C 428 24.81 -12.82 -41.86
CA LEU C 428 24.04 -12.15 -42.90
C LEU C 428 24.69 -10.83 -43.28
N TRP C 429 25.25 -10.13 -42.30
CA TRP C 429 25.88 -8.84 -42.59
C TRP C 429 27.18 -9.01 -43.35
N ASN C 430 27.94 -10.07 -43.07
CA ASN C 430 29.12 -10.37 -43.88
C ASN C 430 28.72 -10.67 -45.32
N GLU C 431 27.66 -11.47 -45.50
CA GLU C 431 27.20 -11.76 -46.86
C GLU C 431 26.73 -10.49 -47.57
N ALA C 432 26.03 -9.62 -46.85
CA ALA C 432 25.56 -8.38 -47.44
C ALA C 432 26.71 -7.44 -47.79
N ARG C 433 27.77 -7.45 -46.96
CA ARG C 433 28.97 -6.69 -47.30
C ARG C 433 29.59 -7.22 -48.58
N LYS C 434 29.65 -8.55 -48.72
CA LYS C 434 30.15 -9.13 -49.96
C LYS C 434 29.26 -8.76 -51.15
N LEU C 435 27.97 -8.58 -50.91
CA LEU C 435 27.03 -8.29 -52.01
C LEU C 435 27.06 -6.82 -52.43
N ASN C 436 26.69 -5.93 -51.51
CA ASN C 436 26.50 -4.51 -51.81
C ASN C 436 27.37 -3.68 -50.86
N PRO C 437 28.69 -3.68 -51.09
CA PRO C 437 29.59 -3.03 -50.11
C PRO C 437 29.32 -1.55 -49.90
N ASN C 438 28.94 -0.82 -50.95
CA ASN C 438 28.70 0.61 -50.78
C ASN C 438 27.60 0.87 -49.77
N ALA C 439 26.42 0.27 -49.99
CA ALA C 439 25.30 0.49 -49.09
C ALA C 439 25.61 -0.05 -47.69
N ILE C 440 26.22 -1.24 -47.61
CA ILE C 440 26.45 -1.84 -46.30
C ILE C 440 27.42 -1.00 -45.49
N ALA C 441 28.52 -0.55 -46.12
CA ALA C 441 29.48 0.29 -45.43
C ALA C 441 28.87 1.63 -45.04
N SER C 442 28.06 2.22 -45.92
CA SER C 442 27.42 3.49 -45.59
C SER C 442 26.53 3.36 -44.37
N VAL C 443 25.71 2.31 -44.33
CA VAL C 443 24.81 2.12 -43.19
C VAL C 443 25.59 1.83 -41.92
N THR C 444 26.63 1.00 -42.01
CA THR C 444 27.39 0.66 -40.81
C THR C 444 28.12 1.88 -40.26
N VAL C 445 28.72 2.70 -41.13
CA VAL C 445 29.46 3.87 -40.67
C VAL C 445 28.50 4.92 -40.14
N GLY C 446 27.40 5.18 -40.84
CA GLY C 446 26.47 6.23 -40.48
C GLY C 446 26.46 7.39 -41.45
N ARG C 447 27.38 7.43 -42.40
CA ARG C 447 27.42 8.47 -43.43
C ARG C 447 27.53 7.80 -44.79
N ARG C 448 26.92 8.45 -45.80
CA ARG C 448 26.92 7.91 -47.15
C ARG C 448 28.34 7.87 -47.69
N VAL C 449 28.91 6.67 -47.77
CA VAL C 449 30.28 6.47 -48.22
C VAL C 449 30.31 5.37 -49.27
N SER C 450 31.40 5.34 -50.03
CA SER C 450 31.61 4.35 -51.08
C SER C 450 32.66 3.36 -50.61
N ALA C 451 32.39 2.07 -50.79
CA ALA C 451 33.29 1.01 -50.36
C ALA C 451 33.83 0.25 -51.57
N ARG C 452 34.92 -0.50 -51.33
CA ARG C 452 35.56 -1.26 -52.38
C ARG C 452 35.68 -2.72 -51.97
N MET C 453 36.42 -3.51 -52.75
CA MET C 453 36.63 -4.93 -52.45
C MET C 453 37.27 -5.08 -51.08
N LEU C 454 36.52 -5.61 -50.12
CA LEU C 454 37.01 -5.71 -48.75
C LEU C 454 38.14 -6.72 -48.63
N GLY C 455 37.97 -7.89 -49.24
CA GLY C 455 38.89 -8.99 -49.02
C GLY C 455 38.59 -9.67 -47.70
N ASP C 456 38.97 -9.01 -46.60
CA ASP C 456 38.51 -9.40 -45.28
C ASP C 456 38.13 -8.22 -44.41
N VAL C 457 38.32 -6.99 -44.87
CA VAL C 457 37.96 -5.80 -44.12
C VAL C 457 37.61 -4.70 -45.12
N MET C 458 36.49 -4.02 -44.87
CA MET C 458 35.97 -3.06 -45.84
C MET C 458 36.89 -1.85 -45.95
N ALA C 459 37.21 -1.47 -47.19
CA ALA C 459 37.95 -0.24 -47.48
C ALA C 459 36.96 0.79 -48.01
N VAL C 460 36.86 1.92 -47.33
CA VAL C 460 35.83 2.91 -47.60
C VAL C 460 36.47 4.21 -48.07
N SER C 461 35.61 5.13 -48.51
CA SER C 461 36.04 6.44 -48.96
C SER C 461 34.82 7.37 -48.94
N THR C 462 34.97 8.54 -48.35
CA THR C 462 33.85 9.46 -48.20
C THR C 462 33.32 9.90 -49.56
N CYS C 463 32.00 10.05 -49.64
CA CYS C 463 31.34 10.43 -50.88
C CYS C 463 31.22 11.95 -50.97
N VAL C 464 31.18 12.44 -52.21
CA VAL C 464 31.08 13.88 -52.49
C VAL C 464 29.63 14.21 -52.76
N PRO C 465 28.99 15.06 -51.96
CA PRO C 465 27.59 15.42 -52.23
C PRO C 465 27.46 16.23 -53.51
N VAL C 466 26.30 16.11 -54.14
CA VAL C 466 26.00 16.81 -55.39
C VAL C 466 24.60 17.38 -55.30
N ALA C 467 24.44 18.64 -55.72
CA ALA C 467 23.14 19.28 -55.68
C ALA C 467 22.17 18.61 -56.66
N ALA C 468 20.90 18.58 -56.27
CA ALA C 468 19.89 17.95 -57.12
C ALA C 468 19.71 18.71 -58.43
N ASP C 469 19.72 20.05 -58.37
CA ASP C 469 19.51 20.84 -59.58
C ASP C 469 20.64 20.64 -60.59
N ASN C 470 21.83 20.28 -60.13
CA ASN C 470 22.99 20.09 -61.00
C ASN C 470 23.01 18.72 -61.65
N VAL C 471 21.89 18.00 -61.68
CA VAL C 471 21.83 16.66 -62.24
C VAL C 471 20.69 16.60 -63.26
N ILE C 472 20.98 16.05 -64.43
CA ILE C 472 19.99 15.90 -65.50
C ILE C 472 19.99 14.46 -65.97
N VAL C 473 18.89 14.08 -66.63
CA VAL C 473 18.66 12.71 -67.08
C VAL C 473 18.76 12.65 -68.60
N GLN C 474 19.55 11.72 -69.10
CA GLN C 474 19.63 11.51 -70.55
C GLN C 474 18.34 10.89 -71.06
N ASN C 475 17.95 11.27 -72.28
CA ASN C 475 16.68 10.81 -72.82
C ASN C 475 16.66 9.30 -73.06
N SER C 476 17.75 8.74 -73.60
CA SER C 476 17.77 7.34 -73.96
C SER C 476 19.09 6.71 -73.54
N MET C 477 19.04 5.39 -73.29
CA MET C 477 20.22 4.61 -72.95
C MET C 477 20.82 3.91 -74.16
N ARG C 478 20.25 4.10 -75.35
CA ARG C 478 20.77 3.45 -76.54
C ARG C 478 22.17 3.97 -76.88
N ILE C 479 23.00 3.08 -77.42
CA ILE C 479 24.36 3.42 -77.82
C ILE C 479 24.37 3.54 -79.34
N SER C 480 24.74 4.73 -79.83
CA SER C 480 24.79 4.94 -81.28
C SER C 480 25.87 4.10 -81.93
N SER C 481 27.04 3.99 -81.29
CA SER C 481 28.16 3.28 -81.90
C SER C 481 27.86 1.79 -82.07
N ARG C 482 27.29 1.15 -81.06
CA ARG C 482 26.99 -0.28 -81.11
C ARG C 482 25.49 -0.53 -81.02
N PRO C 483 24.84 -0.84 -82.13
CA PRO C 483 23.41 -1.16 -82.07
C PRO C 483 23.16 -2.47 -81.33
N GLY C 484 21.97 -2.58 -80.74
CA GLY C 484 21.59 -3.77 -80.01
C GLY C 484 22.05 -3.81 -78.57
N ALA C 485 22.79 -2.81 -78.11
CA ALA C 485 23.26 -2.74 -76.74
C ALA C 485 22.86 -1.39 -76.14
N CYS C 486 22.37 -1.41 -74.91
CA CYS C 486 21.95 -0.20 -74.22
C CYS C 486 22.39 -0.28 -72.77
N TYR C 487 22.47 0.88 -72.14
CA TYR C 487 22.90 0.95 -70.74
C TYR C 487 21.79 0.45 -69.82
N SER C 488 22.13 -0.48 -68.94
CA SER C 488 21.17 -1.01 -67.98
C SER C 488 20.74 0.01 -66.94
N ARG C 489 21.51 1.10 -66.79
CA ARG C 489 21.19 2.14 -65.83
C ARG C 489 21.28 3.48 -66.53
N PRO C 490 20.34 4.40 -66.26
CA PRO C 490 20.28 5.65 -67.03
C PRO C 490 21.56 6.47 -66.91
N LEU C 491 21.91 7.13 -68.02
CA LEU C 491 23.04 8.05 -68.02
C LEU C 491 22.69 9.32 -67.23
N VAL C 492 23.71 9.93 -66.64
CA VAL C 492 23.56 11.18 -65.91
C VAL C 492 24.61 12.17 -66.39
N SER C 493 24.18 13.39 -66.68
CA SER C 493 25.06 14.50 -66.95
C SER C 493 24.92 15.49 -65.81
N PHE C 494 26.03 15.75 -65.10
CA PHE C 494 25.97 16.50 -63.86
C PHE C 494 27.18 17.43 -63.75
N ARG C 495 27.00 18.49 -62.99
CA ARG C 495 28.05 19.46 -62.70
C ARG C 495 28.35 19.44 -61.20
N TYR C 496 29.63 19.58 -60.86
CA TYR C 496 30.02 19.56 -59.45
C TYR C 496 29.37 20.71 -58.68
N GLU C 497 29.38 21.91 -59.26
CA GLU C 497 28.79 23.07 -58.62
C GLU C 497 27.77 23.74 -59.53
N ASP C 498 27.28 24.92 -59.12
CA ASP C 498 26.30 25.63 -59.94
C ASP C 498 26.92 26.04 -61.28
N GLN C 499 28.14 26.56 -61.26
CA GLN C 499 28.84 26.97 -62.47
C GLN C 499 29.88 25.96 -62.93
N GLY C 500 29.93 24.79 -62.28
CA GLY C 500 30.90 23.78 -62.64
C GLY C 500 30.62 23.16 -63.98
N PRO C 501 31.66 22.59 -64.61
CA PRO C 501 31.47 21.94 -65.91
C PRO C 501 30.59 20.71 -65.79
N LEU C 502 29.85 20.44 -66.86
CA LEU C 502 29.00 19.26 -66.92
C LEU C 502 29.84 18.02 -67.15
N VAL C 503 29.59 16.98 -66.36
CA VAL C 503 30.36 15.73 -66.41
C VAL C 503 29.44 14.62 -66.87
N GLU C 504 29.86 13.90 -67.90
CA GLU C 504 29.11 12.76 -68.40
C GLU C 504 29.32 11.56 -67.49
N GLY C 505 28.23 10.89 -67.12
CA GLY C 505 28.32 9.76 -66.23
C GLY C 505 27.09 8.88 -66.31
N GLN C 506 27.03 7.90 -65.41
CA GLN C 506 25.91 6.96 -65.35
C GLN C 506 25.36 6.92 -63.94
N LEU C 507 24.06 6.75 -63.82
CA LEU C 507 23.40 6.67 -62.53
C LEU C 507 23.85 5.42 -61.78
N GLY C 508 23.74 5.49 -60.45
CA GLY C 508 24.05 4.35 -59.62
C GLY C 508 22.84 3.83 -58.87
N GLU C 509 23.01 3.50 -57.60
CA GLU C 509 21.92 3.02 -56.75
C GLU C 509 21.71 4.00 -55.60
N ASN C 510 20.44 4.36 -55.37
CA ASN C 510 20.07 5.31 -54.33
C ASN C 510 20.82 6.63 -54.55
N ASN C 511 20.49 7.27 -55.66
CA ASN C 511 20.99 8.60 -56.04
C ASN C 511 22.50 8.63 -56.26
N GLU C 512 23.18 7.50 -56.22
CA GLU C 512 24.61 7.47 -56.46
C GLU C 512 24.90 7.75 -57.94
N LEU C 513 26.03 8.39 -58.19
CA LEU C 513 26.47 8.71 -59.54
C LEU C 513 27.78 8.00 -59.83
N ARG C 514 27.80 7.24 -60.93
CA ARG C 514 28.99 6.51 -61.37
C ARG C 514 29.71 7.31 -62.43
N LEU C 515 31.02 7.51 -62.24
CA LEU C 515 31.81 8.28 -63.19
C LEU C 515 31.90 7.57 -64.54
N THR C 516 32.09 6.25 -64.53
CA THR C 516 32.29 5.48 -65.75
C THR C 516 30.98 4.89 -66.22
N ARG C 517 30.68 5.08 -67.50
CA ARG C 517 29.48 4.52 -68.11
C ARG C 517 29.79 3.13 -68.66
N ASP C 518 29.93 2.18 -67.72
CA ASP C 518 30.36 0.83 -68.05
C ASP C 518 29.22 -0.19 -68.01
N ALA C 519 28.07 0.15 -67.42
CA ALA C 519 26.95 -0.78 -67.34
C ALA C 519 26.31 -0.90 -68.71
N ILE C 520 26.69 -1.91 -69.47
CA ILE C 520 26.20 -2.13 -70.83
C ILE C 520 25.52 -3.48 -70.89
N GLU C 521 24.30 -3.51 -71.42
CA GLU C 521 23.55 -4.75 -71.59
C GLU C 521 22.96 -4.81 -72.99
N PRO C 522 22.71 -6.01 -73.51
CA PRO C 522 22.06 -6.12 -74.82
C PRO C 522 20.65 -5.57 -74.78
N CYS C 523 20.19 -5.08 -75.94
CA CYS C 523 18.85 -4.53 -76.05
C CYS C 523 17.81 -5.61 -75.77
N THR C 524 16.81 -5.27 -74.96
CA THR C 524 15.78 -6.21 -74.54
C THR C 524 14.40 -5.61 -74.80
N VAL C 525 13.50 -6.44 -75.32
CA VAL C 525 12.13 -6.01 -75.56
C VAL C 525 11.38 -5.92 -74.23
N GLY C 526 10.36 -5.08 -74.20
CA GLY C 526 9.59 -4.89 -72.97
C GLY C 526 10.42 -4.31 -71.84
N HIS C 527 11.29 -3.36 -72.15
CA HIS C 527 12.20 -2.78 -71.16
C HIS C 527 11.50 -1.70 -70.33
N ARG C 528 10.48 -2.13 -69.60
CA ARG C 528 9.77 -1.26 -68.67
C ARG C 528 10.48 -1.33 -67.32
N ARG C 529 11.26 -0.30 -67.00
CA ARG C 529 12.09 -0.29 -65.81
C ARG C 529 11.86 0.97 -65.00
N TYR C 530 12.16 0.89 -63.71
CA TYR C 530 12.07 2.02 -62.81
C TYR C 530 13.41 2.21 -62.11
N PHE C 531 13.74 3.47 -61.82
CA PHE C 531 14.97 3.80 -61.12
C PHE C 531 14.73 5.00 -60.23
N THR C 532 15.31 4.97 -59.02
CA THR C 532 15.19 6.09 -58.11
C THR C 532 15.93 7.30 -58.65
N PHE C 533 15.38 8.49 -58.40
CA PHE C 533 16.00 9.73 -58.85
C PHE C 533 15.56 10.84 -57.90
N GLY C 534 16.49 11.28 -57.05
CA GLY C 534 16.14 12.28 -56.06
C GLY C 534 15.12 11.74 -55.08
N GLY C 535 14.05 12.51 -54.85
CA GLY C 535 12.99 12.11 -53.96
C GLY C 535 11.96 11.17 -54.54
N GLY C 536 12.10 10.80 -55.82
CA GLY C 536 11.15 9.90 -56.45
C GLY C 536 11.80 9.00 -57.48
N TYR C 537 10.98 8.36 -58.30
CA TYR C 537 11.46 7.46 -59.34
C TYR C 537 11.31 8.10 -60.72
N VAL C 538 12.09 7.58 -61.66
CA VAL C 538 12.04 8.00 -63.06
C VAL C 538 11.74 6.77 -63.92
N TYR C 539 10.77 6.90 -64.82
CA TYR C 539 10.24 5.77 -65.57
C TYR C 539 10.88 5.70 -66.95
N PHE C 540 11.17 4.48 -67.39
CA PHE C 540 11.74 4.22 -68.70
C PHE C 540 11.01 3.08 -69.37
N GLU C 541 10.94 3.15 -70.70
CA GLU C 541 10.31 2.12 -71.51
C GLU C 541 11.08 2.00 -72.82
N GLU C 542 11.61 0.81 -73.10
CA GLU C 542 12.44 0.58 -74.28
C GLU C 542 13.58 1.58 -74.36
N TYR C 543 14.23 1.82 -73.22
CA TYR C 543 15.34 2.75 -73.11
C TYR C 543 14.96 4.16 -73.57
N ALA C 544 13.78 4.61 -73.11
CA ALA C 544 13.30 5.94 -73.41
C ALA C 544 12.72 6.57 -72.15
N TYR C 545 13.18 7.78 -71.83
CA TYR C 545 12.69 8.47 -70.65
C TYR C 545 11.22 8.82 -70.80
N SER C 546 10.44 8.57 -69.76
CA SER C 546 9.00 8.81 -69.80
C SER C 546 8.58 10.04 -69.01
N HIS C 547 8.86 10.08 -67.71
CA HIS C 547 8.45 11.18 -66.84
C HIS C 547 9.00 10.92 -65.44
N GLN C 548 8.97 11.96 -64.62
CA GLN C 548 9.25 11.84 -63.20
C GLN C 548 8.07 11.23 -62.48
N LEU C 549 8.34 10.59 -61.34
CA LEU C 549 7.29 9.99 -60.52
C LEU C 549 7.47 10.43 -59.07
N SER C 550 6.37 10.86 -58.46
CA SER C 550 6.38 11.12 -57.04
C SER C 550 6.47 9.81 -56.27
N ARG C 551 6.88 9.91 -55.00
CA ARG C 551 7.09 8.70 -54.23
C ARG C 551 5.78 7.99 -53.92
N ALA C 552 4.71 8.75 -53.68
CA ALA C 552 3.41 8.16 -53.39
C ALA C 552 2.78 7.50 -54.61
N ASP C 553 3.35 7.67 -55.81
CA ASP C 553 2.77 7.12 -57.02
C ASP C 553 2.79 5.59 -57.04
N ILE C 554 3.63 4.96 -56.24
CA ILE C 554 3.78 3.51 -56.25
C ILE C 554 3.33 2.95 -54.91
N THR C 555 2.58 1.85 -54.95
CA THR C 555 2.16 1.18 -53.73
C THR C 555 3.37 0.73 -52.93
N THR C 556 3.32 0.94 -51.63
CA THR C 556 4.45 0.66 -50.74
C THR C 556 4.15 -0.58 -49.91
N VAL C 557 5.04 -1.57 -49.99
CA VAL C 557 4.97 -2.75 -49.14
C VAL C 557 5.96 -2.56 -48.00
N SER C 558 5.51 -2.82 -46.78
CA SER C 558 6.30 -2.55 -45.58
C SER C 558 7.10 -3.80 -45.22
N THR C 559 8.42 -3.71 -45.35
CA THR C 559 9.30 -4.76 -44.88
C THR C 559 9.49 -4.74 -43.37
N PHE C 560 9.13 -3.64 -42.72
CA PHE C 560 9.24 -3.55 -41.27
C PHE C 560 8.16 -4.38 -40.60
N ILE C 561 8.42 -4.73 -39.35
CA ILE C 561 7.45 -5.46 -38.52
C ILE C 561 7.05 -4.54 -37.37
N ASP C 562 5.78 -4.18 -37.34
CA ASP C 562 5.30 -3.19 -36.38
C ASP C 562 5.39 -3.73 -34.96
N LEU C 563 5.91 -2.89 -34.05
CA LEU C 563 5.98 -3.20 -32.63
C LEU C 563 5.36 -1.99 -31.92
N ASN C 564 4.06 -2.05 -31.70
CA ASN C 564 3.32 -0.90 -31.19
C ASN C 564 3.63 -0.67 -29.72
N ILE C 565 4.85 -0.21 -29.42
CA ILE C 565 5.27 0.05 -28.06
C ILE C 565 4.65 1.37 -27.60
N THR C 566 3.92 1.34 -26.50
CA THR C 566 3.29 2.52 -25.93
C THR C 566 3.68 2.65 -24.46
N MET C 567 3.83 3.88 -24.01
CA MET C 567 4.24 4.14 -22.63
C MET C 567 3.09 3.89 -21.66
N LEU C 568 3.46 3.44 -20.46
CA LEU C 568 2.49 3.33 -19.38
C LEU C 568 2.10 4.71 -18.91
N GLU C 569 0.81 5.01 -18.94
CA GLU C 569 0.34 6.36 -18.65
C GLU C 569 0.58 6.72 -17.19
N ASP C 570 0.80 8.00 -16.94
CA ASP C 570 0.97 8.47 -15.57
C ASP C 570 -0.32 8.30 -14.78
N HIS C 571 -0.18 7.97 -13.50
CA HIS C 571 -1.33 7.76 -12.63
C HIS C 571 -1.13 8.54 -11.34
N GLU C 572 -2.19 9.19 -10.89
CA GLU C 572 -2.17 9.98 -9.65
C GLU C 572 -2.98 9.23 -8.60
N PHE C 573 -2.30 8.75 -7.56
CA PHE C 573 -2.95 8.03 -6.47
C PHE C 573 -3.43 9.06 -5.46
N VAL C 574 -4.72 9.36 -5.50
CA VAL C 574 -5.32 10.32 -4.57
C VAL C 574 -5.33 9.70 -3.18
N PRO C 575 -5.27 10.50 -2.11
CA PRO C 575 -5.40 9.93 -0.77
C PRO C 575 -6.74 9.23 -0.61
N LEU C 576 -6.70 8.07 0.05
CA LEU C 576 -7.90 7.25 0.17
C LEU C 576 -7.78 6.37 1.40
N GLU C 577 -8.86 6.29 2.16
CA GLU C 577 -8.91 5.42 3.34
C GLU C 577 -10.37 5.14 3.65
N VAL C 578 -10.64 3.90 4.09
CA VAL C 578 -12.02 3.51 4.38
C VAL C 578 -12.58 4.34 5.53
N TYR C 579 -11.79 4.52 6.59
CA TYR C 579 -12.23 5.27 7.76
C TYR C 579 -11.12 6.23 8.16
N THR C 580 -11.43 7.52 8.18
CA THR C 580 -10.50 8.50 8.69
C THR C 580 -10.39 8.40 10.20
N ARG C 581 -9.31 8.96 10.74
CA ARG C 581 -9.11 8.91 12.19
C ARG C 581 -10.24 9.62 12.93
N HIS C 582 -10.82 10.65 12.32
CA HIS C 582 -11.92 11.37 12.98
C HIS C 582 -13.14 10.48 13.16
N GLU C 583 -13.55 9.77 12.11
CA GLU C 583 -14.70 8.90 12.24
C GLU C 583 -14.38 7.65 13.06
N ILE C 584 -13.12 7.21 13.04
CA ILE C 584 -12.72 6.11 13.91
C ILE C 584 -12.87 6.52 15.38
N LYS C 585 -12.43 7.74 15.71
CA LYS C 585 -12.59 8.25 17.06
C LYS C 585 -14.08 8.41 17.41
N ASP C 586 -14.88 8.90 16.45
CA ASP C 586 -16.29 9.12 16.68
C ASP C 586 -17.11 7.83 16.68
N SER C 587 -16.50 6.70 16.30
CA SER C 587 -17.22 5.44 16.28
C SER C 587 -17.68 5.03 17.67
N GLY C 588 -16.87 5.32 18.69
CA GLY C 588 -17.26 4.99 20.04
C GLY C 588 -18.48 5.77 20.49
N LEU C 589 -19.30 5.13 21.32
CA LEU C 589 -20.52 5.77 21.80
C LEU C 589 -20.21 6.98 22.65
N LEU C 590 -19.35 6.82 23.65
CA LEU C 590 -19.00 7.87 24.59
C LEU C 590 -17.52 8.15 24.51
N ASP C 591 -17.17 9.43 24.42
CA ASP C 591 -15.79 9.89 24.47
C ASP C 591 -15.54 10.56 25.81
N TYR C 592 -14.51 10.08 26.52
CA TYR C 592 -14.28 10.55 27.88
C TYR C 592 -13.98 12.04 27.92
N THR C 593 -13.21 12.52 26.93
CA THR C 593 -12.84 13.93 26.94
C THR C 593 -14.06 14.84 26.85
N GLU C 594 -14.94 14.60 25.86
CA GLU C 594 -16.14 15.41 25.73
C GLU C 594 -17.09 15.22 26.90
N VAL C 595 -17.22 13.97 27.38
CA VAL C 595 -18.14 13.70 28.48
C VAL C 595 -17.69 14.47 29.74
N GLN C 596 -16.39 14.39 30.05
CA GLN C 596 -15.87 15.10 31.22
C GLN C 596 -15.95 16.60 31.02
N ARG C 597 -15.69 17.08 29.80
CA ARG C 597 -15.79 18.51 29.53
C ARG C 597 -17.20 19.01 29.83
N ARG C 598 -18.21 18.31 29.30
CA ARG C 598 -19.59 18.72 29.55
C ARG C 598 -19.95 18.61 31.02
N ASN C 599 -19.54 17.52 31.68
CA ASN C 599 -19.91 17.32 33.08
C ASN C 599 -19.29 18.37 33.98
N GLN C 600 -18.03 18.72 33.75
CA GLN C 600 -17.35 19.71 34.58
C GLN C 600 -17.73 21.14 34.21
N LEU C 601 -18.18 21.38 32.98
CA LEU C 601 -18.72 22.67 32.62
C LEU C 601 -20.18 22.82 33.02
N HIS C 602 -20.83 21.74 33.42
CA HIS C 602 -22.21 21.83 33.90
C HIS C 602 -22.33 22.78 35.08
N ASP C 603 -21.43 22.68 36.05
CA ASP C 603 -21.48 23.57 37.21
C ASP C 603 -21.30 25.01 36.79
N LEU C 604 -20.29 25.28 35.96
CA LEU C 604 -20.01 26.64 35.52
C LEU C 604 -21.18 27.23 34.75
N ARG C 605 -21.82 26.43 33.90
CA ARG C 605 -22.90 26.93 33.07
C ARG C 605 -24.19 27.09 33.87
N PHE C 606 -24.70 25.99 34.43
CA PHE C 606 -25.99 25.99 35.11
C PHE C 606 -25.89 26.41 36.57
N ALA C 607 -24.78 27.00 36.99
CA ALA C 607 -24.69 27.52 38.35
C ALA C 607 -23.62 28.62 38.38
N ASP C 608 -23.67 29.43 39.42
CA ASP C 608 -22.71 30.51 39.61
C ASP C 608 -21.59 30.00 40.51
N ILE C 609 -20.36 30.06 40.01
CA ILE C 609 -19.20 29.57 40.75
C ILE C 609 -18.39 30.72 41.35
N ASP C 610 -18.89 31.93 41.30
CA ASP C 610 -18.17 33.08 41.83
C ASP C 610 -18.96 33.88 42.85
N THR C 611 -20.29 33.98 42.67
CA THR C 611 -21.10 34.73 43.62
C THR C 611 -21.07 34.06 44.99
N VAL C 612 -20.86 34.87 46.03
CA VAL C 612 -20.78 34.39 47.39
C VAL C 612 -21.85 35.10 48.21
N ILE C 613 -22.66 34.32 48.92
CA ILE C 613 -23.75 34.85 49.74
C ILE C 613 -23.37 34.66 51.20
N HIS C 614 -23.34 35.76 51.95
CA HIS C 614 -23.02 35.74 53.37
C HIS C 614 -24.12 36.45 54.14
N ALA C 615 -24.65 35.79 55.16
CA ALA C 615 -25.72 36.37 55.96
C ALA C 615 -25.75 35.74 57.35
N GLU D 1 24.86 42.61 -23.92
CA GLU D 1 25.58 42.77 -22.67
C GLU D 1 24.62 43.25 -21.58
N VAL D 2 24.80 42.72 -20.36
CA VAL D 2 23.86 43.01 -19.28
C VAL D 2 24.00 44.46 -18.85
N GLN D 3 22.87 45.14 -18.68
CA GLN D 3 22.86 46.56 -18.34
C GLN D 3 21.67 46.85 -17.46
N LEU D 4 21.90 47.48 -16.31
CA LEU D 4 20.86 47.82 -15.35
C LEU D 4 20.79 49.35 -15.23
N VAL D 5 19.98 49.95 -16.11
CA VAL D 5 19.78 51.39 -16.11
C VAL D 5 18.68 51.73 -15.11
N GLU D 6 18.95 52.67 -14.22
CA GLU D 6 18.02 53.06 -13.16
C GLU D 6 17.65 54.52 -13.31
N THR D 7 16.35 54.80 -13.27
CA THR D 7 15.84 56.17 -13.33
C THR D 7 14.84 56.41 -12.21
N GLY D 8 14.17 57.57 -12.24
CA GLY D 8 13.14 57.88 -11.26
C GLY D 8 13.62 58.42 -9.94
N GLY D 9 14.91 58.67 -9.79
CA GLY D 9 15.45 59.21 -8.54
C GLY D 9 15.49 60.73 -8.55
N GLY D 10 15.15 61.32 -7.41
CA GLY D 10 15.15 62.77 -7.30
C GLY D 10 14.89 63.19 -5.87
N VAL D 11 15.04 64.49 -5.63
CA VAL D 11 14.84 65.05 -4.31
C VAL D 11 13.36 65.05 -3.98
N VAL D 12 13.03 64.94 -2.69
CA VAL D 12 11.64 64.94 -2.24
C VAL D 12 11.60 65.40 -0.80
N ARG D 13 10.47 65.98 -0.41
CA ARG D 13 10.26 66.43 0.95
C ARG D 13 10.08 65.24 1.88
N PRO D 14 10.25 65.43 3.20
CA PRO D 14 10.03 64.32 4.14
C PRO D 14 8.57 63.89 4.17
N GLY D 15 8.15 63.18 3.14
CA GLY D 15 6.76 62.77 3.01
C GLY D 15 6.45 62.45 1.55
N ARG D 16 5.16 62.40 1.26
CA ARG D 16 4.64 62.14 -0.09
C ARG D 16 5.18 60.77 -0.53
N SER D 17 5.55 60.60 -1.80
CA SER D 17 6.02 59.32 -2.29
C SER D 17 6.92 59.55 -3.50
N LEU D 18 7.53 58.47 -3.97
CA LEU D 18 8.41 58.53 -5.13
C LEU D 18 8.40 57.18 -5.83
N ARG D 19 8.53 57.22 -7.16
CA ARG D 19 8.52 56.03 -7.99
C ARG D 19 9.91 55.79 -8.54
N LEU D 20 10.43 54.57 -8.36
CA LEU D 20 11.74 54.19 -8.86
C LEU D 20 11.58 53.09 -9.90
N SER D 21 12.27 53.25 -11.03
CA SER D 21 12.20 52.30 -12.13
C SER D 21 13.60 51.92 -12.57
N CYS D 22 13.74 50.68 -13.04
CA CYS D 22 15.00 50.16 -13.53
C CYS D 22 14.76 49.43 -14.85
N THR D 23 15.68 49.63 -15.79
CA THR D 23 15.58 49.02 -17.12
C THR D 23 16.67 47.97 -17.28
N THR D 24 16.30 46.80 -17.77
CA THR D 24 17.21 45.68 -17.93
C THR D 24 17.37 45.33 -19.41
N SER D 25 18.57 44.86 -19.76
CA SER D 25 18.86 44.47 -21.13
C SER D 25 20.04 43.52 -21.14
N GLY D 26 20.19 42.82 -22.26
CA GLY D 26 21.30 41.92 -22.45
C GLY D 26 21.12 40.51 -21.94
N PHE D 27 19.98 40.20 -21.31
CA PHE D 27 19.73 38.88 -20.74
C PHE D 27 18.22 38.68 -20.67
N SER D 28 17.81 37.59 -20.04
CA SER D 28 16.39 37.27 -19.88
C SER D 28 15.93 37.84 -18.54
N PHE D 29 15.23 38.97 -18.58
CA PHE D 29 14.72 39.59 -17.36
C PHE D 29 13.67 38.70 -16.70
N SER D 30 12.81 38.07 -17.50
CA SER D 30 11.72 37.28 -16.94
C SER D 30 12.24 36.10 -16.12
N GLY D 31 13.27 35.42 -16.62
CA GLY D 31 13.79 34.26 -15.95
C GLY D 31 14.86 34.56 -14.90
N SER D 32 14.65 35.62 -14.13
CA SER D 32 15.59 35.99 -13.07
C SER D 32 14.86 36.80 -12.01
N ALA D 33 15.45 36.83 -10.82
CA ALA D 33 14.91 37.58 -9.70
C ALA D 33 15.74 38.83 -9.46
N MET D 34 15.07 39.93 -9.11
CA MET D 34 15.71 41.22 -8.92
C MET D 34 15.57 41.67 -7.48
N HIS D 35 16.57 42.38 -6.99
CA HIS D 35 16.57 42.97 -5.66
C HIS D 35 16.74 44.47 -5.76
N TRP D 36 16.38 45.16 -4.67
CA TRP D 36 16.65 46.58 -4.51
C TRP D 36 17.56 46.76 -3.31
N VAL D 37 18.69 47.43 -3.52
CA VAL D 37 19.68 47.64 -2.47
C VAL D 37 19.99 49.14 -2.41
N ARG D 38 19.98 49.69 -1.19
CA ARG D 38 20.27 51.09 -0.97
C ARG D 38 21.54 51.23 -0.16
N GLN D 39 22.26 52.34 -0.37
CA GLN D 39 23.51 52.62 0.31
C GLN D 39 23.48 54.06 0.81
N ALA D 40 23.13 54.24 2.08
CA ALA D 40 23.08 55.57 2.65
C ALA D 40 24.48 56.16 2.75
N PRO D 41 24.61 57.47 2.56
CA PRO D 41 25.94 58.10 2.70
C PRO D 41 26.50 57.91 4.11
N GLY D 42 27.78 57.59 4.17
CA GLY D 42 28.45 57.35 5.44
C GLY D 42 28.23 55.97 6.03
N LYS D 43 27.43 55.13 5.38
CA LYS D 43 27.16 53.77 5.85
C LYS D 43 27.45 52.80 4.72
N GLY D 44 27.28 51.52 5.01
CA GLY D 44 27.48 50.47 4.03
C GLY D 44 26.23 50.21 3.22
N LEU D 45 26.22 49.06 2.54
CA LEU D 45 25.08 48.67 1.73
C LEU D 45 23.94 48.18 2.62
N GLU D 46 22.74 48.12 2.03
CA GLU D 46 21.56 47.75 2.80
C GLU D 46 20.52 47.14 1.87
N TRP D 47 20.10 45.92 2.19
CA TRP D 47 19.06 45.25 1.41
C TRP D 47 17.69 45.88 1.70
N VAL D 48 16.87 45.98 0.66
CA VAL D 48 15.57 46.65 0.78
C VAL D 48 14.45 45.71 0.38
N ALA D 49 14.44 45.26 -0.88
CA ALA D 49 13.33 44.48 -1.39
C ALA D 49 13.83 43.54 -2.48
N VAL D 50 13.00 42.56 -2.81
CA VAL D 50 13.31 41.57 -3.83
C VAL D 50 12.01 41.12 -4.49
N ILE D 51 12.07 40.88 -5.80
CA ILE D 51 10.95 40.32 -6.55
C ILE D 51 11.44 39.07 -7.27
N SER D 52 10.56 38.07 -7.36
CA SER D 52 10.92 36.80 -7.99
C SER D 52 10.76 36.90 -9.51
N HIS D 53 11.02 35.78 -10.19
CA HIS D 53 10.94 35.77 -11.65
C HIS D 53 9.50 36.01 -12.12
N ASP D 54 8.54 35.35 -11.49
CA ASP D 54 7.13 35.54 -11.80
C ASP D 54 6.43 36.54 -10.89
N GLY D 55 7.13 37.07 -9.88
CA GLY D 55 6.65 38.23 -9.15
C GLY D 55 5.69 37.98 -8.02
N ASN D 56 5.39 36.73 -7.66
CA ASN D 56 4.49 36.47 -6.54
C ASN D 56 5.23 36.08 -5.27
N ILE D 57 6.55 36.17 -5.25
CA ILE D 57 7.34 36.04 -4.04
C ILE D 57 7.88 37.44 -3.72
N ILE D 58 7.30 38.06 -2.69
CA ILE D 58 7.65 39.42 -2.30
C ILE D 58 7.95 39.44 -0.81
N GLN D 59 9.11 39.99 -0.46
CA GLN D 59 9.48 40.21 0.93
C GLN D 59 10.37 41.43 1.00
N TYR D 60 10.19 42.23 2.04
CA TYR D 60 10.86 43.51 2.18
C TYR D 60 11.84 43.48 3.35
N HIS D 61 12.66 44.52 3.42
CA HIS D 61 13.49 44.70 4.61
C HIS D 61 12.63 45.13 5.79
N ASP D 62 13.14 44.86 6.99
CA ASP D 62 12.37 45.15 8.21
C ASP D 62 12.05 46.63 8.37
N SER D 63 12.78 47.51 7.66
CA SER D 63 12.51 48.93 7.74
C SER D 63 11.47 49.42 6.74
N VAL D 64 11.00 48.58 5.82
CA VAL D 64 10.13 49.07 4.76
C VAL D 64 8.85 48.25 4.64
N LYS D 65 8.43 47.60 5.72
CA LYS D 65 7.08 47.05 5.74
C LYS D 65 6.04 48.15 5.76
N GLY D 66 5.09 48.08 4.84
CA GLY D 66 4.00 49.01 4.74
C GLY D 66 4.32 50.35 4.12
N ARG D 67 5.57 50.57 3.71
CA ARG D 67 5.99 51.84 3.13
C ARG D 67 6.57 51.74 1.73
N PHE D 68 7.04 50.57 1.31
CA PHE D 68 7.63 50.40 -0.01
C PHE D 68 6.84 49.37 -0.80
N THR D 69 6.81 49.56 -2.12
CA THR D 69 6.11 48.66 -3.03
C THR D 69 7.03 48.28 -4.17
N ILE D 70 7.07 46.99 -4.51
CA ILE D 70 7.91 46.47 -5.57
C ILE D 70 7.04 45.72 -6.57
N SER D 71 7.36 45.87 -7.86
CA SER D 71 6.65 45.16 -8.92
C SER D 71 7.56 45.12 -10.15
N ARG D 72 7.24 44.20 -11.06
CA ARG D 72 8.01 44.05 -12.28
C ARG D 72 7.05 43.82 -13.45
N ASP D 73 7.55 44.12 -14.65
CA ASP D 73 6.81 43.89 -15.89
C ASP D 73 7.75 43.12 -16.82
N ASN D 74 7.57 41.79 -16.88
CA ASN D 74 8.42 40.97 -17.73
C ASN D 74 8.25 41.29 -19.21
N SER D 75 7.12 41.90 -19.59
CA SER D 75 6.91 42.23 -21.00
C SER D 75 7.89 43.29 -21.47
N LYS D 76 8.01 44.40 -20.73
CA LYS D 76 8.92 45.46 -21.08
C LYS D 76 10.20 45.48 -20.26
N ASN D 77 10.39 44.48 -19.39
CA ASN D 77 11.64 44.30 -18.64
C ASN D 77 11.99 45.53 -17.81
N VAL D 78 11.02 46.03 -17.04
CA VAL D 78 11.21 47.18 -16.17
C VAL D 78 10.84 46.77 -14.75
N LEU D 79 11.72 47.06 -13.80
CA LEU D 79 11.49 46.77 -12.40
C LEU D 79 11.05 48.04 -11.69
N LEU D 80 9.89 47.98 -11.02
CA LEU D 80 9.27 49.14 -10.42
C LEU D 80 9.40 49.07 -8.90
N LEU D 81 9.84 50.18 -8.30
CA LEU D 81 9.94 50.29 -6.85
C LEU D 81 9.21 51.56 -6.42
N GLN D 82 7.99 51.39 -5.90
CA GLN D 82 7.19 52.51 -5.43
C GLN D 82 7.46 52.71 -3.94
N MET D 83 8.08 53.84 -3.60
CA MET D 83 8.41 54.16 -2.22
C MET D 83 7.43 55.21 -1.69
N ASN D 84 6.82 54.91 -0.55
CA ASN D 84 5.84 55.80 0.08
C ASN D 84 6.30 56.17 1.48
N SER D 85 5.91 57.37 1.92
CA SER D 85 6.21 57.87 3.26
C SER D 85 7.72 57.86 3.53
N LEU D 86 8.47 58.44 2.60
CA LEU D 86 9.92 58.51 2.74
C LEU D 86 10.30 59.41 3.91
N ARG D 87 11.35 59.01 4.62
CA ARG D 87 11.88 59.78 5.73
C ARG D 87 13.30 60.25 5.41
N VAL D 88 13.91 60.93 6.39
CA VAL D 88 15.25 61.47 6.18
C VAL D 88 16.28 60.36 6.04
N ASP D 89 16.11 59.26 6.78
CA ASP D 89 17.07 58.16 6.71
C ASP D 89 17.03 57.41 5.38
N ASP D 90 16.03 57.67 4.54
CA ASP D 90 15.92 56.97 3.27
C ASP D 90 16.92 57.47 2.23
N THR D 91 17.66 58.54 2.51
CA THR D 91 18.67 59.04 1.60
C THR D 91 19.72 57.96 1.34
N ALA D 92 19.79 57.46 0.11
CA ALA D 92 20.71 56.39 -0.21
C ALA D 92 20.86 56.28 -1.73
N MET D 93 21.89 55.56 -2.14
CA MET D 93 22.11 55.23 -3.55
C MET D 93 21.46 53.88 -3.82
N TYR D 94 20.39 53.88 -4.62
CA TYR D 94 19.59 52.69 -4.85
C TYR D 94 20.11 51.98 -6.11
N TYR D 95 20.53 50.74 -5.95
CA TYR D 95 20.97 49.90 -7.06
C TYR D 95 19.98 48.76 -7.28
N CYS D 96 19.65 48.50 -8.54
CA CYS D 96 18.75 47.40 -8.90
C CYS D 96 19.57 46.13 -9.03
N ALA D 97 19.92 45.55 -7.88
CA ALA D 97 20.73 44.34 -7.87
C ALA D 97 19.94 43.16 -8.41
N ARG D 98 20.61 42.31 -9.17
CA ARG D 98 20.01 41.12 -9.76
C ARG D 98 20.47 39.88 -9.01
N ASP D 99 19.51 39.05 -8.61
CA ASP D 99 19.83 37.81 -7.93
C ASP D 99 20.61 36.88 -8.87
N VAL D 100 21.64 36.24 -8.33
CA VAL D 100 22.48 35.36 -9.14
C VAL D 100 21.65 34.16 -9.61
N TRP D 101 21.91 33.73 -10.84
CA TRP D 101 21.22 32.58 -11.42
C TRP D 101 22.00 31.32 -11.09
N LEU D 102 21.39 30.43 -10.33
CA LEU D 102 22.00 29.16 -9.96
C LEU D 102 21.18 27.95 -10.39
N LEU D 103 19.85 28.04 -10.28
CA LEU D 103 18.92 27.00 -10.70
C LEU D 103 17.85 27.64 -11.56
N PRO D 104 17.17 26.85 -12.41
CA PRO D 104 16.19 27.42 -13.36
C PRO D 104 15.22 28.40 -12.76
N ALA D 105 14.46 28.01 -11.74
CA ALA D 105 13.48 28.88 -11.09
C ALA D 105 13.70 28.82 -9.58
N THR D 106 14.65 29.63 -9.09
CA THR D 106 14.94 29.71 -7.67
C THR D 106 15.35 31.13 -7.35
N ILE D 107 15.30 31.46 -6.06
CA ILE D 107 15.71 32.76 -5.54
C ILE D 107 16.92 32.54 -4.64
N SER D 108 18.07 33.07 -5.06
CA SER D 108 19.34 32.77 -4.40
C SER D 108 19.76 33.80 -3.36
N TYR D 109 19.19 35.01 -3.40
CA TYR D 109 19.50 36.07 -2.44
C TYR D 109 20.98 36.48 -2.49
N ALA D 110 21.62 36.33 -3.65
CA ALA D 110 22.98 36.78 -3.85
C ALA D 110 23.04 37.59 -5.13
N PHE D 111 23.78 38.69 -5.09
CA PHE D 111 23.68 39.75 -6.09
C PHE D 111 24.86 39.63 -7.05
N ASP D 112 24.64 38.99 -8.19
CA ASP D 112 25.75 38.75 -9.12
C ASP D 112 26.16 40.02 -9.85
N PHE D 113 25.19 40.84 -10.26
CA PHE D 113 25.49 42.07 -10.97
C PHE D 113 24.58 43.18 -10.46
N TRP D 114 25.14 44.36 -10.26
CA TRP D 114 24.44 45.50 -9.69
C TRP D 114 24.23 46.57 -10.77
N GLY D 115 23.41 47.56 -10.42
CA GLY D 115 23.21 48.70 -11.28
C GLY D 115 24.22 49.81 -11.00
N GLN D 116 24.27 50.77 -11.92
CA GLN D 116 25.19 51.90 -11.75
C GLN D 116 24.84 52.72 -10.52
N GLY D 117 23.55 52.95 -10.29
CA GLY D 117 23.10 53.72 -9.14
C GLY D 117 22.13 54.81 -9.55
N THR D 118 21.55 55.42 -8.52
CA THR D 118 20.64 56.55 -8.71
C THR D 118 20.65 57.39 -7.45
N MET D 119 20.36 58.68 -7.62
CA MET D 119 20.35 59.62 -6.50
C MET D 119 18.94 59.69 -5.93
N VAL D 120 18.81 59.32 -4.65
CA VAL D 120 17.54 59.40 -3.93
C VAL D 120 17.83 60.08 -2.60
N THR D 121 17.30 61.28 -2.41
CA THR D 121 17.54 62.04 -1.20
C THR D 121 16.23 62.66 -0.73
N VAL D 122 16.17 62.90 0.58
CA VAL D 122 15.01 63.48 1.24
C VAL D 122 15.50 64.68 2.04
N SER D 123 15.01 65.87 1.69
CA SER D 123 15.43 67.09 2.37
C SER D 123 14.36 68.15 2.18
N SER D 124 14.43 69.18 3.00
CA SER D 124 13.49 70.29 2.92
C SER D 124 14.15 71.55 2.36
N VAL E 1 17.37 39.75 13.93
CA VAL E 1 18.11 40.21 12.76
C VAL E 1 19.56 39.72 12.84
N ILE E 2 20.04 39.16 11.74
CA ILE E 2 21.41 38.64 11.68
C ILE E 2 22.38 39.80 11.48
N TRP E 3 23.36 39.90 12.37
CA TRP E 3 24.29 41.02 12.40
C TRP E 3 25.64 40.59 11.84
N MET E 4 26.13 41.31 10.84
CA MET E 4 27.47 41.12 10.30
C MET E 4 28.47 42.00 11.01
N THR E 5 29.64 41.43 11.32
CA THR E 5 30.77 42.15 11.89
C THR E 5 31.99 41.83 11.03
N GLN E 6 32.16 42.57 9.94
CA GLN E 6 33.27 42.37 9.02
C GLN E 6 34.46 43.17 9.53
N SER E 7 35.39 42.49 10.18
CA SER E 7 36.54 43.13 10.80
C SER E 7 37.83 42.51 10.28
N PRO E 8 38.93 43.27 10.26
CA PRO E 8 39.07 44.67 10.66
C PRO E 8 38.52 45.65 9.63
N PRO E 9 38.09 46.83 10.07
CA PRO E 9 37.49 47.80 9.14
C PRO E 9 38.44 48.28 8.06
N SER E 10 39.76 48.18 8.27
CA SER E 10 40.70 48.65 7.27
C SER E 10 42.03 47.92 7.45
N LEU E 11 42.72 47.70 6.33
CA LEU E 11 44.05 47.10 6.31
C LEU E 11 44.86 47.75 5.21
N SER E 12 46.09 47.28 5.05
CA SER E 12 47.02 47.82 4.05
C SER E 12 47.99 46.73 3.65
N ALA E 13 48.11 46.50 2.33
CA ALA E 13 49.02 45.49 1.82
C ALA E 13 49.44 45.87 0.41
N SER E 14 50.71 45.63 0.10
CA SER E 14 51.25 45.95 -1.22
C SER E 14 50.98 44.82 -2.20
N ILE E 15 51.46 44.99 -3.43
CA ILE E 15 51.28 43.98 -4.46
C ILE E 15 52.04 42.72 -4.09
N GLY E 16 51.38 41.57 -4.27
CA GLY E 16 51.98 40.28 -3.95
C GLY E 16 51.87 39.87 -2.51
N ASP E 17 51.33 40.72 -1.63
CA ASP E 17 51.16 40.37 -0.24
C ASP E 17 49.91 39.52 -0.03
N THR E 18 49.82 38.93 1.15
CA THR E 18 48.65 38.18 1.57
C THR E 18 47.85 39.00 2.57
N VAL E 19 46.54 38.78 2.59
CA VAL E 19 45.64 39.54 3.45
C VAL E 19 44.44 38.67 3.78
N THR E 20 43.94 38.81 5.01
CA THR E 20 42.77 38.09 5.47
C THR E 20 41.80 39.05 6.12
N ILE E 21 40.51 38.79 5.93
CA ILE E 21 39.43 39.59 6.52
C ILE E 21 38.41 38.64 7.11
N THR E 22 37.87 39.03 8.27
CA THR E 22 37.03 38.14 9.07
C THR E 22 35.62 38.71 9.16
N CYS E 23 34.62 37.86 8.92
CA CYS E 23 33.22 38.20 9.08
C CYS E 23 32.62 37.31 10.16
N ARG E 24 31.88 37.91 11.08
CA ARG E 24 31.23 37.18 12.16
C ARG E 24 29.74 37.46 12.15
N ALA E 25 28.97 36.46 12.57
CA ALA E 25 27.52 36.55 12.59
C ALA E 25 27.00 36.36 14.00
N SER E 26 25.84 36.96 14.29
CA SER E 26 25.23 36.81 15.60
C SER E 26 24.87 35.36 15.89
N GLN E 27 24.60 34.57 14.85
CA GLN E 27 24.32 33.16 15.00
C GLN E 27 24.77 32.43 13.75
N GLY E 28 24.95 31.12 13.87
CA GLY E 28 25.41 30.30 12.76
C GLY E 28 24.50 30.40 11.55
N ILE E 29 25.09 30.64 10.37
CA ILE E 29 24.34 30.79 9.14
C ILE E 29 24.55 29.62 8.19
N SER E 30 25.41 28.67 8.54
CA SER E 30 25.61 27.44 7.78
C SER E 30 26.01 27.73 6.32
N ASN E 31 27.17 28.36 6.18
CA ASN E 31 27.80 28.63 4.90
C ASN E 31 26.94 29.52 4.00
N SER E 32 25.95 30.21 4.55
CA SER E 32 25.10 31.09 3.77
C SER E 32 25.56 32.55 3.89
N ILE E 33 26.77 32.79 3.39
CA ILE E 33 27.35 34.13 3.36
C ILE E 33 27.91 34.37 1.97
N ALA E 34 27.94 35.65 1.58
CA ALA E 34 28.45 36.06 0.28
C ALA E 34 29.45 37.20 0.46
N TRP E 35 30.47 37.21 -0.39
CA TRP E 35 31.54 38.19 -0.31
C TRP E 35 31.48 39.10 -1.53
N TYR E 36 31.47 40.41 -1.29
CA TYR E 36 31.34 41.40 -2.34
C TYR E 36 32.52 42.37 -2.27
N GLN E 37 33.07 42.70 -3.44
CA GLN E 37 34.12 43.70 -3.57
C GLN E 37 33.67 44.79 -4.52
N ARG E 38 34.13 46.02 -4.26
CA ARG E 38 33.75 47.17 -5.06
C ARG E 38 35.01 47.95 -5.41
N ARG E 39 35.41 47.89 -6.68
CA ARG E 39 36.50 48.71 -7.16
C ARG E 39 36.11 50.18 -7.06
N PRO E 40 37.07 51.08 -6.81
CA PRO E 40 36.75 52.50 -6.69
C PRO E 40 36.06 53.02 -7.95
N GLY E 41 34.89 53.64 -7.75
CA GLY E 41 34.12 54.15 -8.87
C GLY E 41 33.39 53.11 -9.69
N LYS E 42 33.36 51.86 -9.23
CA LYS E 42 32.72 50.78 -9.96
C LYS E 42 31.58 50.19 -9.15
N ALA E 43 30.71 49.46 -9.84
CA ALA E 43 29.62 48.76 -9.19
C ALA E 43 30.13 47.50 -8.50
N PRO E 44 29.48 47.09 -7.41
CA PRO E 44 29.92 45.87 -6.72
C PRO E 44 29.75 44.63 -7.61
N GLU E 45 30.58 43.63 -7.36
CA GLU E 45 30.51 42.36 -8.06
C GLU E 45 30.57 41.21 -7.06
N LEU E 46 29.92 40.12 -7.40
CA LEU E 46 29.89 38.94 -6.55
C LEU E 46 31.17 38.14 -6.73
N LEU E 47 31.83 37.83 -5.61
CA LEU E 47 33.04 37.01 -5.63
C LEU E 47 32.78 35.61 -5.11
N VAL E 48 32.25 35.50 -3.89
CA VAL E 48 32.08 34.22 -3.21
C VAL E 48 30.62 34.08 -2.79
N TYR E 49 30.05 32.91 -3.06
CA TYR E 49 28.74 32.53 -2.53
C TYR E 49 28.85 31.10 -2.00
N ALA E 50 27.94 30.77 -1.09
CA ALA E 50 27.99 29.53 -0.30
C ALA E 50 29.25 29.44 0.56
N ALA E 51 29.96 30.55 0.72
CA ALA E 51 31.08 30.73 1.64
C ALA E 51 32.36 30.03 1.17
N TYR E 52 32.27 29.19 0.14
CA TYR E 52 33.50 28.68 -0.46
C TYR E 52 33.42 28.48 -1.97
N ARG E 53 32.31 28.84 -2.62
CA ARG E 53 32.19 28.69 -4.07
C ARG E 53 32.37 30.06 -4.70
N LEU E 54 33.58 30.32 -5.17
CA LEU E 54 33.85 31.58 -5.87
C LEU E 54 33.15 31.59 -7.22
N GLN E 55 32.61 32.75 -7.58
CA GLN E 55 31.93 32.90 -8.86
C GLN E 55 32.92 32.76 -10.01
N SER E 56 32.41 32.28 -11.15
CA SER E 56 33.25 32.10 -12.33
C SER E 56 33.86 33.44 -12.75
N GLY E 57 35.14 33.41 -13.11
CA GLY E 57 35.88 34.60 -13.46
C GLY E 57 36.70 35.19 -12.33
N VAL E 58 36.43 34.78 -11.09
CA VAL E 58 37.22 35.25 -9.94
C VAL E 58 38.62 34.64 -10.02
N PRO E 59 39.68 35.40 -9.76
CA PRO E 59 41.03 34.81 -9.74
C PRO E 59 41.13 33.71 -8.69
N SER E 60 41.90 32.68 -9.01
CA SER E 60 42.01 31.52 -8.13
C SER E 60 42.66 31.85 -6.79
N ARG E 61 43.39 32.96 -6.70
CA ARG E 61 44.00 33.34 -5.43
C ARG E 61 42.93 33.66 -4.38
N LEU E 62 41.85 34.32 -4.78
CA LEU E 62 40.76 34.59 -3.86
C LEU E 62 40.07 33.29 -3.46
N SER E 63 39.77 33.15 -2.18
CA SER E 63 39.14 31.94 -1.66
C SER E 63 38.54 32.22 -0.30
N GLY E 64 37.30 31.78 -0.10
CA GLY E 64 36.64 31.89 1.17
C GLY E 64 36.65 30.57 1.94
N SER E 65 36.43 30.67 3.24
CA SER E 65 36.46 29.49 4.11
C SER E 65 35.62 29.80 5.35
N GLY E 66 35.74 28.94 6.36
CA GLY E 66 35.00 29.09 7.60
C GLY E 66 33.68 28.35 7.58
N SER E 67 33.08 28.29 8.76
CA SER E 67 31.80 27.59 8.94
C SER E 67 31.14 28.12 10.21
N GLY E 68 29.86 27.81 10.34
CA GLY E 68 29.10 28.24 11.50
C GLY E 68 28.85 29.73 11.51
N ALA E 69 29.52 30.45 12.42
CA ALA E 69 29.41 31.90 12.51
C ALA E 69 30.72 32.60 12.18
N GLU E 70 31.73 31.86 11.71
CA GLU E 70 33.02 32.41 11.36
C GLU E 70 33.29 32.16 9.89
N TYR E 71 33.58 33.23 9.14
CA TYR E 71 33.86 33.12 7.72
C TYR E 71 34.92 34.15 7.35
N THR E 72 36.00 33.69 6.73
CA THR E 72 37.15 34.53 6.42
C THR E 72 37.45 34.47 4.93
N LEU E 73 37.63 35.64 4.32
CA LEU E 73 38.05 35.75 2.93
C LEU E 73 39.54 36.03 2.91
N THR E 74 40.30 35.14 2.28
CA THR E 74 41.76 35.23 2.24
C THR E 74 42.22 35.49 0.82
N ILE E 75 43.01 36.53 0.64
CA ILE E 75 43.60 36.89 -0.64
C ILE E 75 45.10 36.71 -0.54
N LYS E 76 45.66 35.83 -1.37
CA LYS E 76 47.09 35.55 -1.38
C LYS E 76 47.70 36.13 -2.66
N ASN E 77 48.84 36.80 -2.51
CA ASN E 77 49.53 37.46 -3.61
C ASN E 77 48.61 38.44 -4.33
N MET E 78 48.16 39.44 -3.57
CA MET E 78 47.23 40.43 -4.09
C MET E 78 47.86 41.22 -5.23
N GLN E 79 47.11 41.39 -6.32
CA GLN E 79 47.56 42.15 -7.47
C GLN E 79 47.04 43.57 -7.37
N PRO E 80 47.41 44.45 -8.30
CA PRO E 80 46.88 45.83 -8.26
C PRO E 80 45.37 45.90 -8.36
N GLU E 81 44.74 44.99 -9.10
CA GLU E 81 43.30 44.99 -9.29
C GLU E 81 42.55 44.31 -8.14
N ASP E 82 43.20 44.10 -7.00
CA ASP E 82 42.56 43.45 -5.86
C ASP E 82 42.46 44.35 -4.64
N PHE E 83 42.95 45.59 -4.72
CA PHE E 83 42.89 46.51 -3.59
C PHE E 83 41.62 47.35 -3.71
N ALA E 84 40.60 46.98 -2.94
CA ALA E 84 39.32 47.68 -2.96
C ALA E 84 38.56 47.31 -1.69
N THR E 85 37.40 47.94 -1.52
CA THR E 85 36.54 47.62 -0.38
C THR E 85 35.94 46.22 -0.55
N TYR E 86 35.75 45.54 0.58
CA TYR E 86 35.17 44.20 0.57
C TYR E 86 34.01 44.15 1.54
N TYR E 87 32.92 43.50 1.11
CA TYR E 87 31.71 43.42 1.89
C TYR E 87 31.29 41.96 2.04
N CYS E 88 30.94 41.57 3.26
CA CYS E 88 30.41 40.24 3.55
C CYS E 88 28.91 40.33 3.76
N GLN E 89 28.15 39.55 2.98
CA GLN E 89 26.70 39.58 3.03
C GLN E 89 26.18 38.18 3.28
N GLN E 90 25.26 38.05 4.23
CA GLN E 90 24.63 36.78 4.55
C GLN E 90 23.28 36.68 3.86
N TYR E 91 22.85 35.44 3.59
CA TYR E 91 21.52 35.19 3.04
C TYR E 91 20.87 33.97 3.67
N TYR E 92 21.22 33.68 4.93
CA TYR E 92 20.63 32.53 5.61
C TYR E 92 19.19 32.80 6.02
N ASP E 93 18.91 34.00 6.52
CA ASP E 93 17.58 34.35 7.01
C ASP E 93 17.24 35.74 6.47
N ASN E 94 16.16 36.32 6.99
CA ASN E 94 15.69 37.63 6.58
C ASN E 94 15.53 38.53 7.79
N PRO E 95 15.74 39.85 7.63
CA PRO E 95 16.14 40.51 6.39
C PRO E 95 17.62 40.35 6.08
N LEU E 96 17.98 40.45 4.80
CA LEU E 96 19.38 40.33 4.41
C LEU E 96 20.18 41.51 4.94
N THR E 97 21.36 41.22 5.47
CA THR E 97 22.23 42.24 6.04
C THR E 97 23.61 42.12 5.43
N PHE E 98 24.26 43.27 5.26
CA PHE E 98 25.60 43.34 4.70
C PHE E 98 26.63 43.57 5.80
N GLY E 99 27.90 43.44 5.42
CA GLY E 99 28.98 43.69 6.36
C GLY E 99 29.31 45.16 6.48
N GLY E 100 30.07 45.49 7.53
CA GLY E 100 30.50 46.86 7.73
C GLY E 100 31.42 47.35 6.62
N GLY E 101 32.33 46.48 6.18
CA GLY E 101 33.24 46.83 5.10
C GLY E 101 34.68 46.94 5.55
N THR E 102 35.60 46.45 4.73
CA THR E 102 37.02 46.52 5.03
C THR E 102 37.75 47.23 3.88
N LYS E 103 38.77 48.00 4.24
CA LYS E 103 39.53 48.80 3.29
C LYS E 103 40.96 48.27 3.21
N VAL E 104 41.48 48.17 1.98
CA VAL E 104 42.86 47.77 1.74
C VAL E 104 43.49 48.81 0.83
N GLU E 105 44.14 49.80 1.44
CA GLU E 105 44.82 50.86 0.71
C GLU E 105 46.32 50.59 0.70
N ILE E 106 46.94 50.74 -0.47
CA ILE E 106 48.37 50.47 -0.59
C ILE E 106 49.15 51.47 0.23
N LYS E 107 50.17 50.97 0.94
CA LYS E 107 51.01 51.83 1.78
C LYS E 107 51.90 52.73 0.93
N ALA F 1 1.01 -28.29 -47.20
CA ALA F 1 0.62 -29.13 -48.32
C ALA F 1 -0.12 -28.32 -49.38
N ASN F 2 0.61 -27.45 -50.07
CA ASN F 2 0.02 -26.61 -51.10
C ASN F 2 1.05 -26.40 -52.21
N PHE F 3 0.56 -26.03 -53.38
CA PHE F 3 1.40 -25.77 -54.55
C PHE F 3 0.96 -24.47 -55.21
N TYR F 4 1.91 -23.82 -55.88
CA TYR F 4 1.65 -22.55 -56.54
C TYR F 4 2.39 -22.51 -57.87
N VAL F 5 1.81 -21.79 -58.84
CA VAL F 5 2.42 -21.53 -60.13
C VAL F 5 2.55 -20.03 -60.29
N CYS F 6 3.76 -19.55 -60.54
CA CYS F 6 4.02 -18.12 -60.63
C CYS F 6 4.23 -17.73 -62.08
N PRO F 7 3.30 -17.03 -62.71
CA PRO F 7 3.51 -16.53 -64.07
C PRO F 7 4.56 -15.44 -64.09
N PRO F 8 5.24 -15.23 -65.21
CA PRO F 8 6.24 -14.16 -65.30
C PRO F 8 5.60 -12.80 -65.05
N PRO F 9 6.09 -12.06 -64.07
CA PRO F 9 5.48 -10.76 -63.75
C PRO F 9 5.65 -9.76 -64.88
N THR F 10 4.68 -8.87 -65.01
CA THR F 10 4.70 -7.79 -65.98
C THR F 10 4.80 -6.46 -65.24
N GLY F 11 4.74 -5.37 -66.01
CA GLY F 11 4.80 -4.03 -65.46
C GLY F 11 3.49 -3.49 -64.93
N ALA F 12 2.45 -4.31 -64.87
CA ALA F 12 1.14 -3.83 -64.42
C ALA F 12 1.18 -3.43 -62.95
N THR F 13 1.76 -4.27 -62.10
CA THR F 13 1.81 -4.03 -60.66
C THR F 13 3.24 -3.78 -60.24
N VAL F 14 3.47 -2.68 -59.52
CA VAL F 14 4.79 -2.29 -59.04
C VAL F 14 4.69 -2.03 -57.54
N VAL F 15 5.64 -2.57 -56.78
CA VAL F 15 5.68 -2.40 -55.34
C VAL F 15 7.06 -1.90 -54.94
N GLN F 16 7.10 -1.18 -53.82
CA GLN F 16 8.33 -0.57 -53.33
C GLN F 16 8.45 -0.78 -51.83
N PHE F 17 9.70 -0.92 -51.37
CA PHE F 17 9.95 -1.05 -49.94
C PHE F 17 9.85 0.30 -49.25
N GLU F 18 9.28 0.29 -48.04
CA GLU F 18 9.15 1.51 -47.27
C GLU F 18 10.52 2.02 -46.83
N GLN F 19 10.70 3.33 -46.89
CA GLN F 19 11.93 3.94 -46.40
C GLN F 19 12.03 3.82 -44.88
N PRO F 20 13.25 3.92 -44.33
CA PRO F 20 13.41 3.85 -42.87
C PRO F 20 12.51 4.82 -42.14
N ARG F 21 11.58 4.28 -41.35
CA ARG F 21 10.71 5.13 -40.55
C ARG F 21 11.53 5.91 -39.53
N ARG F 22 11.04 7.09 -39.17
CA ARG F 22 11.76 7.94 -38.24
C ARG F 22 11.75 7.31 -36.86
N CYS F 23 12.92 6.90 -36.39
CA CYS F 23 13.02 6.26 -35.08
C CYS F 23 12.63 7.26 -34.00
N PRO F 24 11.79 6.87 -33.04
CA PRO F 24 11.41 7.80 -31.98
C PRO F 24 12.61 8.21 -31.15
N THR F 25 12.57 9.42 -30.65
CA THR F 25 13.65 9.95 -29.82
C THR F 25 13.38 9.65 -28.35
N ARG F 26 14.47 9.54 -27.59
CA ARG F 26 14.33 9.29 -26.16
C ARG F 26 13.68 10.50 -25.49
N PRO F 27 12.90 10.27 -24.43
CA PRO F 27 12.31 11.39 -23.71
C PRO F 27 13.40 12.28 -23.10
N GLU F 28 13.07 13.56 -22.95
CA GLU F 28 14.04 14.53 -22.43
C GLU F 28 14.52 14.19 -21.03
N GLY F 29 13.78 13.37 -20.31
CA GLY F 29 14.18 12.99 -18.96
C GLY F 29 13.68 13.96 -17.92
N GLN F 30 13.19 13.42 -16.80
CA GLN F 30 12.67 14.26 -15.72
C GLN F 30 13.81 15.06 -15.11
N ASN F 31 13.77 16.37 -15.27
CA ASN F 31 14.80 17.25 -14.74
C ASN F 31 14.65 17.30 -13.22
N TYR F 32 15.47 16.52 -12.53
CA TYR F 32 15.38 16.41 -11.08
C TYR F 32 16.22 17.48 -10.40
N THR F 33 15.77 17.93 -9.23
CA THR F 33 16.48 18.92 -8.43
C THR F 33 16.72 18.31 -7.05
N GLU F 34 17.97 17.97 -6.76
CA GLU F 34 18.32 17.41 -5.46
C GLU F 34 18.20 18.48 -4.39
N GLY F 35 18.02 18.04 -3.15
CA GLY F 35 17.93 18.96 -2.04
C GLY F 35 17.43 18.37 -0.74
N ILE F 36 17.83 18.97 0.37
CA ILE F 36 17.35 18.54 1.67
C ILE F 36 15.85 18.83 1.78
N ALA F 37 15.16 18.00 2.57
CA ALA F 37 13.74 18.21 2.80
C ALA F 37 13.36 17.66 4.16
N VAL F 38 12.35 18.29 4.77
CA VAL F 38 11.81 17.87 6.05
C VAL F 38 10.30 17.92 5.92
N VAL F 39 9.67 16.76 5.74
CA VAL F 39 8.22 16.71 5.62
C VAL F 39 7.58 16.88 6.98
N PHE F 40 6.53 17.69 7.04
CA PHE F 40 5.82 17.98 8.28
C PHE F 40 4.43 17.37 8.23
N LYS F 41 3.94 16.95 9.39
CA LYS F 41 2.61 16.38 9.52
C LYS F 41 1.83 17.14 10.59
N GLU F 42 0.51 17.13 10.47
CA GLU F 42 -0.34 17.85 11.42
C GLU F 42 -0.13 17.31 12.83
N ASN F 43 0.07 18.23 13.78
CA ASN F 43 0.39 17.88 15.16
C ASN F 43 -0.90 17.52 15.88
N ILE F 44 -1.28 16.24 15.80
CA ILE F 44 -2.42 15.76 16.58
C ILE F 44 -2.03 15.53 18.03
N ALA F 45 -0.75 15.42 18.33
CA ALA F 45 -0.32 15.25 19.71
C ALA F 45 -0.59 16.54 20.50
N PRO F 46 -1.09 16.44 21.72
CA PRO F 46 -1.38 17.64 22.50
C PRO F 46 -0.13 18.36 22.96
N TYR F 47 -0.29 19.52 23.58
CA TYR F 47 0.82 20.31 24.12
C TYR F 47 0.94 19.97 25.60
N LYS F 48 1.94 19.16 25.94
CA LYS F 48 2.11 18.70 27.30
C LYS F 48 3.04 19.63 28.07
N PHE F 49 2.68 19.89 29.33
CA PHE F 49 3.51 20.70 30.21
C PHE F 49 3.25 20.29 31.65
N LYS F 50 4.22 20.55 32.52
CA LYS F 50 4.11 20.16 33.91
C LYS F 50 3.32 21.21 34.69
N ALA F 51 2.33 20.74 35.47
CA ALA F 51 1.51 21.59 36.29
C ALA F 51 1.41 21.00 37.69
N THR F 52 1.33 21.88 38.68
CA THR F 52 1.28 21.48 40.08
C THR F 52 -0.09 21.82 40.66
N MET F 53 -0.74 20.84 41.26
CA MET F 53 -2.06 21.00 41.84
C MET F 53 -1.94 21.14 43.35
N TYR F 54 -2.46 22.23 43.89
CA TYR F 54 -2.44 22.48 45.33
C TYR F 54 -3.88 22.47 45.82
N TYR F 55 -4.34 21.33 46.32
CA TYR F 55 -5.69 21.21 46.82
C TYR F 55 -5.68 20.47 48.16
N LYS F 56 -6.71 20.73 48.95
CA LYS F 56 -6.88 20.13 50.27
C LYS F 56 -8.11 19.23 50.22
N ASP F 57 -7.91 17.93 50.39
CA ASP F 57 -9.00 16.96 50.34
C ASP F 57 -9.81 17.07 51.64
N VAL F 58 -10.67 18.08 51.69
CA VAL F 58 -11.55 18.26 52.83
C VAL F 58 -12.57 17.13 52.81
N THR F 59 -12.51 16.26 53.83
CA THR F 59 -13.47 15.16 53.96
C THR F 59 -14.02 15.16 55.38
N VAL F 60 -15.33 15.02 55.49
CA VAL F 60 -16.02 14.97 56.78
C VAL F 60 -16.90 13.72 56.79
N SER F 61 -16.93 13.04 57.94
CA SER F 61 -17.65 11.79 58.07
C SER F 61 -18.52 11.82 59.32
N GLN F 62 -19.78 11.43 59.17
CA GLN F 62 -20.68 11.25 60.29
C GLN F 62 -20.75 9.77 60.64
N VAL F 63 -20.50 9.45 61.91
CA VAL F 63 -20.33 8.08 62.36
C VAL F 63 -21.33 7.80 63.48
N TRP F 64 -22.05 6.69 63.37
CA TRP F 64 -22.88 6.20 64.46
C TRP F 64 -21.99 5.37 65.38
N PHE F 65 -21.96 5.73 66.67
CA PHE F 65 -21.34 4.89 67.69
C PHE F 65 -22.47 4.16 68.40
N GLY F 66 -22.68 2.90 68.02
CA GLY F 66 -23.80 2.13 68.50
C GLY F 66 -23.66 1.75 69.97
N HIS F 67 -24.66 1.03 70.45
CA HIS F 67 -24.65 0.56 71.83
C HIS F 67 -23.44 -0.33 72.11
N ARG F 68 -22.87 -0.94 71.07
CA ARG F 68 -21.72 -1.81 71.24
C ARG F 68 -20.56 -1.54 70.30
N TYR F 69 -20.79 -1.06 69.08
CA TYR F 69 -19.69 -0.92 68.14
C TYR F 69 -20.10 0.06 67.03
N SER F 70 -19.09 0.67 66.42
CA SER F 70 -19.25 1.85 65.56
C SER F 70 -19.76 1.49 64.17
N GLN F 71 -20.15 2.52 63.42
CA GLN F 71 -20.75 2.40 62.10
C GLN F 71 -20.78 3.78 61.44
N PHE F 72 -20.45 3.83 60.15
CA PHE F 72 -20.49 5.07 59.38
C PHE F 72 -21.92 5.44 59.00
N MET F 73 -22.11 6.74 58.71
CA MET F 73 -23.37 7.25 58.19
C MET F 73 -23.16 8.29 57.07
N GLY F 74 -22.03 8.26 56.38
CA GLY F 74 -21.78 9.21 55.32
C GLY F 74 -20.42 9.84 55.39
N ILE F 75 -19.74 9.92 54.25
CA ILE F 75 -18.42 10.53 54.15
C ILE F 75 -18.46 11.53 53.00
N PHE F 76 -18.46 12.81 53.33
CA PHE F 76 -18.50 13.87 52.33
C PHE F 76 -17.07 14.19 51.91
N GLU F 77 -16.62 13.52 50.84
CA GLU F 77 -15.30 13.79 50.30
C GLU F 77 -15.37 14.99 49.37
N ASP F 78 -14.43 15.92 49.51
CA ASP F 78 -14.42 17.13 48.72
C ASP F 78 -12.98 17.55 48.46
N ARG F 79 -12.78 18.25 47.33
CA ARG F 79 -11.50 18.82 46.98
C ARG F 79 -11.60 20.34 47.06
N ALA F 80 -10.67 20.95 47.80
CA ALA F 80 -10.77 22.37 48.06
C ALA F 80 -9.53 23.09 47.58
N PRO F 81 -9.68 24.26 46.97
CA PRO F 81 -8.52 25.05 46.54
C PRO F 81 -7.88 25.76 47.72
N VAL F 82 -6.73 26.38 47.44
CA VAL F 82 -5.98 27.11 48.46
C VAL F 82 -5.69 28.52 47.95
N PRO F 83 -5.58 29.51 48.82
CA PRO F 83 -5.34 30.88 48.35
C PRO F 83 -3.98 31.03 47.67
N PHE F 84 -3.92 31.98 46.74
CA PHE F 84 -2.67 32.34 46.11
C PHE F 84 -1.62 32.71 47.14
N GLU F 85 -2.01 33.49 48.15
CA GLU F 85 -1.07 33.88 49.20
C GLU F 85 -0.59 32.66 49.97
N GLU F 86 -1.48 31.70 50.23
CA GLU F 86 -1.06 30.48 50.90
C GLU F 86 -0.03 29.72 50.08
N VAL F 87 -0.28 29.58 48.78
CA VAL F 87 0.67 28.87 47.92
C VAL F 87 2.02 29.59 47.90
N ILE F 88 1.99 30.91 47.76
CA ILE F 88 3.23 31.67 47.63
C ILE F 88 4.03 31.62 48.93
N ASP F 89 3.37 31.84 50.06
CA ASP F 89 4.10 31.97 51.33
C ASP F 89 4.40 30.61 51.95
N LYS F 90 3.36 29.83 52.25
CA LYS F 90 3.57 28.63 53.06
C LYS F 90 4.01 27.44 52.21
N ILE F 91 3.45 27.28 51.01
CA ILE F 91 3.74 26.10 50.21
C ILE F 91 5.12 26.19 49.59
N ASN F 92 5.35 27.20 48.76
CA ASN F 92 6.60 27.27 48.01
C ASN F 92 7.77 27.64 48.90
N ALA F 93 7.60 28.65 49.76
CA ALA F 93 8.74 29.17 50.52
C ALA F 93 9.05 28.29 51.73
N LYS F 94 8.11 28.18 52.65
CA LYS F 94 8.35 27.44 53.89
C LYS F 94 8.14 25.94 53.75
N GLY F 95 7.53 25.48 52.64
CA GLY F 95 7.30 24.06 52.48
C GLY F 95 6.26 23.47 53.40
N VAL F 96 5.38 24.30 53.96
CA VAL F 96 4.35 23.83 54.88
C VAL F 96 2.98 24.17 54.33
N CYS F 97 1.93 23.74 55.01
CA CYS F 97 0.57 24.06 54.62
C CYS F 97 -0.29 24.19 55.87
N ARG F 98 -1.32 25.02 55.77
CA ARG F 98 -2.19 25.26 56.91
C ARG F 98 -3.10 24.06 57.16
N SER F 99 -3.66 24.01 58.37
CA SER F 99 -4.65 23.00 58.71
C SER F 99 -6.07 23.42 58.36
N THR F 100 -6.24 24.60 57.79
CA THR F 100 -7.54 25.10 57.37
C THR F 100 -7.58 25.24 55.85
N ALA F 101 -8.80 25.24 55.32
CA ALA F 101 -9.03 25.39 53.88
C ALA F 101 -10.19 26.35 53.69
N LYS F 102 -9.89 27.59 53.32
CA LYS F 102 -10.91 28.58 53.04
C LYS F 102 -11.24 28.54 51.55
N TYR F 103 -12.49 28.20 51.24
CA TYR F 103 -12.90 27.95 49.85
C TYR F 103 -14.40 28.13 49.76
N VAL F 104 -14.88 28.23 48.52
CA VAL F 104 -16.27 28.55 48.24
C VAL F 104 -16.92 27.36 47.55
N ARG F 105 -17.68 26.58 48.32
CA ARG F 105 -18.56 25.54 47.78
C ARG F 105 -20.00 26.01 47.84
N ASN F 106 -20.77 25.63 46.82
CA ASN F 106 -22.22 25.80 46.82
C ASN F 106 -22.60 27.27 47.04
N ASN F 107 -21.84 28.18 46.42
CA ASN F 107 -22.05 29.62 46.57
C ASN F 107 -22.05 30.03 48.04
N LEU F 108 -21.14 29.45 48.81
CA LEU F 108 -20.99 29.77 50.22
C LEU F 108 -19.54 29.58 50.61
N GLU F 109 -19.07 30.42 51.52
CA GLU F 109 -17.68 30.37 51.97
C GLU F 109 -17.58 29.47 53.20
N THR F 110 -16.63 28.53 53.17
CA THR F 110 -16.49 27.54 54.23
C THR F 110 -15.03 27.32 54.54
N THR F 111 -14.75 26.94 55.79
CA THR F 111 -13.44 26.49 56.20
C THR F 111 -13.56 25.19 56.98
N ALA F 112 -12.58 24.32 56.80
CA ALA F 112 -12.50 23.05 57.53
C ALA F 112 -11.15 22.98 58.21
N PHE F 113 -11.14 22.63 59.49
CA PHE F 113 -9.93 22.52 60.27
C PHE F 113 -9.55 21.05 60.39
N HIS F 114 -8.31 20.73 60.02
CA HIS F 114 -7.85 19.34 60.10
C HIS F 114 -7.94 18.85 61.53
N ARG F 115 -8.51 17.65 61.70
CA ARG F 115 -8.79 17.04 63.00
C ARG F 115 -9.72 17.91 63.84
N ASP F 116 -10.32 18.94 63.25
CA ASP F 116 -11.23 19.86 63.94
C ASP F 116 -10.55 20.55 65.13
N ASP F 117 -9.25 20.75 65.04
CA ASP F 117 -8.50 21.46 66.06
C ASP F 117 -8.26 22.90 65.61
N HIS F 118 -7.50 23.64 66.41
CA HIS F 118 -7.18 25.01 66.06
C HIS F 118 -6.18 25.04 64.90
N GLU F 119 -6.07 26.22 64.28
CA GLU F 119 -5.25 26.36 63.09
C GLU F 119 -3.78 26.05 63.38
N THR F 120 -3.16 25.26 62.50
CA THR F 120 -1.75 24.92 62.61
C THR F 120 -1.21 24.65 61.22
N ASP F 121 0.11 24.67 61.10
CA ASP F 121 0.80 24.48 59.82
C ASP F 121 1.56 23.15 59.87
N MET F 122 0.98 22.11 59.27
CA MET F 122 1.68 20.84 59.18
C MET F 122 2.85 20.95 58.21
N GLU F 123 3.88 20.16 58.46
CA GLU F 123 5.03 20.09 57.57
C GLU F 123 4.71 19.17 56.40
N LEU F 124 4.63 19.73 55.21
CA LEU F 124 4.33 18.95 54.01
C LEU F 124 5.41 17.90 53.79
N LYS F 125 4.97 16.66 53.54
CA LYS F 125 5.86 15.52 53.42
C LYS F 125 5.52 14.72 52.18
N PRO F 126 6.49 14.01 51.61
CA PRO F 126 6.22 13.22 50.40
C PRO F 126 5.30 12.05 50.68
N ALA F 127 4.51 11.69 49.66
CA ALA F 127 3.63 10.55 49.74
C ALA F 127 4.41 9.26 49.53
N ASN F 128 3.93 8.19 50.18
CA ASN F 128 4.57 6.89 50.03
C ASN F 128 4.52 6.42 48.57
N ALA F 129 5.63 5.90 48.09
CA ALA F 129 5.77 5.57 46.69
C ALA F 129 5.08 4.25 46.37
N ALA F 130 4.15 4.28 45.44
CA ALA F 130 3.50 3.10 44.90
C ALA F 130 3.99 2.86 43.48
N THR F 131 3.43 1.84 42.83
CA THR F 131 3.86 1.47 41.50
C THR F 131 3.49 2.56 40.49
N ARG F 132 4.45 2.94 39.64
CA ARG F 132 4.26 3.91 38.58
C ARG F 132 3.63 5.20 39.10
N THR F 133 4.23 5.75 40.15
CA THR F 133 3.74 6.98 40.78
C THR F 133 4.79 8.07 40.67
N SER F 134 4.36 9.27 40.28
CA SER F 134 5.24 10.42 40.21
C SER F 134 5.42 10.99 41.61
N ARG F 135 6.00 12.18 41.70
CA ARG F 135 6.27 12.82 43.00
C ARG F 135 5.01 13.53 43.47
N GLY F 136 4.33 12.97 44.47
CA GLY F 136 3.21 13.59 45.11
C GLY F 136 3.57 14.01 46.52
N TRP F 137 2.64 14.73 47.15
CA TRP F 137 2.86 15.24 48.50
C TRP F 137 1.53 15.37 49.22
N HIS F 138 1.58 15.21 50.55
CA HIS F 138 0.39 15.34 51.38
C HIS F 138 0.84 15.60 52.81
N THR F 139 0.11 16.48 53.51
CA THR F 139 0.48 16.82 54.87
C THR F 139 0.12 15.70 55.84
N THR F 140 -1.05 15.09 55.68
CA THR F 140 -1.53 14.06 56.58
C THR F 140 -1.63 12.72 55.85
N ASP F 141 -1.28 11.65 56.56
CA ASP F 141 -1.37 10.30 56.04
C ASP F 141 -2.62 9.57 56.48
N LEU F 142 -2.96 9.67 57.77
CA LEU F 142 -4.20 9.10 58.27
C LEU F 142 -5.35 10.06 58.00
N LYS F 143 -6.56 9.67 58.41
CA LYS F 143 -7.74 10.50 58.28
C LYS F 143 -8.45 10.53 59.63
N TYR F 144 -8.73 11.74 60.11
CA TYR F 144 -9.33 11.90 61.43
C TYR F 144 -10.76 11.35 61.43
N ASN F 145 -11.10 10.62 62.49
CA ASN F 145 -12.44 10.12 62.71
C ASN F 145 -12.84 10.43 64.15
N PRO F 146 -14.14 10.65 64.38
CA PRO F 146 -14.58 11.08 65.72
C PRO F 146 -14.29 10.02 66.78
N SER F 147 -14.00 10.49 67.99
CA SER F 147 -13.79 9.59 69.11
C SER F 147 -15.09 8.91 69.49
N ARG F 148 -14.98 7.65 69.90
CA ARG F 148 -16.18 6.84 70.18
C ARG F 148 -16.84 7.29 71.47
N VAL F 149 -18.09 7.74 71.36
CA VAL F 149 -18.93 8.03 72.52
C VAL F 149 -20.31 7.43 72.25
N GLU F 150 -20.87 6.79 73.28
CA GLU F 150 -22.01 5.91 73.09
C GLU F 150 -23.25 6.67 72.61
N ALA F 151 -23.92 6.12 71.60
CA ALA F 151 -25.24 6.56 71.14
C ALA F 151 -25.26 8.01 70.67
N PHE F 152 -24.13 8.52 70.18
CA PHE F 152 -24.06 9.88 69.65
C PHE F 152 -23.64 9.85 68.19
N HIS F 153 -24.33 10.65 67.37
CA HIS F 153 -23.93 10.87 65.98
C HIS F 153 -22.85 11.95 65.98
N ARG F 154 -21.60 11.53 65.83
CA ARG F 154 -20.45 12.42 66.01
C ARG F 154 -19.91 12.86 64.67
N TYR F 155 -19.92 14.17 64.44
CA TYR F 155 -19.24 14.74 63.28
C TYR F 155 -17.73 14.60 63.42
N GLY F 156 -17.05 14.49 62.29
CA GLY F 156 -15.60 14.47 62.27
C GLY F 156 -15.02 14.86 60.93
N THR F 157 -14.11 15.83 60.93
CA THR F 157 -13.58 16.40 59.71
C THR F 157 -12.16 15.90 59.47
N THR F 158 -11.59 16.29 58.33
CA THR F 158 -10.23 15.96 57.97
C THR F 158 -9.76 16.83 56.81
N VAL F 159 -8.60 17.47 56.96
CA VAL F 159 -8.02 18.28 55.90
C VAL F 159 -6.63 17.75 55.59
N ASN F 160 -6.38 17.45 54.31
CA ASN F 160 -5.10 16.90 53.87
C ASN F 160 -4.65 17.72 52.66
N CYS F 161 -3.83 18.73 52.91
CA CYS F 161 -3.27 19.52 51.83
C CYS F 161 -2.38 18.64 50.96
N ILE F 162 -2.73 18.55 49.68
CA ILE F 162 -2.07 17.63 48.76
C ILE F 162 -1.46 18.43 47.61
N VAL F 163 -0.18 18.21 47.36
CA VAL F 163 0.53 18.85 46.26
C VAL F 163 1.00 17.74 45.32
N GLU F 164 0.50 17.74 44.09
CA GLU F 164 0.79 16.70 43.13
C GLU F 164 1.34 17.31 41.86
N GLU F 165 2.44 16.77 41.36
CA GLU F 165 3.07 17.26 40.14
C GLU F 165 2.54 16.44 38.97
N VAL F 166 1.51 16.95 38.33
CA VAL F 166 0.87 16.28 37.22
C VAL F 166 1.37 16.91 35.92
N ASP F 167 1.09 16.24 34.80
CA ASP F 167 1.41 16.76 33.48
C ASP F 167 0.11 17.11 32.76
N ALA F 168 -0.02 18.37 32.37
CA ALA F 168 -1.23 18.84 31.71
C ALA F 168 -1.12 18.65 30.20
N ARG F 169 -2.27 18.68 29.55
CA ARG F 169 -2.35 18.51 28.10
C ARG F 169 -3.40 19.44 27.54
N SER F 170 -3.09 20.06 26.39
CA SER F 170 -4.02 20.94 25.70
C SER F 170 -3.96 20.66 24.21
N VAL F 171 -5.07 20.95 23.52
CA VAL F 171 -5.20 20.69 22.10
C VAL F 171 -5.65 21.98 21.41
N TYR F 172 -5.37 22.07 20.12
CA TYR F 172 -5.72 23.27 19.36
C TYR F 172 -7.22 23.53 19.46
N PRO F 173 -7.65 24.79 19.63
CA PRO F 173 -6.82 25.99 19.63
C PRO F 173 -6.23 26.37 20.98
N TYR F 174 -5.97 25.38 21.84
CA TYR F 174 -5.36 25.61 23.15
C TYR F 174 -6.18 26.58 23.98
N ASP F 175 -7.50 26.45 23.87
CA ASP F 175 -8.41 27.27 24.68
C ASP F 175 -8.47 26.79 26.12
N GLU F 176 -8.34 25.48 26.34
CA GLU F 176 -8.35 24.91 27.67
C GLU F 176 -7.42 23.70 27.68
N PHE F 177 -6.99 23.31 28.88
CA PHE F 177 -6.08 22.19 29.02
C PHE F 177 -6.61 21.23 30.08
N VAL F 178 -6.28 19.95 29.91
CA VAL F 178 -6.69 18.91 30.82
C VAL F 178 -5.51 18.59 31.74
N LEU F 179 -5.78 17.85 32.81
CA LEU F 179 -4.75 17.46 33.76
C LEU F 179 -4.72 15.94 33.89
N ALA F 180 -3.63 15.44 34.47
CA ALA F 180 -3.47 14.00 34.63
C ALA F 180 -4.53 13.38 35.52
N THR F 181 -5.16 14.17 36.38
CA THR F 181 -6.23 13.67 37.25
C THR F 181 -7.58 13.63 36.57
N GLY F 182 -7.65 13.98 35.28
CA GLY F 182 -8.90 13.89 34.54
C GLY F 182 -9.89 14.99 34.81
N ASP F 183 -9.44 16.14 35.31
CA ASP F 183 -10.30 17.28 35.57
C ASP F 183 -9.90 18.45 34.70
N PHE F 184 -10.86 19.00 33.97
CA PHE F 184 -10.59 20.08 33.03
C PHE F 184 -10.28 21.38 33.76
N VAL F 185 -9.54 22.25 33.07
CA VAL F 185 -9.35 23.63 33.48
C VAL F 185 -9.68 24.49 32.27
N TYR F 186 -10.68 25.37 32.42
CA TYR F 186 -11.20 26.13 31.29
C TYR F 186 -10.47 27.48 31.21
N MET F 187 -9.23 27.39 30.73
CA MET F 187 -8.33 28.54 30.66
C MET F 187 -7.18 28.19 29.73
N SER F 188 -6.84 29.10 28.83
CA SER F 188 -5.74 28.85 27.92
C SER F 188 -4.44 28.72 28.71
N PRO F 189 -3.59 27.75 28.39
CA PRO F 189 -2.33 27.60 29.13
C PRO F 189 -1.42 28.80 29.02
N PHE F 190 -1.54 29.60 27.96
CA PHE F 190 -0.67 30.73 27.72
C PHE F 190 -1.30 32.06 28.13
N TYR F 191 -2.47 32.02 28.77
CA TYR F 191 -3.09 33.25 29.22
C TYR F 191 -2.23 33.92 30.29
N GLY F 192 -2.15 35.24 30.23
CA GLY F 192 -1.36 35.99 31.19
C GLY F 192 -1.50 37.48 31.01
N TYR F 193 -0.43 38.23 31.25
CA TYR F 193 -0.44 39.67 31.11
C TYR F 193 0.62 40.18 30.15
N ARG F 194 1.82 39.61 30.17
CA ARG F 194 2.90 40.09 29.32
C ARG F 194 2.71 39.60 27.89
N GLU F 195 3.34 40.32 26.95
CA GLU F 195 3.35 39.97 25.53
C GLU F 195 1.94 39.87 24.96
N GLY F 196 1.02 40.67 25.49
CA GLY F 196 -0.37 40.63 25.03
C GLY F 196 -1.04 39.29 25.24
N SER F 197 -0.74 38.62 26.35
CA SER F 197 -1.33 37.33 26.64
C SER F 197 -2.78 37.44 27.08
N HIS F 198 -3.23 38.63 27.51
CA HIS F 198 -4.63 38.81 27.89
C HIS F 198 -5.57 38.59 26.72
N THR F 199 -5.06 38.64 25.49
CA THR F 199 -5.88 38.36 24.32
C THR F 199 -6.39 36.92 24.34
N GLU F 200 -5.67 36.02 25.00
CA GLU F 200 -6.09 34.63 25.08
C GLU F 200 -7.42 34.51 25.81
N HIS F 201 -8.08 33.38 25.62
CA HIS F 201 -9.42 33.16 26.15
C HIS F 201 -9.36 32.43 27.49
N THR F 202 -10.18 32.90 28.43
CA THR F 202 -10.34 32.25 29.71
C THR F 202 -11.82 32.26 30.09
N THR F 203 -12.23 31.27 30.89
CA THR F 203 -13.61 31.15 31.32
C THR F 203 -13.81 31.59 32.77
N TYR F 204 -12.75 31.80 33.52
CA TYR F 204 -12.83 32.25 34.91
C TYR F 204 -12.59 33.75 34.99
N ALA F 205 -13.21 34.37 35.98
CA ALA F 205 -13.04 35.79 36.21
C ALA F 205 -11.59 36.10 36.61
N ALA F 206 -11.15 37.32 36.30
CA ALA F 206 -9.76 37.70 36.50
C ALA F 206 -9.33 37.63 37.96
N ASP F 207 -10.27 37.77 38.90
CA ASP F 207 -9.91 37.74 40.32
C ASP F 207 -9.41 36.37 40.76
N ARG F 208 -9.80 35.30 40.06
CA ARG F 208 -9.39 33.95 40.42
C ARG F 208 -8.07 33.53 39.77
N PHE F 209 -7.44 34.41 39.00
CA PHE F 209 -6.17 34.12 38.36
C PHE F 209 -5.18 35.21 38.66
N LYS F 210 -3.98 34.83 39.11
CA LYS F 210 -2.90 35.77 39.38
C LYS F 210 -1.61 35.23 38.79
N GLN F 211 -0.76 36.13 38.32
CA GLN F 211 0.52 35.80 37.70
C GLN F 211 1.65 36.39 38.54
N VAL F 212 2.69 35.59 38.75
CA VAL F 212 3.83 35.98 39.56
C VAL F 212 5.08 35.95 38.70
N ASP F 213 5.84 37.04 38.73
CA ASP F 213 7.10 37.13 38.00
C ASP F 213 8.26 36.93 38.96
N GLY F 214 9.30 36.23 38.50
CA GLY F 214 10.43 35.92 39.34
C GLY F 214 10.09 34.93 40.44
N PHE F 215 9.78 33.70 40.06
CA PHE F 215 9.35 32.66 40.98
C PHE F 215 10.34 31.51 40.94
N TYR F 216 10.80 31.08 42.12
CA TYR F 216 11.72 29.96 42.25
C TYR F 216 11.07 28.87 43.08
N ALA F 217 11.41 27.62 42.77
CA ALA F 217 10.72 26.46 43.33
C ALA F 217 11.20 26.19 44.75
N ARG F 218 10.86 25.02 45.28
CA ARG F 218 11.22 24.63 46.63
C ARG F 218 12.07 23.36 46.60
N ASP F 219 13.12 23.34 47.42
CA ASP F 219 13.96 22.15 47.55
C ASP F 219 13.21 21.08 48.32
N LEU F 220 12.19 20.50 47.68
CA LEU F 220 11.23 19.65 48.37
C LEU F 220 11.37 18.19 47.93
N ALA F 228 17.42 29.73 39.23
CA ALA F 228 16.98 30.54 38.09
C ALA F 228 15.49 30.82 38.17
N PRO F 229 15.11 31.84 38.94
CA PRO F 229 13.68 32.17 39.06
C PRO F 229 13.07 32.53 37.71
N THR F 230 11.84 32.07 37.51
CA THR F 230 11.09 32.36 36.28
C THR F 230 9.72 32.91 36.62
N THR F 231 8.86 33.08 35.61
CA THR F 231 7.50 33.54 35.83
C THR F 231 6.60 32.36 36.19
N ARG F 232 5.56 32.64 36.95
CA ARG F 232 4.61 31.63 37.39
C ARG F 232 3.19 32.08 37.05
N ASN F 233 2.35 31.11 36.69
CA ASN F 233 0.97 31.37 36.30
C ASN F 233 0.07 30.48 37.15
N LEU F 234 -0.51 31.05 38.20
CA LEU F 234 -1.37 30.32 39.12
C LEU F 234 -2.83 30.54 38.77
N LEU F 235 -3.69 29.73 39.38
CA LEU F 235 -5.12 29.80 39.15
C LEU F 235 -5.83 29.06 40.27
N THR F 236 -7.06 29.48 40.57
CA THR F 236 -7.89 28.85 41.59
C THR F 236 -9.19 28.38 40.94
N THR F 237 -9.18 27.14 40.47
CA THR F 237 -10.39 26.51 40.01
C THR F 237 -11.33 26.28 41.19
N PRO F 238 -12.63 26.10 40.94
CA PRO F 238 -13.57 25.89 42.06
C PRO F 238 -13.25 24.68 42.90
N LYS F 239 -12.49 23.71 42.38
CA LYS F 239 -12.12 22.51 43.13
C LYS F 239 -10.69 22.52 43.63
N PHE F 240 -9.74 23.06 42.87
CA PHE F 240 -8.33 22.98 43.21
C PHE F 240 -7.64 24.25 42.76
N THR F 241 -6.31 24.23 42.81
CA THR F 241 -5.48 25.31 42.27
C THR F 241 -4.37 24.71 41.43
N VAL F 242 -4.28 25.14 40.17
CA VAL F 242 -3.28 24.65 39.24
C VAL F 242 -2.30 25.77 38.95
N ALA F 243 -1.01 25.45 38.95
CA ALA F 243 0.04 26.42 38.67
C ALA F 243 0.98 25.85 37.62
N TRP F 244 1.39 26.71 36.68
CA TRP F 244 2.32 26.31 35.64
C TRP F 244 3.13 27.52 35.22
N ASP F 245 4.31 27.25 34.67
CA ASP F 245 5.20 28.34 34.23
C ASP F 245 4.66 28.96 32.96
N TRP F 246 4.44 30.28 32.99
CA TRP F 246 3.96 30.99 31.81
C TRP F 246 5.02 30.93 30.72
N VAL F 247 4.56 30.71 29.48
CA VAL F 247 5.45 30.68 28.32
C VAL F 247 4.78 31.40 27.16
N PRO F 248 5.59 31.99 26.28
CA PRO F 248 5.03 32.61 25.08
C PRO F 248 4.44 31.55 24.16
N LYS F 249 3.18 31.74 23.77
CA LYS F 249 2.43 30.73 23.04
C LYS F 249 3.07 30.45 21.68
N ARG F 250 3.36 31.51 20.92
CA ARG F 250 3.80 31.35 19.54
C ARG F 250 5.08 30.51 19.41
N PRO F 251 6.15 30.75 20.19
CA PRO F 251 7.30 29.85 20.10
C PRO F 251 7.16 28.62 21.00
N SER F 252 6.27 28.62 21.97
CA SER F 252 6.14 27.49 22.88
C SER F 252 5.41 26.32 22.24
N VAL F 253 4.42 26.58 21.40
CA VAL F 253 3.61 25.51 20.84
C VAL F 253 3.57 25.66 19.32
N CYS F 254 3.41 24.54 18.63
CA CYS F 254 3.24 24.52 17.19
C CYS F 254 2.12 23.55 16.85
N THR F 255 1.46 23.82 15.72
CA THR F 255 0.31 23.02 15.29
C THR F 255 0.62 22.10 14.14
N MET F 256 1.90 21.78 13.89
CA MET F 256 2.23 20.84 12.83
C MET F 256 3.65 20.33 13.07
N THR F 257 3.79 19.01 13.15
CA THR F 257 4.98 18.38 13.69
C THR F 257 5.87 17.81 12.60
N LYS F 258 7.18 17.97 12.79
CA LYS F 258 8.17 17.34 11.92
C LYS F 258 7.99 15.84 11.90
N TRP F 259 7.83 15.28 10.70
CA TRP F 259 7.67 13.84 10.54
C TRP F 259 8.99 13.14 10.21
N GLN F 260 9.60 13.49 9.08
CA GLN F 260 10.82 12.84 8.63
C GLN F 260 11.81 13.89 8.14
N GLU F 261 13.09 13.60 8.33
CA GLU F 261 14.18 14.45 7.84
C GLU F 261 14.83 13.72 6.68
N VAL F 262 14.31 13.95 5.48
CA VAL F 262 14.80 13.26 4.28
C VAL F 262 16.10 13.93 3.85
N ASP F 263 17.20 13.17 3.90
CA ASP F 263 18.50 13.71 3.52
C ASP F 263 18.61 13.99 2.04
N GLU F 264 17.80 13.34 1.20
CA GLU F 264 17.89 13.51 -0.25
C GLU F 264 16.49 13.30 -0.82
N MET F 265 15.80 14.41 -1.12
CA MET F 265 14.48 14.38 -1.72
C MET F 265 14.54 15.11 -3.06
N LEU F 266 14.41 14.37 -4.14
CA LEU F 266 14.45 14.97 -5.46
C LEU F 266 13.16 15.74 -5.75
N ARG F 267 13.30 16.91 -6.37
CA ARG F 267 12.16 17.72 -6.77
C ARG F 267 12.12 17.79 -8.29
N SER F 268 10.96 17.49 -8.86
CA SER F 268 10.77 17.54 -10.30
C SER F 268 9.42 18.16 -10.61
N GLU F 269 9.33 18.79 -11.78
CA GLU F 269 8.11 19.46 -12.23
C GLU F 269 7.54 18.70 -13.41
N TYR F 270 6.28 18.30 -13.31
CA TYR F 270 5.60 17.59 -14.39
C TYR F 270 4.10 17.83 -14.27
N GLY F 271 3.49 18.29 -15.35
CA GLY F 271 2.07 18.56 -15.34
C GLY F 271 1.64 19.66 -14.38
N GLY F 272 2.45 20.71 -14.29
CA GLY F 272 2.12 21.82 -13.40
C GLY F 272 2.07 21.45 -11.94
N SER F 273 3.00 20.60 -11.49
CA SER F 273 3.05 20.20 -10.09
C SER F 273 4.45 19.70 -9.78
N PHE F 274 4.78 19.68 -8.50
CA PHE F 274 6.09 19.23 -8.02
C PHE F 274 5.96 17.82 -7.46
N ARG F 275 6.80 16.91 -7.94
CA ARG F 275 6.80 15.52 -7.51
C ARG F 275 8.01 15.32 -6.61
N PHE F 276 7.81 15.51 -5.30
CA PHE F 276 8.87 15.33 -4.31
C PHE F 276 9.06 13.84 -4.07
N SER F 277 9.95 13.23 -4.84
CA SER F 277 10.22 11.80 -4.72
C SER F 277 11.36 11.58 -3.73
N SER F 278 11.12 10.74 -2.73
CA SER F 278 12.10 10.43 -1.69
C SER F 278 12.46 8.95 -1.80
N ASP F 279 13.64 8.67 -2.37
CA ASP F 279 14.08 7.29 -2.49
C ASP F 279 14.45 6.67 -1.14
N ALA F 280 14.80 7.50 -0.14
CA ALA F 280 15.21 6.98 1.15
C ALA F 280 14.05 6.29 1.87
N ILE F 281 12.91 6.97 1.96
CA ILE F 281 11.74 6.41 2.62
C ILE F 281 10.71 5.87 1.65
N SER F 282 11.00 5.92 0.34
CA SER F 282 10.11 5.41 -0.69
C SER F 282 8.72 6.06 -0.62
N THR F 283 8.71 7.37 -0.84
CA THR F 283 7.47 8.14 -0.74
C THR F 283 7.56 9.34 -1.66
N THR F 284 6.58 9.50 -2.54
CA THR F 284 6.51 10.61 -3.47
C THR F 284 5.31 11.49 -3.14
N PHE F 285 5.56 12.78 -2.95
CA PHE F 285 4.52 13.77 -2.70
C PHE F 285 4.28 14.60 -3.94
N THR F 286 3.02 14.98 -4.15
CA THR F 286 2.63 15.88 -5.23
C THR F 286 2.14 17.18 -4.63
N THR F 287 2.74 18.29 -5.05
CA THR F 287 2.46 19.60 -4.48
C THR F 287 2.24 20.62 -5.59
N ASN F 288 1.54 21.69 -5.24
CA ASN F 288 1.29 22.78 -6.18
C ASN F 288 2.58 23.54 -6.48
N LEU F 289 2.61 24.15 -7.66
CA LEU F 289 3.79 24.93 -8.06
C LEU F 289 4.01 26.13 -7.15
N THR F 290 2.93 26.73 -6.66
CA THR F 290 3.05 27.92 -5.82
C THR F 290 3.67 27.57 -4.47
N GLU F 291 4.62 28.40 -4.04
CA GLU F 291 5.23 28.23 -2.73
C GLU F 291 4.21 28.52 -1.63
N TYR F 292 4.09 27.60 -0.68
CA TYR F 292 3.12 27.78 0.39
C TYR F 292 3.64 28.80 1.41
N PRO F 293 2.90 29.86 1.69
CA PRO F 293 3.38 30.86 2.65
C PRO F 293 3.21 30.38 4.09
N LEU F 294 4.20 30.69 4.92
CA LEU F 294 4.14 30.31 6.33
C LEU F 294 3.11 31.12 7.10
N SER F 295 2.73 32.30 6.59
CA SER F 295 1.73 33.11 7.28
C SER F 295 0.37 32.40 7.33
N ARG F 296 0.08 31.57 6.32
CA ARG F 296 -1.19 30.86 6.29
C ARG F 296 -1.27 29.81 7.41
N VAL F 297 -0.13 29.31 7.87
CA VAL F 297 -0.11 28.30 8.92
C VAL F 297 -0.32 28.97 10.27
N ASP F 298 -1.24 28.42 11.06
CA ASP F 298 -1.50 28.95 12.39
C ASP F 298 -0.47 28.43 13.38
N LEU F 299 0.18 29.36 14.10
CA LEU F 299 1.17 29.03 15.11
C LEU F 299 2.27 28.14 14.55
N GLY F 300 2.74 28.48 13.35
CA GLY F 300 3.76 27.69 12.68
C GLY F 300 5.15 28.26 12.83
N ASP F 301 5.38 29.03 13.89
CA ASP F 301 6.69 29.64 14.10
C ASP F 301 7.76 28.58 14.32
N CYS F 302 7.46 27.54 15.10
CA CYS F 302 8.43 26.49 15.36
C CYS F 302 8.76 25.67 14.13
N ILE F 303 7.90 25.71 13.11
CA ILE F 303 8.15 24.93 11.89
C ILE F 303 9.44 25.38 11.22
N GLY F 304 9.60 26.70 11.06
CA GLY F 304 10.81 27.21 10.44
C GLY F 304 12.05 26.90 11.24
N LYS F 305 11.98 27.03 12.57
CA LYS F 305 13.14 26.73 13.40
C LYS F 305 13.54 25.27 13.29
N ASP F 306 12.55 24.37 13.41
CA ASP F 306 12.86 22.94 13.32
C ASP F 306 13.42 22.59 11.95
N ALA F 307 12.81 23.11 10.89
CA ALA F 307 13.28 22.82 9.55
C ALA F 307 14.71 23.31 9.35
N ARG F 308 15.00 24.55 9.76
CA ARG F 308 16.33 25.09 9.58
C ARG F 308 17.36 24.30 10.37
N ASP F 309 17.06 23.96 11.63
CA ASP F 309 18.01 23.21 12.43
C ASP F 309 18.30 21.84 11.82
N ALA F 310 17.25 21.08 11.50
CA ALA F 310 17.44 19.74 10.96
C ALA F 310 18.16 19.78 9.62
N MET F 311 17.80 20.73 8.76
CA MET F 311 18.37 20.75 7.41
C MET F 311 19.81 21.23 7.43
N ASP F 312 20.14 22.19 8.30
CA ASP F 312 21.53 22.59 8.48
C ASP F 312 22.36 21.43 9.03
N ARG F 313 21.81 20.68 9.99
CA ARG F 313 22.53 19.53 10.51
C ARG F 313 22.80 18.50 9.42
N ILE F 314 21.78 18.22 8.60
CA ILE F 314 21.94 17.24 7.52
C ILE F 314 22.97 17.73 6.51
N PHE F 315 22.92 19.02 6.16
CA PHE F 315 23.88 19.57 5.21
C PHE F 315 25.30 19.46 5.74
N ALA F 316 25.51 19.86 7.00
CA ALA F 316 26.85 19.78 7.57
C ALA F 316 27.32 18.33 7.65
N ARG F 317 26.42 17.40 7.92
CA ARG F 317 26.81 16.00 8.06
C ARG F 317 27.18 15.38 6.72
N ARG F 318 26.41 15.64 5.67
CA ARG F 318 26.51 14.84 4.46
C ARG F 318 26.85 15.62 3.19
N TYR F 319 26.48 16.89 3.07
CA TYR F 319 26.49 17.57 1.79
C TYR F 319 27.46 18.74 1.69
N ASN F 320 28.12 19.13 2.78
CA ASN F 320 28.97 20.32 2.74
C ASN F 320 30.20 20.15 1.86
N ALA F 321 30.52 18.92 1.44
CA ALA F 321 31.71 18.67 0.65
C ALA F 321 31.43 18.57 -0.85
N THR F 322 30.19 18.41 -1.27
CA THR F 322 29.90 18.20 -2.69
C THR F 322 28.83 19.17 -3.18
N HIS F 323 27.89 19.53 -2.31
CA HIS F 323 26.76 20.36 -2.69
C HIS F 323 26.72 21.62 -1.83
N ILE F 324 25.98 22.62 -2.31
CA ILE F 324 25.80 23.88 -1.61
C ILE F 324 24.33 24.25 -1.62
N LYS F 325 23.89 24.94 -0.58
CA LYS F 325 22.52 25.41 -0.53
C LYS F 325 22.31 26.58 -1.48
N VAL F 326 21.05 26.81 -1.85
CA VAL F 326 20.67 27.89 -2.76
C VAL F 326 19.52 28.64 -2.12
N GLY F 327 19.83 29.71 -1.39
CA GLY F 327 18.82 30.59 -0.85
C GLY F 327 18.10 30.00 0.36
N GLN F 328 17.05 30.72 0.78
CA GLN F 328 16.25 30.29 1.91
C GLN F 328 15.48 29.01 1.57
N PRO F 329 15.13 28.21 2.58
CA PRO F 329 14.33 27.01 2.32
C PRO F 329 12.97 27.37 1.74
N GLN F 330 12.49 26.49 0.87
CA GLN F 330 11.21 26.66 0.19
C GLN F 330 10.19 25.68 0.77
N TYR F 331 8.96 26.16 0.97
CA TYR F 331 7.90 25.37 1.57
C TYR F 331 6.78 25.17 0.55
N TYR F 332 6.43 23.91 0.29
CA TYR F 332 5.35 23.57 -0.60
C TYR F 332 4.40 22.62 0.11
N GLN F 333 3.09 22.83 -0.07
CA GLN F 333 2.07 21.99 0.54
C GLN F 333 1.69 20.89 -0.43
N ALA F 334 1.84 19.64 0.00
CA ALA F 334 1.56 18.48 -0.84
C ALA F 334 0.20 17.88 -0.50
N ASN F 335 -0.25 16.97 -1.36
CA ASN F 335 -1.53 16.33 -1.15
C ASN F 335 -1.50 15.47 0.11
N GLY F 336 -2.65 15.41 0.78
CA GLY F 336 -2.76 14.67 2.02
C GLY F 336 -2.47 15.47 3.27
N GLY F 337 -2.04 16.73 3.14
CA GLY F 337 -1.79 17.57 4.28
C GLY F 337 -0.36 17.53 4.76
N PHE F 338 0.59 17.78 3.85
CA PHE F 338 2.01 17.76 4.17
C PHE F 338 2.65 19.06 3.69
N LEU F 339 3.54 19.61 4.51
CA LEU F 339 4.35 20.76 4.13
C LEU F 339 5.81 20.31 4.06
N ILE F 340 6.45 20.57 2.93
CA ILE F 340 7.78 20.06 2.65
C ILE F 340 8.74 21.25 2.63
N ALA F 341 9.43 21.47 3.74
CA ALA F 341 10.48 22.48 3.80
C ALA F 341 11.65 22.01 2.92
N TYR F 342 11.85 22.68 1.79
CA TYR F 342 12.78 22.22 0.77
C TYR F 342 13.89 23.25 0.58
N GLN F 343 15.14 22.77 0.60
CA GLN F 343 16.30 23.59 0.28
C GLN F 343 16.99 22.99 -0.92
N PRO F 344 16.83 23.56 -2.11
CA PRO F 344 17.52 23.01 -3.29
C PRO F 344 19.03 23.09 -3.13
N LEU F 345 19.71 22.08 -3.67
CA LEU F 345 21.16 21.97 -3.55
C LEU F 345 21.78 21.92 -4.94
N LEU F 346 22.91 22.60 -5.09
CA LEU F 346 23.66 22.62 -6.34
C LEU F 346 24.97 21.89 -6.13
N SER F 347 25.20 20.85 -6.92
CA SER F 347 26.44 20.09 -6.81
C SER F 347 27.61 20.93 -7.32
N ASN F 348 28.78 20.71 -6.71
CA ASN F 348 29.98 21.42 -7.13
C ASN F 348 30.42 21.04 -8.54
N THR F 349 29.91 19.94 -9.09
CA THR F 349 30.25 19.52 -10.44
C THR F 349 29.74 20.51 -11.48
N VAL F 382 -5.13 32.77 7.44
CA VAL F 382 -4.65 31.80 8.41
C VAL F 382 -5.61 30.61 8.50
N GLU F 383 -5.05 29.41 8.51
CA GLU F 383 -5.85 28.19 8.56
C GLU F 383 -5.00 27.05 9.09
N ARG F 384 -5.67 26.00 9.57
CA ARG F 384 -5.02 24.81 10.08
C ARG F 384 -5.13 23.69 9.05
N ILE F 385 -3.99 23.11 8.69
CA ILE F 385 -3.95 22.05 7.68
C ILE F 385 -4.27 20.73 8.35
N LYS F 386 -5.03 19.89 7.64
CA LYS F 386 -5.40 18.56 8.13
C LYS F 386 -4.63 17.51 7.35
N THR F 387 -4.00 16.58 8.07
CA THR F 387 -3.15 15.56 7.47
C THR F 387 -3.84 14.20 7.56
N THR F 388 -3.90 13.51 6.43
CA THR F 388 -4.49 12.17 6.39
C THR F 388 -3.63 11.19 7.19
N SER F 389 -4.28 10.15 7.70
CA SER F 389 -3.60 9.06 8.38
C SER F 389 -3.18 7.96 7.42
N SER F 390 -3.43 8.14 6.12
CA SER F 390 -3.10 7.15 5.10
C SER F 390 -1.93 7.66 4.27
N ILE F 391 -0.83 6.92 4.30
CA ILE F 391 0.38 7.27 3.53
C ILE F 391 0.66 6.28 2.42
N GLU F 392 0.00 5.12 2.41
CA GLU F 392 0.20 4.19 1.31
C GLU F 392 -0.21 4.80 -0.01
N PHE F 393 -1.05 5.84 -0.03
CA PHE F 393 -1.31 6.52 -1.28
C PHE F 393 -0.02 7.07 -1.87
N ALA F 394 0.79 7.72 -1.03
CA ALA F 394 2.06 8.26 -1.51
C ALA F 394 3.08 7.16 -1.75
N ARG F 395 3.06 6.11 -0.93
CA ARG F 395 4.01 5.02 -1.14
C ARG F 395 3.76 4.29 -2.44
N LEU F 396 2.49 3.97 -2.74
CA LEU F 396 2.15 3.41 -4.04
C LEU F 396 2.38 4.40 -5.16
N GLN F 397 2.22 5.70 -4.90
CA GLN F 397 2.58 6.70 -5.91
C GLN F 397 4.05 6.57 -6.28
N PHE F 398 4.92 6.49 -5.27
CA PHE F 398 6.36 6.35 -5.53
C PHE F 398 6.67 5.02 -6.22
N THR F 399 6.06 3.93 -5.77
CA THR F 399 6.34 2.63 -6.36
C THR F 399 5.91 2.59 -7.83
N TYR F 400 4.70 3.09 -8.11
CA TYR F 400 4.22 3.15 -9.48
C TYR F 400 5.08 4.06 -10.32
N ASN F 401 5.51 5.20 -9.76
CA ASN F 401 6.38 6.10 -10.52
C ASN F 401 7.70 5.42 -10.87
N HIS F 402 8.31 4.73 -9.90
CA HIS F 402 9.57 4.05 -10.15
C HIS F 402 9.41 2.97 -11.21
N ILE F 403 8.41 2.10 -11.04
CA ILE F 403 8.21 1.00 -11.99
C ILE F 403 7.87 1.54 -13.36
N GLN F 404 7.00 2.56 -13.43
CA GLN F 404 6.59 3.13 -14.71
C GLN F 404 7.77 3.79 -15.40
N ARG F 405 8.59 4.54 -14.66
CA ARG F 405 9.77 5.14 -15.25
C ARG F 405 10.70 4.08 -15.83
N HIS F 406 10.96 3.02 -15.06
CA HIS F 406 11.87 1.99 -15.54
C HIS F 406 11.31 1.29 -16.78
N VAL F 407 10.05 0.87 -16.72
CA VAL F 407 9.49 0.11 -17.83
C VAL F 407 9.32 1.01 -19.05
N ASN F 408 8.94 2.27 -18.85
CA ASN F 408 8.81 3.19 -19.97
C ASN F 408 10.14 3.43 -20.64
N ASP F 409 11.19 3.67 -19.85
CA ASP F 409 12.52 3.88 -20.42
C ASP F 409 13.00 2.64 -21.16
N MET F 410 12.80 1.46 -20.57
CA MET F 410 13.33 0.26 -21.19
C MET F 410 12.53 -0.14 -22.43
N LEU F 411 11.21 0.00 -22.39
CA LEU F 411 10.40 -0.29 -23.57
C LEU F 411 10.60 0.76 -24.66
N GLY F 412 10.87 2.01 -24.28
CA GLY F 412 11.24 3.01 -25.28
C GLY F 412 12.57 2.69 -25.92
N ARG F 413 13.53 2.22 -25.12
CA ARG F 413 14.79 1.75 -25.70
C ARG F 413 14.57 0.58 -26.63
N VAL F 414 13.68 -0.34 -26.25
CA VAL F 414 13.36 -1.49 -27.09
C VAL F 414 12.73 -1.03 -28.40
N ALA F 415 11.80 -0.09 -28.32
CA ALA F 415 11.15 0.42 -29.52
C ALA F 415 12.13 1.15 -30.42
N ILE F 416 13.02 1.96 -29.84
CA ILE F 416 14.03 2.66 -30.63
C ILE F 416 14.96 1.66 -31.30
N ALA F 417 15.38 0.64 -30.55
CA ALA F 417 16.24 -0.40 -31.11
C ALA F 417 15.53 -1.20 -32.20
N TRP F 418 14.22 -1.41 -32.06
CA TRP F 418 13.47 -2.12 -33.09
C TRP F 418 13.35 -1.28 -34.35
N CYS F 419 13.06 0.01 -34.20
CA CYS F 419 13.02 0.90 -35.37
C CYS F 419 14.38 0.95 -36.05
N GLU F 420 15.45 1.04 -35.26
CA GLU F 420 16.80 1.00 -35.82
C GLU F 420 17.06 -0.32 -36.51
N LEU F 421 16.59 -1.43 -35.93
CA LEU F 421 16.81 -2.74 -36.53
C LEU F 421 16.11 -2.83 -37.88
N GLN F 422 14.89 -2.32 -37.97
CA GLN F 422 14.19 -2.31 -39.26
C GLN F 422 14.93 -1.44 -40.27
N ASN F 423 15.26 -0.20 -39.88
CA ASN F 423 15.95 0.72 -40.77
C ASN F 423 17.32 0.20 -41.17
N HIS F 424 17.90 -0.69 -40.36
CA HIS F 424 19.26 -1.16 -40.54
C HIS F 424 19.31 -2.46 -41.32
N GLU F 425 18.27 -3.30 -41.18
CA GLU F 425 18.10 -4.49 -42.00
C GLU F 425 17.41 -4.20 -43.32
N LEU F 426 16.97 -2.96 -43.54
CA LEU F 426 16.43 -2.61 -44.86
C LEU F 426 17.42 -2.90 -45.97
N THR F 427 18.72 -2.73 -45.71
CA THR F 427 19.71 -3.01 -46.75
C THR F 427 19.86 -4.51 -46.99
N LEU F 428 19.84 -5.31 -45.91
CA LEU F 428 19.80 -6.75 -46.07
C LEU F 428 18.59 -7.16 -46.90
N TRP F 429 17.46 -6.48 -46.68
CA TRP F 429 16.25 -6.82 -47.41
C TRP F 429 16.35 -6.40 -48.87
N ASN F 430 17.01 -5.28 -49.15
CA ASN F 430 17.26 -4.89 -50.54
C ASN F 430 18.13 -5.93 -51.24
N GLU F 431 19.18 -6.40 -50.56
CA GLU F 431 20.03 -7.43 -51.14
C GLU F 431 19.25 -8.72 -51.36
N ALA F 432 18.40 -9.09 -50.41
CA ALA F 432 17.59 -10.29 -50.56
C ALA F 432 16.60 -10.16 -51.71
N ARG F 433 16.05 -8.96 -51.91
CA ARG F 433 15.19 -8.72 -53.06
C ARG F 433 15.97 -8.90 -54.35
N LYS F 434 17.20 -8.39 -54.39
CA LYS F 434 18.04 -8.59 -55.57
C LYS F 434 18.36 -10.06 -55.79
N LEU F 435 18.41 -10.85 -54.72
CA LEU F 435 18.79 -12.26 -54.82
C LEU F 435 17.62 -13.16 -55.21
N ASN F 436 16.57 -13.18 -54.38
CA ASN F 436 15.44 -14.09 -54.53
C ASN F 436 14.15 -13.28 -54.57
N PRO F 437 13.91 -12.58 -55.68
CA PRO F 437 12.76 -11.65 -55.72
C PRO F 437 11.43 -12.30 -55.47
N ASN F 438 11.22 -13.52 -55.97
CA ASN F 438 9.92 -14.17 -55.78
C ASN F 438 9.61 -14.36 -54.31
N ALA F 439 10.53 -14.98 -53.57
CA ALA F 439 10.30 -15.23 -52.15
C ALA F 439 10.21 -13.92 -51.37
N ILE F 440 11.09 -12.96 -51.68
CA ILE F 440 11.10 -11.72 -50.92
C ILE F 440 9.80 -10.95 -51.13
N ALA F 441 9.34 -10.85 -52.39
CA ALA F 441 8.10 -10.17 -52.67
C ALA F 441 6.91 -10.89 -52.03
N SER F 442 6.90 -12.22 -52.08
CA SER F 442 5.80 -12.97 -51.48
C SER F 442 5.73 -12.71 -49.98
N VAL F 443 6.88 -12.74 -49.29
CA VAL F 443 6.88 -12.53 -47.85
C VAL F 443 6.49 -11.09 -47.52
N THR F 444 7.00 -10.12 -48.27
CA THR F 444 6.68 -8.72 -47.98
C THR F 444 5.20 -8.43 -48.20
N VAL F 445 4.63 -8.96 -49.29
CA VAL F 445 3.22 -8.70 -49.57
C VAL F 445 2.32 -9.43 -48.59
N GLY F 446 2.62 -10.69 -48.30
CA GLY F 446 1.80 -11.51 -47.43
C GLY F 446 1.11 -12.66 -48.14
N ARG F 447 1.21 -12.73 -49.46
CA ARG F 447 0.65 -13.83 -50.24
C ARG F 447 1.72 -14.32 -51.21
N ARG F 448 1.68 -15.62 -51.51
CA ARG F 448 2.66 -16.24 -52.40
C ARG F 448 2.45 -15.68 -53.80
N VAL F 449 3.34 -14.77 -54.21
CA VAL F 449 3.25 -14.11 -55.50
C VAL F 449 4.62 -14.16 -56.18
N SER F 450 4.60 -13.98 -57.50
CA SER F 450 5.84 -13.90 -58.26
C SER F 450 6.48 -12.52 -58.08
N ALA F 451 7.72 -12.41 -58.51
CA ALA F 451 8.46 -11.16 -58.38
C ALA F 451 9.43 -11.01 -59.54
N ARG F 452 9.71 -9.76 -59.89
CA ARG F 452 10.67 -9.45 -60.95
C ARG F 452 11.13 -8.02 -60.75
N MET F 453 12.40 -7.83 -60.43
CA MET F 453 12.94 -6.50 -60.14
C MET F 453 13.25 -5.80 -61.45
N LEU F 454 12.35 -4.94 -61.90
CA LEU F 454 12.55 -4.15 -63.11
C LEU F 454 13.29 -2.85 -62.78
N GLY F 455 14.50 -3.01 -62.24
CA GLY F 455 15.28 -1.87 -61.81
C GLY F 455 15.22 -1.64 -60.32
N ASP F 456 15.10 -0.39 -59.90
CA ASP F 456 15.02 -0.06 -58.49
C ASP F 456 13.70 -0.46 -57.86
N VAL F 457 12.71 -0.86 -58.64
CA VAL F 457 11.40 -1.26 -58.14
C VAL F 457 11.14 -2.70 -58.56
N MET F 458 10.29 -3.38 -57.79
CA MET F 458 9.97 -4.78 -58.00
C MET F 458 8.57 -4.92 -58.60
N ALA F 459 8.48 -5.66 -59.70
CA ALA F 459 7.20 -5.95 -60.34
C ALA F 459 6.73 -7.34 -59.92
N VAL F 460 5.48 -7.45 -59.50
CA VAL F 460 4.94 -8.68 -58.94
C VAL F 460 3.76 -9.13 -59.79
N SER F 461 3.33 -10.37 -59.52
CA SER F 461 2.18 -10.96 -60.18
C SER F 461 1.69 -12.13 -59.34
N THR F 462 0.40 -12.15 -59.02
CA THR F 462 -0.13 -13.17 -58.13
C THR F 462 0.01 -14.55 -58.73
N CYS F 463 0.36 -15.52 -57.89
CA CYS F 463 0.55 -16.89 -58.33
C CYS F 463 -0.78 -17.63 -58.42
N VAL F 464 -0.78 -18.72 -59.18
CA VAL F 464 -1.96 -19.54 -59.40
C VAL F 464 -1.83 -20.79 -58.55
N PRO F 465 -2.71 -21.01 -57.57
CA PRO F 465 -2.61 -22.23 -56.75
C PRO F 465 -2.91 -23.48 -57.57
N VAL F 466 -2.28 -24.58 -57.17
CA VAL F 466 -2.45 -25.88 -57.83
C VAL F 466 -2.59 -26.94 -56.75
N ALA F 467 -3.53 -27.86 -56.95
CA ALA F 467 -3.74 -28.94 -56.01
C ALA F 467 -2.54 -29.89 -56.00
N ALA F 468 -2.29 -30.48 -54.83
CA ALA F 468 -1.16 -31.39 -54.69
C ALA F 468 -1.33 -32.65 -55.55
N ASP F 469 -2.55 -33.18 -55.61
CA ASP F 469 -2.79 -34.39 -56.38
C ASP F 469 -2.55 -34.19 -57.87
N ASN F 470 -2.68 -32.96 -58.35
CA ASN F 470 -2.51 -32.63 -59.76
C ASN F 470 -1.05 -32.46 -60.16
N VAL F 471 -0.10 -32.91 -59.34
CA VAL F 471 1.32 -32.72 -59.58
C VAL F 471 2.03 -34.06 -59.44
N ILE F 472 2.88 -34.38 -60.41
CA ILE F 472 3.61 -35.64 -60.42
C ILE F 472 5.08 -35.37 -60.65
N VAL F 473 5.91 -36.36 -60.30
CA VAL F 473 7.36 -36.25 -60.36
C VAL F 473 7.86 -37.11 -61.52
N GLN F 474 8.68 -36.51 -62.39
CA GLN F 474 9.32 -37.28 -63.45
C GLN F 474 10.39 -38.21 -62.87
N ASN F 475 10.54 -39.38 -63.50
CA ASN F 475 11.44 -40.39 -62.97
C ASN F 475 12.89 -39.93 -62.96
N SER F 476 13.34 -39.27 -64.04
CA SER F 476 14.73 -38.89 -64.17
C SER F 476 14.82 -37.48 -64.76
N MET F 477 15.92 -36.80 -64.44
CA MET F 477 16.22 -35.48 -64.98
C MET F 477 17.13 -35.55 -66.21
N ARG F 478 17.51 -36.74 -66.64
CA ARG F 478 18.40 -36.87 -67.78
C ARG F 478 17.69 -36.40 -69.06
N ILE F 479 18.46 -35.76 -69.95
CA ILE F 479 17.96 -35.30 -71.23
C ILE F 479 18.41 -36.28 -72.29
N SER F 480 17.46 -36.91 -72.97
CA SER F 480 17.80 -37.91 -73.99
C SER F 480 18.50 -37.27 -75.19
N SER F 481 18.07 -36.07 -75.58
CA SER F 481 18.62 -35.44 -76.78
C SER F 481 20.10 -35.11 -76.60
N ARG F 482 20.47 -34.60 -75.43
CA ARG F 482 21.86 -34.19 -75.16
C ARG F 482 22.43 -35.02 -74.03
N PRO F 483 23.22 -36.05 -74.33
CA PRO F 483 23.88 -36.79 -73.25
C PRO F 483 24.90 -35.94 -72.52
N GLY F 484 25.07 -36.25 -71.23
CA GLY F 484 25.96 -35.48 -70.38
C GLY F 484 25.36 -34.24 -69.78
N ALA F 485 24.11 -33.92 -70.10
CA ALA F 485 23.41 -32.77 -69.54
C ALA F 485 22.12 -33.25 -68.89
N CYS F 486 21.85 -32.74 -67.68
CA CYS F 486 20.66 -33.10 -66.94
C CYS F 486 20.08 -31.85 -66.28
N TYR F 487 18.79 -31.90 -65.99
CA TYR F 487 18.11 -30.79 -65.34
C TYR F 487 18.52 -30.72 -63.88
N SER F 488 18.92 -29.52 -63.44
CA SER F 488 19.32 -29.33 -62.04
C SER F 488 18.14 -29.38 -61.08
N ARG F 489 16.92 -29.30 -61.59
CA ARG F 489 15.72 -29.31 -60.75
C ARG F 489 14.72 -30.28 -61.36
N PRO F 490 14.04 -31.08 -60.52
CA PRO F 490 13.16 -32.12 -61.05
C PRO F 490 12.08 -31.57 -61.97
N LEU F 491 11.76 -32.35 -63.00
CA LEU F 491 10.67 -32.02 -63.90
C LEU F 491 9.33 -32.29 -63.24
N VAL F 492 8.33 -31.49 -63.58
CA VAL F 492 6.98 -31.65 -63.06
C VAL F 492 5.99 -31.71 -64.22
N SER F 493 5.09 -32.68 -64.19
CA SER F 493 3.96 -32.75 -65.09
C SER F 493 2.71 -32.51 -64.26
N PHE F 494 1.95 -31.47 -64.61
CA PHE F 494 0.86 -31.02 -63.78
C PHE F 494 -0.33 -30.60 -64.64
N ARG F 495 -1.51 -30.67 -64.05
CA ARG F 495 -2.75 -30.23 -64.67
C ARG F 495 -3.36 -29.11 -63.84
N TYR F 496 -3.89 -28.09 -64.52
CA TYR F 496 -4.45 -26.94 -63.83
C TYR F 496 -5.62 -27.35 -62.93
N GLU F 497 -6.52 -28.18 -63.44
CA GLU F 497 -7.66 -28.63 -62.65
C GLU F 497 -7.72 -30.16 -62.63
N ASP F 498 -8.82 -30.70 -62.10
CA ASP F 498 -8.96 -32.16 -62.03
C ASP F 498 -9.00 -32.78 -63.42
N GLN F 499 -9.72 -32.17 -64.34
CA GLN F 499 -9.84 -32.66 -65.70
C GLN F 499 -8.94 -31.90 -66.68
N GLY F 500 -8.09 -31.01 -66.19
CA GLY F 500 -7.22 -30.24 -67.05
C GLY F 500 -6.14 -31.09 -67.68
N PRO F 501 -5.63 -30.66 -68.84
CA PRO F 501 -4.55 -31.40 -69.49
C PRO F 501 -3.24 -31.28 -68.72
N LEU F 502 -2.41 -32.30 -68.87
CA LEU F 502 -1.08 -32.28 -68.25
C LEU F 502 -0.20 -31.23 -68.94
N VAL F 503 0.57 -30.51 -68.13
CA VAL F 503 1.47 -29.47 -68.62
C VAL F 503 2.89 -29.86 -68.23
N GLU F 504 3.77 -29.92 -69.22
CA GLU F 504 5.17 -30.22 -68.97
C GLU F 504 5.87 -29.01 -68.37
N GLY F 505 6.59 -29.23 -67.27
CA GLY F 505 7.25 -28.14 -66.59
C GLY F 505 8.36 -28.64 -65.70
N GLN F 506 8.95 -27.70 -64.96
CA GLN F 506 10.04 -27.99 -64.04
C GLN F 506 9.71 -27.44 -62.67
N LEU F 507 10.19 -28.12 -61.63
CA LEU F 507 9.96 -27.69 -60.27
C LEU F 507 10.68 -26.37 -60.00
N GLY F 508 10.21 -25.66 -58.97
CA GLY F 508 10.84 -24.43 -58.56
C GLY F 508 11.37 -24.50 -57.15
N GLU F 509 11.14 -23.44 -56.37
CA GLU F 509 11.56 -23.38 -54.98
C GLU F 509 10.34 -23.20 -54.10
N ASN F 510 10.23 -24.02 -53.07
CA ASN F 510 9.08 -24.03 -52.16
C ASN F 510 7.80 -24.25 -52.98
N ASN F 511 7.68 -25.46 -53.50
CA ASN F 511 6.49 -25.96 -54.21
C ASN F 511 6.18 -25.17 -55.47
N GLU F 512 7.02 -24.22 -55.85
CA GLU F 512 6.78 -23.44 -57.06
C GLU F 512 6.97 -24.31 -58.31
N LEU F 513 6.19 -24.02 -59.34
CA LEU F 513 6.24 -24.74 -60.60
C LEU F 513 6.65 -23.79 -61.71
N ARG F 514 7.71 -24.14 -62.44
CA ARG F 514 8.21 -23.34 -63.54
C ARG F 514 7.68 -23.89 -64.86
N LEU F 515 7.12 -23.00 -65.68
CA LEU F 515 6.56 -23.43 -66.96
C LEU F 515 7.65 -23.93 -67.91
N THR F 516 8.79 -23.25 -67.95
CA THR F 516 9.86 -23.56 -68.88
C THR F 516 10.90 -24.45 -68.21
N ARG F 517 11.26 -25.54 -68.88
CA ARG F 517 12.29 -26.45 -68.39
C ARG F 517 13.65 -25.99 -68.92
N ASP F 518 14.13 -24.90 -68.33
CA ASP F 518 15.36 -24.26 -68.77
C ASP F 518 16.55 -24.49 -67.85
N ALA F 519 16.33 -25.01 -66.64
CA ALA F 519 17.42 -25.27 -65.70
C ALA F 519 18.18 -26.51 -66.19
N ILE F 520 19.26 -26.27 -66.92
CA ILE F 520 20.06 -27.33 -67.52
C ILE F 520 21.48 -27.23 -66.98
N GLU F 521 22.01 -28.36 -66.49
CA GLU F 521 23.37 -28.43 -65.98
C GLU F 521 24.07 -29.66 -66.52
N PRO F 522 25.40 -29.63 -66.60
CA PRO F 522 26.13 -30.83 -67.03
C PRO F 522 25.97 -31.96 -66.02
N CYS F 523 26.05 -33.19 -66.52
CA CYS F 523 25.94 -34.37 -65.66
C CYS F 523 27.07 -34.39 -64.64
N THR F 524 26.72 -34.67 -63.39
CA THR F 524 27.68 -34.65 -62.29
C THR F 524 27.58 -35.96 -61.52
N VAL F 525 28.75 -36.52 -61.16
CA VAL F 525 28.78 -37.73 -60.36
C VAL F 525 28.43 -37.40 -58.91
N GLY F 526 27.92 -38.39 -58.19
CA GLY F 526 27.52 -38.19 -56.82
C GLY F 526 26.39 -37.19 -56.67
N HIS F 527 25.41 -37.22 -57.58
CA HIS F 527 24.32 -36.25 -57.59
C HIS F 527 23.25 -36.66 -56.58
N ARG F 528 23.63 -36.61 -55.30
CA ARG F 528 22.71 -36.86 -54.20
C ARG F 528 22.13 -35.52 -53.77
N ARG F 529 20.88 -35.27 -54.18
CA ARG F 529 20.24 -33.99 -53.95
C ARG F 529 18.88 -34.19 -53.30
N TYR F 530 18.41 -33.14 -52.63
CA TYR F 530 17.10 -33.11 -52.01
C TYR F 530 16.32 -31.90 -52.52
N PHE F 531 15.00 -32.07 -52.62
CA PHE F 531 14.13 -31.00 -53.07
C PHE F 531 12.79 -31.10 -52.35
N THR F 532 12.24 -29.96 -51.99
CA THR F 532 10.95 -29.93 -51.31
C THR F 532 9.83 -30.36 -52.24
N PHE F 533 8.81 -30.99 -51.65
CA PHE F 533 7.65 -31.45 -52.42
C PHE F 533 6.45 -31.46 -51.48
N GLY F 534 5.59 -30.47 -51.62
CA GLY F 534 4.43 -30.38 -50.74
C GLY F 534 4.85 -30.22 -49.29
N GLY F 535 4.32 -31.09 -48.43
CA GLY F 535 4.67 -31.08 -47.03
C GLY F 535 5.98 -31.76 -46.68
N GLY F 536 6.69 -32.30 -47.66
CA GLY F 536 7.93 -32.99 -47.40
C GLY F 536 8.95 -32.85 -48.52
N TYR F 537 9.95 -33.72 -48.52
CA TYR F 537 11.04 -33.68 -49.49
C TYR F 537 11.00 -34.91 -50.38
N VAL F 538 11.66 -34.80 -51.53
CA VAL F 538 11.80 -35.89 -52.48
C VAL F 538 13.29 -36.09 -52.76
N TYR F 539 13.74 -37.34 -52.64
CA TYR F 539 15.16 -37.67 -52.75
C TYR F 539 15.53 -38.01 -54.18
N PHE F 540 16.80 -37.77 -54.53
CA PHE F 540 17.34 -38.11 -55.83
C PHE F 540 18.79 -38.54 -55.71
N GLU F 541 19.20 -39.43 -56.60
CA GLU F 541 20.58 -39.90 -56.69
C GLU F 541 20.91 -40.15 -58.14
N GLU F 542 21.92 -39.46 -58.66
CA GLU F 542 22.32 -39.56 -60.06
C GLU F 542 21.14 -39.30 -60.99
N TYR F 543 20.38 -38.24 -60.66
CA TYR F 543 19.22 -37.83 -61.45
C TYR F 543 18.19 -38.95 -61.56
N ALA F 544 17.93 -39.64 -60.46
CA ALA F 544 16.95 -40.71 -60.41
C ALA F 544 16.07 -40.54 -59.18
N TYR F 545 14.76 -40.66 -59.35
CA TYR F 545 13.83 -40.53 -58.23
C TYR F 545 14.00 -41.70 -57.28
N SER F 546 14.07 -41.40 -55.98
CA SER F 546 14.26 -42.44 -54.97
C SER F 546 12.99 -42.72 -54.17
N HIS F 547 12.44 -41.72 -53.49
CA HIS F 547 11.25 -41.89 -52.65
C HIS F 547 10.85 -40.54 -52.06
N GLN F 548 9.64 -40.49 -51.54
CA GLN F 548 9.18 -39.32 -50.79
C GLN F 548 9.79 -39.31 -49.39
N LEU F 549 9.92 -38.11 -48.83
CA LEU F 549 10.43 -37.93 -47.47
C LEU F 549 9.51 -37.01 -46.70
N SER F 550 9.23 -37.37 -45.45
CA SER F 550 8.45 -36.51 -44.57
C SER F 550 9.32 -35.37 -44.04
N ARG F 551 8.65 -34.36 -43.48
CA ARG F 551 9.37 -33.22 -42.93
C ARG F 551 10.27 -33.63 -41.77
N ALA F 552 9.79 -34.50 -40.89
CA ALA F 552 10.56 -34.92 -39.72
C ALA F 552 11.67 -35.89 -40.06
N ASP F 553 11.75 -36.37 -41.31
CA ASP F 553 12.77 -37.34 -41.68
C ASP F 553 14.17 -36.75 -41.64
N ILE F 554 14.30 -35.42 -41.66
CA ILE F 554 15.59 -34.75 -41.68
C ILE F 554 15.77 -33.98 -40.38
N THR F 555 16.96 -34.06 -39.80
CA THR F 555 17.27 -33.30 -38.60
C THR F 555 17.09 -31.81 -38.86
N THR F 556 16.45 -31.13 -37.92
CA THR F 556 16.07 -29.73 -38.07
C THR F 556 16.98 -28.86 -37.22
N VAL F 557 17.68 -27.93 -37.86
CA VAL F 557 18.46 -26.91 -37.15
C VAL F 557 17.64 -25.63 -37.12
N SER F 558 17.56 -25.01 -35.94
CA SER F 558 16.69 -23.85 -35.73
C SER F 558 17.48 -22.58 -35.99
N THR F 559 17.09 -21.86 -37.04
CA THR F 559 17.64 -20.53 -37.28
C THR F 559 17.03 -19.47 -36.38
N PHE F 560 15.89 -19.78 -35.75
CA PHE F 560 15.26 -18.83 -34.85
C PHE F 560 16.07 -18.74 -33.55
N ILE F 561 15.90 -17.61 -32.87
CA ILE F 561 16.52 -17.38 -31.56
C ILE F 561 15.41 -17.29 -30.53
N ASP F 562 15.39 -18.26 -29.61
CA ASP F 562 14.29 -18.38 -28.67
C ASP F 562 14.25 -17.18 -27.72
N LEU F 563 13.05 -16.66 -27.51
CA LEU F 563 12.80 -15.59 -26.55
C LEU F 563 11.64 -16.07 -25.68
N ASN F 564 11.97 -16.75 -24.58
CA ASN F 564 10.97 -17.39 -23.75
C ASN F 564 10.17 -16.36 -22.98
N ILE F 565 9.34 -15.59 -23.68
CA ILE F 565 8.52 -14.57 -23.05
C ILE F 565 7.33 -15.24 -22.39
N THR F 566 7.15 -15.01 -21.09
CA THR F 566 6.04 -15.56 -20.34
C THR F 566 5.32 -14.42 -19.62
N MET F 567 4.01 -14.60 -19.45
CA MET F 567 3.18 -13.55 -18.87
C MET F 567 3.31 -13.53 -17.35
N LEU F 568 3.19 -12.32 -16.79
CA LEU F 568 3.17 -12.18 -15.34
C LEU F 568 1.84 -12.74 -14.81
N GLU F 569 1.92 -13.72 -13.92
CA GLU F 569 0.72 -14.41 -13.47
C GLU F 569 -0.16 -13.47 -12.64
N ASP F 570 -1.46 -13.73 -12.68
CA ASP F 570 -2.40 -12.95 -11.89
C ASP F 570 -2.19 -13.21 -10.41
N HIS F 571 -2.36 -12.17 -9.61
CA HIS F 571 -2.17 -12.25 -8.17
C HIS F 571 -3.37 -11.63 -7.47
N GLU F 572 -3.80 -12.26 -6.39
CA GLU F 572 -4.92 -11.79 -5.59
C GLU F 572 -4.40 -11.29 -4.25
N PHE F 573 -4.65 -10.02 -3.96
CA PHE F 573 -4.21 -9.41 -2.71
C PHE F 573 -5.36 -9.51 -1.71
N VAL F 574 -5.30 -10.51 -0.85
CA VAL F 574 -6.32 -10.71 0.18
C VAL F 574 -6.23 -9.57 1.18
N PRO F 575 -7.32 -9.18 1.84
CA PRO F 575 -7.22 -8.17 2.90
C PRO F 575 -6.29 -8.65 4.00
N LEU F 576 -5.50 -7.73 4.53
CA LEU F 576 -4.47 -8.10 5.51
C LEU F 576 -4.15 -6.88 6.36
N GLU F 577 -4.38 -6.99 7.67
CA GLU F 577 -3.99 -5.98 8.62
C GLU F 577 -3.22 -6.64 9.76
N VAL F 578 -2.19 -5.97 10.25
CA VAL F 578 -1.52 -6.44 11.47
C VAL F 578 -2.50 -6.43 12.63
N TYR F 579 -3.21 -5.31 12.80
CA TYR F 579 -4.16 -5.13 13.89
C TYR F 579 -5.48 -4.66 13.29
N THR F 580 -6.55 -5.43 13.48
CA THR F 580 -7.86 -4.94 13.09
C THR F 580 -8.32 -3.86 14.06
N ARG F 581 -9.26 -3.03 13.58
CA ARG F 581 -9.73 -1.95 14.43
C ARG F 581 -10.42 -2.46 15.68
N HIS F 582 -11.01 -3.66 15.62
CA HIS F 582 -11.64 -4.24 16.80
C HIS F 582 -10.62 -4.53 17.89
N GLU F 583 -9.50 -5.17 17.53
CA GLU F 583 -8.48 -5.44 18.54
C GLU F 583 -7.72 -4.19 18.94
N ILE F 584 -7.63 -3.20 18.04
CA ILE F 584 -7.07 -1.91 18.44
C ILE F 584 -7.93 -1.26 19.51
N LYS F 585 -9.25 -1.29 19.32
CA LYS F 585 -10.15 -0.76 20.35
C LYS F 585 -10.06 -1.56 21.63
N ASP F 586 -9.97 -2.89 21.52
CA ASP F 586 -9.87 -3.74 22.70
C ASP F 586 -8.51 -3.68 23.37
N SER F 587 -7.51 -3.07 22.73
CA SER F 587 -6.18 -3.01 23.32
C SER F 587 -6.18 -2.20 24.61
N GLY F 588 -7.06 -1.21 24.73
CA GLY F 588 -7.12 -0.43 25.96
C GLY F 588 -7.57 -1.30 27.12
N LEU F 589 -6.98 -1.02 28.30
CA LEU F 589 -7.31 -1.80 29.48
C LEU F 589 -8.78 -1.63 29.86
N LEU F 590 -9.23 -0.39 29.98
CA LEU F 590 -10.60 -0.07 30.34
C LEU F 590 -11.30 0.53 29.13
N ASP F 591 -12.50 0.02 28.83
CA ASP F 591 -13.27 0.48 27.69
C ASP F 591 -14.35 1.45 28.16
N TYR F 592 -14.44 2.59 27.48
CA TYR F 592 -15.21 3.75 27.92
C TYR F 592 -16.68 3.38 28.12
N THR F 593 -17.33 3.07 27.00
CA THR F 593 -18.76 2.82 26.98
C THR F 593 -19.11 1.54 27.72
N GLU F 594 -18.27 0.51 27.63
CA GLU F 594 -18.55 -0.73 28.33
C GLU F 594 -18.53 -0.53 29.84
N VAL F 595 -17.54 0.22 30.35
CA VAL F 595 -17.47 0.49 31.78
C VAL F 595 -18.67 1.30 32.22
N GLN F 596 -19.02 2.35 31.47
CA GLN F 596 -20.17 3.16 31.82
C GLN F 596 -21.46 2.33 31.79
N ARG F 597 -21.60 1.48 30.77
CA ARG F 597 -22.79 0.66 30.63
C ARG F 597 -22.93 -0.32 31.78
N ARG F 598 -21.84 -0.98 32.17
CA ARG F 598 -21.92 -1.88 33.31
C ARG F 598 -22.26 -1.13 34.59
N ASN F 599 -21.61 0.02 34.82
CA ASN F 599 -21.88 0.78 36.03
C ASN F 599 -23.30 1.34 36.08
N GLN F 600 -23.95 1.49 34.93
CA GLN F 600 -25.33 1.96 34.94
C GLN F 600 -26.36 0.83 34.92
N LEU F 601 -26.02 -0.33 34.35
CA LEU F 601 -26.84 -1.52 34.60
C LEU F 601 -26.75 -2.00 36.03
N HIS F 602 -25.73 -1.56 36.78
CA HIS F 602 -25.61 -2.00 38.17
C HIS F 602 -26.90 -1.76 38.95
N ASP F 603 -27.40 -0.52 38.92
CA ASP F 603 -28.61 -0.21 39.68
C ASP F 603 -29.81 -0.98 39.16
N LEU F 604 -30.00 -0.97 37.83
CA LEU F 604 -31.17 -1.59 37.23
C LEU F 604 -31.23 -3.08 37.53
N ARG F 605 -30.09 -3.76 37.48
CA ARG F 605 -30.05 -5.20 37.71
C ARG F 605 -30.10 -5.51 39.20
N PHE F 606 -29.12 -5.04 39.97
CA PHE F 606 -29.01 -5.41 41.37
C PHE F 606 -29.93 -4.62 42.28
N ALA F 607 -30.89 -3.89 41.72
CA ALA F 607 -31.88 -3.20 42.53
C ALA F 607 -33.13 -2.99 41.71
N ASP F 608 -34.23 -2.71 42.41
CA ASP F 608 -35.51 -2.44 41.76
C ASP F 608 -35.69 -0.94 41.62
N ILE F 609 -35.90 -0.47 40.39
CA ILE F 609 -36.04 0.95 40.09
C ILE F 609 -37.48 1.33 39.85
N ASP F 610 -38.43 0.44 40.14
CA ASP F 610 -39.84 0.74 39.91
C ASP F 610 -40.70 0.52 41.15
N THR F 611 -40.37 -0.47 41.98
CA THR F 611 -41.15 -0.73 43.18
C THR F 611 -41.09 0.46 44.12
N VAL F 612 -42.24 0.86 44.64
CA VAL F 612 -42.37 2.00 45.54
C VAL F 612 -42.97 1.52 46.85
N ILE F 613 -42.31 1.84 47.96
CA ILE F 613 -42.76 1.44 49.29
C ILE F 613 -43.23 2.69 50.01
N HIS F 614 -44.49 2.69 50.44
CA HIS F 614 -45.07 3.80 51.18
C HIS F 614 -45.65 3.29 52.49
N ALA F 615 -45.26 3.92 53.59
CA ALA F 615 -45.74 3.51 54.91
C ALA F 615 -45.67 4.67 55.90
N GLU G 1 -36.33 -16.90 -37.08
CA GLU G 1 -37.25 -15.86 -36.63
C GLU G 1 -37.76 -16.16 -35.22
N VAL G 2 -37.87 -15.11 -34.41
CA VAL G 2 -38.28 -15.27 -33.01
C VAL G 2 -39.75 -15.65 -32.95
N GLN G 3 -40.06 -16.66 -32.13
CA GLN G 3 -41.43 -17.14 -31.99
C GLN G 3 -41.70 -17.41 -30.51
N LEU G 4 -42.72 -16.76 -29.96
CA LEU G 4 -43.12 -16.93 -28.56
C LEU G 4 -44.54 -17.48 -28.54
N VAL G 5 -44.66 -18.80 -28.60
CA VAL G 5 -45.95 -19.47 -28.51
C VAL G 5 -46.22 -19.83 -27.06
N GLU G 6 -47.45 -19.58 -26.61
CA GLU G 6 -47.84 -19.77 -25.22
C GLU G 6 -49.03 -20.71 -25.13
N THR G 7 -48.97 -21.64 -24.19
CA THR G 7 -50.06 -22.59 -23.95
C THR G 7 -50.42 -22.60 -22.47
N GLY G 8 -51.28 -23.55 -22.08
CA GLY G 8 -51.65 -23.69 -20.68
C GLY G 8 -52.72 -22.75 -20.19
N GLY G 9 -53.35 -21.98 -21.08
CA GLY G 9 -54.40 -21.06 -20.69
C GLY G 9 -55.77 -21.67 -20.92
N GLY G 10 -56.71 -21.33 -20.03
CA GLY G 10 -58.06 -21.85 -20.13
C GLY G 10 -58.92 -21.29 -19.01
N VAL G 11 -60.21 -21.62 -19.09
CA VAL G 11 -61.15 -21.16 -18.09
C VAL G 11 -60.96 -21.96 -16.81
N VAL G 12 -60.79 -21.25 -15.69
CA VAL G 12 -60.60 -21.86 -14.39
C VAL G 12 -61.50 -21.16 -13.38
N ARG G 13 -62.33 -21.93 -12.68
CA ARG G 13 -63.12 -21.37 -11.60
C ARG G 13 -62.19 -20.93 -10.47
N PRO G 14 -62.54 -19.85 -9.76
CA PRO G 14 -61.64 -19.36 -8.71
C PRO G 14 -61.43 -20.39 -7.61
N GLY G 15 -60.22 -20.38 -7.05
CA GLY G 15 -59.93 -21.22 -5.91
C GLY G 15 -58.63 -22.01 -5.95
N ARG G 16 -58.24 -22.52 -7.12
CA ARG G 16 -57.01 -23.30 -7.21
C ARG G 16 -56.06 -22.69 -8.22
N SER G 17 -54.98 -23.41 -8.51
CA SER G 17 -53.85 -22.90 -9.27
C SER G 17 -54.00 -23.21 -10.76
N LEU G 18 -53.03 -22.75 -11.54
CA LEU G 18 -52.99 -22.99 -12.98
C LEU G 18 -51.55 -22.89 -13.45
N ARG G 19 -51.21 -23.67 -14.46
CA ARG G 19 -49.86 -23.72 -15.01
C ARG G 19 -49.85 -23.08 -16.40
N LEU G 20 -48.91 -22.16 -16.61
CA LEU G 20 -48.73 -21.48 -17.88
C LEU G 20 -47.34 -21.78 -18.43
N SER G 21 -47.26 -22.09 -19.71
CA SER G 21 -46.00 -22.44 -20.36
C SER G 21 -45.85 -21.66 -21.66
N CYS G 22 -44.60 -21.39 -22.03
CA CYS G 22 -44.28 -20.70 -23.27
C CYS G 22 -43.05 -21.35 -23.89
N THR G 23 -43.08 -21.50 -25.21
CA THR G 23 -42.00 -22.11 -25.96
C THR G 23 -41.33 -21.07 -26.84
N THR G 24 -39.99 -21.06 -26.85
CA THR G 24 -39.21 -20.08 -27.57
C THR G 24 -38.44 -20.75 -28.69
N SER G 25 -38.27 -20.02 -29.79
CA SER G 25 -37.52 -20.52 -30.94
C SER G 25 -37.02 -19.34 -31.76
N GLY G 26 -36.01 -19.60 -32.59
CA GLY G 26 -35.44 -18.60 -33.45
C GLY G 26 -34.32 -17.78 -32.84
N PHE G 27 -34.05 -17.96 -31.55
CA PHE G 27 -33.00 -17.21 -30.87
C PHE G 27 -32.45 -18.08 -29.75
N SER G 28 -31.68 -17.48 -28.86
CA SER G 28 -31.02 -18.20 -27.77
C SER G 28 -31.81 -17.99 -26.48
N PHE G 29 -32.32 -19.08 -25.92
CA PHE G 29 -32.98 -19.06 -24.62
C PHE G 29 -31.97 -19.37 -23.50
N SER G 30 -30.83 -18.68 -23.55
CA SER G 30 -29.79 -18.88 -22.53
C SER G 30 -29.22 -17.59 -21.98
N GLY G 31 -29.31 -16.46 -22.68
CA GLY G 31 -28.76 -15.22 -22.20
C GLY G 31 -29.78 -14.10 -22.15
N SER G 32 -30.99 -14.38 -22.61
CA SER G 32 -32.06 -13.39 -22.69
C SER G 32 -33.04 -13.62 -21.56
N ALA G 33 -33.29 -12.58 -20.76
CA ALA G 33 -34.26 -12.67 -19.70
C ALA G 33 -35.68 -12.61 -20.26
N MET G 34 -36.62 -13.19 -19.52
CA MET G 34 -38.02 -13.25 -19.93
C MET G 34 -38.92 -12.64 -18.87
N HIS G 35 -40.03 -12.06 -19.32
CA HIS G 35 -41.02 -11.47 -18.44
C HIS G 35 -42.39 -12.05 -18.77
N TRP G 36 -43.29 -12.00 -17.79
CA TRP G 36 -44.69 -12.34 -17.98
C TRP G 36 -45.51 -11.08 -17.79
N VAL G 37 -46.27 -10.71 -18.81
CA VAL G 37 -47.08 -9.50 -18.80
C VAL G 37 -48.52 -9.87 -19.15
N ARG G 38 -49.46 -9.36 -18.37
CA ARG G 38 -50.87 -9.64 -18.56
C ARG G 38 -51.61 -8.37 -18.96
N GLN G 39 -52.67 -8.52 -19.75
CA GLN G 39 -53.47 -7.40 -20.25
C GLN G 39 -54.93 -7.70 -19.93
N ALA G 40 -55.41 -7.16 -18.81
CA ALA G 40 -56.79 -7.39 -18.42
C ALA G 40 -57.75 -6.70 -19.39
N PRO G 41 -58.91 -7.30 -19.63
CA PRO G 41 -59.89 -6.67 -20.51
C PRO G 41 -60.36 -5.33 -19.94
N GLY G 42 -60.38 -4.32 -20.79
CA GLY G 42 -60.77 -2.99 -20.39
C GLY G 42 -59.70 -2.18 -19.70
N LYS G 43 -58.51 -2.75 -19.50
CA LYS G 43 -57.39 -2.06 -18.88
C LYS G 43 -56.17 -2.17 -19.79
N GLY G 44 -55.08 -1.53 -19.38
CA GLY G 44 -53.84 -1.58 -20.12
C GLY G 44 -53.01 -2.79 -19.75
N LEU G 45 -51.74 -2.74 -20.16
CA LEU G 45 -50.82 -3.83 -19.88
C LEU G 45 -50.39 -3.79 -18.41
N GLU G 46 -49.83 -4.90 -17.94
CA GLU G 46 -49.45 -5.01 -16.54
C GLU G 46 -48.33 -6.03 -16.41
N TRP G 47 -47.16 -5.59 -15.97
CA TRP G 47 -46.04 -6.49 -15.75
C TRP G 47 -46.30 -7.33 -14.51
N VAL G 48 -45.92 -8.61 -14.59
CA VAL G 48 -46.22 -9.56 -13.51
C VAL G 48 -44.93 -10.13 -12.91
N ALA G 49 -44.14 -10.81 -13.73
CA ALA G 49 -42.95 -11.50 -13.23
C ALA G 49 -41.83 -11.42 -14.27
N VAL G 50 -40.62 -11.70 -13.81
CA VAL G 50 -39.44 -11.70 -14.67
C VAL G 50 -38.50 -12.80 -14.20
N ILE G 51 -37.87 -13.48 -15.17
CA ILE G 51 -36.85 -14.48 -14.89
C ILE G 51 -35.58 -14.11 -15.66
N SER G 52 -34.44 -14.29 -15.03
CA SER G 52 -33.17 -13.97 -15.65
C SER G 52 -32.70 -15.11 -16.56
N HIS G 53 -31.53 -14.92 -17.17
CA HIS G 53 -30.99 -15.94 -18.06
C HIS G 53 -30.67 -17.24 -17.32
N ASP G 54 -30.07 -17.12 -16.13
CA ASP G 54 -29.76 -18.27 -15.30
C ASP G 54 -30.82 -18.59 -14.28
N GLY G 55 -31.86 -17.75 -14.16
CA GLY G 55 -33.01 -18.06 -13.35
C GLY G 55 -32.89 -17.75 -11.88
N ASN G 56 -31.76 -17.22 -11.41
CA ASN G 56 -31.59 -16.91 -10.00
C ASN G 56 -31.79 -15.43 -9.68
N ILE G 57 -32.27 -14.64 -10.64
CA ILE G 57 -32.82 -13.31 -10.37
C ILE G 57 -34.32 -13.39 -10.59
N ILE G 58 -35.08 -13.43 -9.50
CA ILE G 58 -36.52 -13.63 -9.54
C ILE G 58 -37.20 -12.52 -8.73
N GLN G 59 -38.11 -11.81 -9.36
CA GLN G 59 -38.97 -10.87 -8.65
C GLN G 59 -40.29 -10.77 -9.40
N TYR G 60 -41.37 -10.59 -8.63
CA TYR G 60 -42.71 -10.52 -9.18
C TYR G 60 -43.31 -9.14 -8.96
N HIS G 61 -44.46 -8.92 -9.58
CA HIS G 61 -45.23 -7.71 -9.31
C HIS G 61 -45.81 -7.78 -7.90
N ASP G 62 -46.09 -6.61 -7.32
CA ASP G 62 -46.59 -6.56 -5.95
C ASP G 62 -47.96 -7.21 -5.80
N SER G 63 -48.70 -7.39 -6.90
CA SER G 63 -50.02 -8.00 -6.84
C SER G 63 -49.97 -9.52 -6.88
N VAL G 64 -48.82 -10.12 -7.15
CA VAL G 64 -48.69 -11.57 -7.22
C VAL G 64 -47.63 -12.04 -6.24
N LYS G 65 -47.43 -11.27 -5.16
CA LYS G 65 -46.44 -11.63 -4.16
C LYS G 65 -46.88 -12.88 -3.41
N GLY G 66 -46.11 -13.95 -3.54
CA GLY G 66 -46.41 -15.20 -2.86
C GLY G 66 -47.49 -16.04 -3.51
N ARG G 67 -48.02 -15.61 -4.67
CA ARG G 67 -49.09 -16.34 -5.33
C ARG G 67 -48.71 -16.85 -6.71
N PHE G 68 -47.66 -16.32 -7.33
CA PHE G 68 -47.23 -16.75 -8.65
C PHE G 68 -45.81 -17.32 -8.58
N THR G 69 -45.53 -18.26 -9.46
CA THR G 69 -44.23 -18.92 -9.52
C THR G 69 -43.73 -18.91 -10.95
N ILE G 70 -42.47 -18.52 -11.14
CA ILE G 70 -41.85 -18.44 -12.45
C ILE G 70 -40.62 -19.33 -12.46
N SER G 71 -40.41 -20.01 -13.58
CA SER G 71 -39.24 -20.87 -13.76
C SER G 71 -39.01 -21.07 -15.25
N ARG G 72 -37.79 -21.48 -15.58
CA ARG G 72 -37.42 -21.73 -16.97
C ARG G 72 -36.52 -22.95 -17.04
N ASP G 73 -36.50 -23.58 -18.22
CA ASP G 73 -35.62 -24.70 -18.51
C ASP G 73 -34.89 -24.38 -19.81
N ASN G 74 -33.64 -23.93 -19.70
CA ASN G 74 -32.88 -23.53 -20.88
C ASN G 74 -32.60 -24.71 -21.81
N SER G 75 -32.67 -25.94 -21.31
CA SER G 75 -32.43 -27.10 -22.15
C SER G 75 -33.50 -27.25 -23.22
N LYS G 76 -34.77 -27.11 -22.83
CA LYS G 76 -35.89 -27.23 -23.75
C LYS G 76 -36.42 -25.89 -24.22
N ASN G 77 -35.84 -24.78 -23.76
CA ASN G 77 -36.25 -23.44 -24.16
C ASN G 77 -37.73 -23.20 -23.88
N VAL G 78 -38.17 -23.59 -22.69
CA VAL G 78 -39.56 -23.44 -22.26
C VAL G 78 -39.59 -22.62 -20.98
N LEU G 79 -40.45 -21.61 -20.97
CA LEU G 79 -40.62 -20.74 -19.80
C LEU G 79 -41.92 -21.11 -19.08
N LEU G 80 -41.82 -21.33 -17.77
CA LEU G 80 -42.92 -21.83 -16.97
C LEU G 80 -43.41 -20.74 -16.03
N LEU G 81 -44.72 -20.50 -16.01
CA LEU G 81 -45.36 -19.59 -15.07
C LEU G 81 -46.43 -20.36 -14.32
N GLN G 82 -46.19 -20.65 -13.05
CA GLN G 82 -47.14 -21.37 -12.21
C GLN G 82 -47.91 -20.34 -11.38
N MET G 83 -49.17 -20.12 -11.74
CA MET G 83 -50.03 -19.18 -11.04
C MET G 83 -50.89 -19.93 -10.03
N ASN G 84 -50.90 -19.45 -8.80
CA ASN G 84 -51.63 -20.08 -7.70
C ASN G 84 -52.60 -19.09 -7.07
N SER G 85 -53.70 -19.63 -6.55
CA SER G 85 -54.72 -18.84 -5.85
C SER G 85 -55.24 -17.70 -6.72
N LEU G 86 -55.66 -18.05 -7.93
CA LEU G 86 -56.19 -17.06 -8.86
C LEU G 86 -57.49 -16.45 -8.34
N ARG G 87 -57.69 -15.18 -8.65
CA ARG G 87 -58.90 -14.45 -8.34
C ARG G 87 -59.53 -13.93 -9.63
N VAL G 88 -60.67 -13.26 -9.49
CA VAL G 88 -61.40 -12.78 -10.65
C VAL G 88 -60.61 -11.72 -11.41
N ASP G 89 -59.85 -10.88 -10.70
CA ASP G 89 -59.06 -9.85 -11.35
C ASP G 89 -57.90 -10.40 -12.15
N ASP G 90 -57.55 -11.67 -11.97
CA ASP G 90 -56.45 -12.27 -12.72
C ASP G 90 -56.79 -12.53 -14.17
N THR G 91 -58.06 -12.40 -14.56
CA THR G 91 -58.46 -12.55 -15.96
C THR G 91 -57.75 -11.53 -16.83
N ALA G 92 -56.88 -11.99 -17.72
CA ALA G 92 -56.08 -11.10 -18.53
C ALA G 92 -55.47 -11.87 -19.70
N MET G 93 -54.94 -11.12 -20.65
CA MET G 93 -54.22 -11.69 -21.80
C MET G 93 -52.74 -11.77 -21.42
N TYR G 94 -52.25 -12.98 -21.18
CA TYR G 94 -50.89 -13.17 -20.68
C TYR G 94 -49.93 -13.31 -21.86
N TYR G 95 -48.91 -12.46 -21.88
CA TYR G 95 -47.91 -12.45 -22.93
C TYR G 95 -46.55 -12.84 -22.34
N CYS G 96 -45.83 -13.71 -23.04
CA CYS G 96 -44.47 -14.10 -22.64
C CYS G 96 -43.48 -13.11 -23.24
N ALA G 97 -43.46 -11.91 -22.66
CA ALA G 97 -42.58 -10.86 -23.15
C ALA G 97 -41.12 -11.19 -22.90
N ARG G 98 -40.28 -10.90 -23.88
CA ARG G 98 -38.85 -11.15 -23.80
C ARG G 98 -38.12 -9.84 -23.52
N ASP G 99 -37.23 -9.86 -22.53
CA ASP G 99 -36.44 -8.68 -22.22
C ASP G 99 -35.48 -8.37 -23.36
N VAL G 100 -35.33 -7.08 -23.67
CA VAL G 100 -34.44 -6.67 -24.75
C VAL G 100 -33.00 -7.00 -24.39
N TRP G 101 -32.20 -7.32 -25.40
CA TRP G 101 -30.80 -7.66 -25.22
C TRP G 101 -29.95 -6.41 -25.46
N LEU G 102 -29.30 -5.94 -24.41
CA LEU G 102 -28.41 -4.79 -24.48
C LEU G 102 -26.99 -5.12 -24.05
N LEU G 103 -26.83 -5.91 -23.01
CA LEU G 103 -25.55 -6.34 -22.48
C LEU G 103 -25.57 -7.85 -22.30
N PRO G 104 -24.41 -8.50 -22.25
CA PRO G 104 -24.37 -9.98 -22.16
C PRO G 104 -25.29 -10.57 -21.09
N ALA G 105 -25.13 -10.16 -19.83
CA ALA G 105 -25.96 -10.67 -18.74
C ALA G 105 -26.51 -9.49 -17.95
N THR G 106 -27.62 -8.93 -18.42
CA THR G 106 -28.32 -7.85 -17.75
C THR G 106 -29.81 -7.98 -18.04
N ILE G 107 -30.64 -7.82 -17.00
CA ILE G 107 -32.08 -7.76 -17.17
C ILE G 107 -32.46 -6.30 -17.40
N SER G 108 -32.76 -5.97 -18.66
CA SER G 108 -32.97 -4.59 -19.07
C SER G 108 -34.36 -4.06 -18.73
N TYR G 109 -35.30 -4.93 -18.38
CA TYR G 109 -36.66 -4.53 -18.01
C TYR G 109 -37.38 -3.83 -19.15
N ALA G 110 -36.97 -4.09 -20.39
CA ALA G 110 -37.63 -3.55 -21.57
C ALA G 110 -37.94 -4.70 -22.52
N PHE G 111 -39.14 -4.68 -23.08
CA PHE G 111 -39.72 -5.85 -23.76
C PHE G 111 -39.57 -5.65 -25.26
N ASP G 112 -38.55 -6.27 -25.85
CA ASP G 112 -38.28 -6.05 -27.27
C ASP G 112 -39.28 -6.76 -28.17
N PHE G 113 -39.66 -7.99 -27.81
CA PHE G 113 -40.58 -8.77 -28.62
C PHE G 113 -41.50 -9.56 -27.70
N TRP G 114 -42.80 -9.52 -28.00
CA TRP G 114 -43.82 -10.13 -27.17
C TRP G 114 -44.35 -11.41 -27.82
N GLY G 115 -45.12 -12.17 -27.04
CA GLY G 115 -45.81 -13.32 -27.57
C GLY G 115 -47.14 -12.96 -28.22
N GLN G 116 -47.77 -13.97 -28.82
CA GLN G 116 -49.06 -13.75 -29.46
C GLN G 116 -50.16 -13.59 -28.44
N GLY G 117 -50.03 -14.22 -27.28
CA GLY G 117 -51.04 -14.16 -26.23
C GLY G 117 -51.59 -15.54 -25.90
N THR G 118 -52.36 -15.57 -24.83
CA THR G 118 -53.06 -16.77 -24.41
C THR G 118 -54.27 -16.37 -23.57
N MET G 119 -55.32 -17.18 -23.67
CA MET G 119 -56.58 -16.87 -22.99
C MET G 119 -56.53 -17.38 -21.56
N VAL G 120 -56.63 -16.48 -20.60
CA VAL G 120 -56.63 -16.82 -19.18
C VAL G 120 -57.76 -16.04 -18.52
N THR G 121 -58.81 -16.74 -18.12
CA THR G 121 -59.95 -16.13 -17.47
C THR G 121 -60.28 -16.88 -16.19
N VAL G 122 -60.79 -16.14 -15.22
CA VAL G 122 -61.21 -16.69 -13.93
C VAL G 122 -62.66 -16.28 -13.74
N SER G 123 -63.58 -17.16 -14.13
CA SER G 123 -65.01 -16.90 -14.06
C SER G 123 -65.65 -17.88 -13.07
N SER G 124 -66.77 -17.46 -12.50
CA SER G 124 -67.49 -18.31 -11.56
C SER G 124 -68.99 -18.32 -11.87
N VAL H 1 -45.19 2.88 -5.45
CA VAL H 1 -45.38 2.42 -6.81
C VAL H 1 -45.32 3.59 -7.79
N ILE H 2 -44.53 3.44 -8.84
CA ILE H 2 -44.37 4.51 -9.83
C ILE H 2 -45.58 4.52 -10.75
N TRP H 3 -46.19 5.70 -10.91
CA TRP H 3 -47.45 5.84 -11.63
C TRP H 3 -47.23 6.54 -12.96
N MET H 4 -47.69 5.91 -14.03
CA MET H 4 -47.72 6.52 -15.36
C MET H 4 -49.04 7.22 -15.62
N THR H 5 -48.96 8.39 -16.24
CA THR H 5 -50.13 9.14 -16.71
C THR H 5 -49.86 9.52 -18.17
N GLN H 6 -50.19 8.61 -19.08
CA GLN H 6 -49.92 8.81 -20.51
C GLN H 6 -51.07 9.58 -21.12
N SER H 7 -51.04 10.90 -20.96
CA SER H 7 -52.05 11.79 -21.50
C SER H 7 -51.55 12.47 -22.78
N PRO H 8 -52.45 12.81 -23.70
CA PRO H 8 -53.90 12.60 -23.69
C PRO H 8 -54.31 11.17 -24.00
N PRO H 9 -55.47 10.74 -23.50
CA PRO H 9 -55.90 9.36 -23.72
C PRO H 9 -56.12 9.01 -25.19
N SER H 10 -56.46 9.99 -26.04
CA SER H 10 -56.72 9.71 -27.44
C SER H 10 -56.63 10.99 -28.24
N LEU H 11 -56.00 10.91 -29.41
CA LEU H 11 -55.94 12.00 -30.37
C LEU H 11 -56.38 11.51 -31.74
N SER H 12 -56.27 12.39 -32.73
CA SER H 12 -56.62 12.07 -34.10
C SER H 12 -55.75 12.89 -35.04
N ALA H 13 -55.14 12.22 -36.01
CA ALA H 13 -54.29 12.89 -36.98
C ALA H 13 -54.23 12.07 -38.26
N SER H 14 -54.27 12.76 -39.39
CA SER H 14 -54.22 12.11 -40.69
C SER H 14 -52.78 11.88 -41.11
N ILE H 15 -52.59 11.37 -42.33
CA ILE H 15 -51.26 11.08 -42.83
C ILE H 15 -50.48 12.38 -43.02
N GLY H 16 -49.21 12.37 -42.61
CA GLY H 16 -48.34 13.50 -42.77
C GLY H 16 -48.40 14.54 -41.67
N ASP H 17 -49.30 14.38 -40.71
CA ASP H 17 -49.39 15.33 -39.61
C ASP H 17 -48.39 14.96 -38.51
N THR H 18 -48.23 15.88 -37.57
CA THR H 18 -47.39 15.66 -36.40
C THR H 18 -48.26 15.50 -35.16
N VAL H 19 -47.82 14.65 -34.24
CA VAL H 19 -48.57 14.34 -33.03
C VAL H 19 -47.60 14.17 -31.88
N THR H 20 -48.01 14.64 -30.70
CA THR H 20 -47.21 14.52 -29.49
C THR H 20 -48.04 13.90 -28.39
N ILE H 21 -47.41 13.03 -27.61
CA ILE H 21 -48.04 12.35 -26.49
C ILE H 21 -47.10 12.45 -25.29
N THR H 22 -47.67 12.67 -24.10
CA THR H 22 -46.91 12.99 -22.91
C THR H 22 -47.09 11.90 -21.87
N CYS H 23 -45.99 11.44 -21.29
CA CYS H 23 -46.00 10.51 -20.17
C CYS H 23 -45.41 11.20 -18.96
N ARG H 24 -46.13 11.15 -17.83
CA ARG H 24 -45.70 11.77 -16.59
C ARG H 24 -45.60 10.70 -15.52
N ALA H 25 -44.62 10.84 -14.63
CA ALA H 25 -44.38 9.90 -13.55
C ALA H 25 -44.59 10.57 -12.21
N SER H 26 -45.01 9.77 -11.22
CA SER H 26 -45.20 10.29 -9.88
C SER H 26 -43.90 10.79 -9.26
N GLN H 27 -42.76 10.30 -9.72
CA GLN H 27 -41.47 10.77 -9.24
C GLN H 27 -40.45 10.57 -10.36
N GLY H 28 -39.38 11.36 -10.30
CA GLY H 28 -38.37 11.34 -11.34
C GLY H 28 -37.74 9.98 -11.57
N ILE H 29 -37.81 9.49 -12.81
CA ILE H 29 -37.31 8.17 -13.15
C ILE H 29 -35.99 8.22 -13.90
N SER H 30 -35.50 9.41 -14.23
CA SER H 30 -34.16 9.60 -14.78
C SER H 30 -33.96 8.81 -16.07
N ASN H 31 -34.74 9.18 -17.09
CA ASN H 31 -34.63 8.64 -18.44
C ASN H 31 -34.90 7.14 -18.51
N SER H 32 -35.46 6.55 -17.46
CA SER H 32 -35.75 5.12 -17.46
C SER H 32 -37.22 4.88 -17.81
N ILE H 33 -37.56 5.21 -19.05
CA ILE H 33 -38.90 5.00 -19.58
C ILE H 33 -38.78 4.31 -20.93
N ALA H 34 -39.83 3.55 -21.29
CA ALA H 34 -39.87 2.84 -22.55
C ALA H 34 -41.21 3.12 -23.24
N TRP H 35 -41.17 3.27 -24.56
CA TRP H 35 -42.35 3.59 -25.36
C TRP H 35 -42.72 2.37 -26.20
N TYR H 36 -43.97 1.95 -26.12
CA TYR H 36 -44.46 0.77 -26.81
C TYR H 36 -45.64 1.14 -27.70
N GLN H 37 -45.65 0.61 -28.91
CA GLN H 37 -46.77 0.77 -29.84
C GLN H 37 -47.31 -0.61 -30.20
N ARG H 38 -48.63 -0.69 -30.36
CA ARG H 38 -49.30 -1.95 -30.65
C ARG H 38 -50.18 -1.74 -31.88
N ARG H 39 -49.81 -2.36 -33.00
CA ARG H 39 -50.62 -2.31 -34.20
C ARG H 39 -51.95 -3.01 -33.93
N PRO H 40 -53.03 -2.59 -34.59
CA PRO H 40 -54.33 -3.25 -34.39
C PRO H 40 -54.27 -4.73 -34.70
N GLY H 41 -54.57 -5.54 -33.70
CA GLY H 41 -54.52 -6.98 -33.85
C GLY H 41 -53.13 -7.59 -33.84
N LYS H 42 -52.11 -6.80 -33.52
CA LYS H 42 -50.73 -7.27 -33.53
C LYS H 42 -50.14 -7.16 -32.13
N ALA H 43 -49.11 -7.97 -31.88
CA ALA H 43 -48.41 -7.91 -30.61
C ALA H 43 -47.63 -6.60 -30.50
N PRO H 44 -47.49 -6.07 -29.28
CA PRO H 44 -46.73 -4.82 -29.12
C PRO H 44 -45.27 -5.00 -29.52
N GLU H 45 -44.68 -3.90 -29.97
CA GLU H 45 -43.26 -3.89 -30.36
C GLU H 45 -42.56 -2.75 -29.64
N LEU H 46 -41.32 -2.99 -29.24
CA LEU H 46 -40.53 -1.96 -28.59
C LEU H 46 -40.18 -0.86 -29.57
N LEU H 47 -40.32 0.39 -29.12
CA LEU H 47 -39.99 1.55 -29.94
C LEU H 47 -38.86 2.37 -29.34
N VAL H 48 -38.98 2.79 -28.09
CA VAL H 48 -38.00 3.66 -27.45
C VAL H 48 -37.66 3.09 -26.08
N TYR H 49 -36.36 3.08 -25.77
CA TYR H 49 -35.89 2.81 -24.42
C TYR H 49 -34.80 3.80 -24.09
N ALA H 50 -34.58 4.02 -22.80
CA ALA H 50 -33.73 5.10 -22.28
C ALA H 50 -34.24 6.48 -22.68
N ALA H 51 -35.45 6.54 -23.24
CA ALA H 51 -36.20 7.76 -23.54
C ALA H 51 -35.67 8.53 -24.74
N TYR H 52 -34.48 8.17 -25.25
CA TYR H 52 -34.02 8.79 -26.49
C TYR H 52 -33.23 7.82 -27.37
N ARG H 53 -33.52 6.53 -27.32
CA ARG H 53 -32.83 5.54 -28.12
C ARG H 53 -33.81 4.79 -28.99
N LEU H 54 -33.47 4.63 -30.27
CA LEU H 54 -34.31 3.94 -31.25
C LEU H 54 -33.59 2.67 -31.70
N GLN H 55 -34.32 1.56 -31.72
CA GLN H 55 -33.75 0.28 -32.13
C GLN H 55 -33.66 0.21 -33.65
N SER H 56 -33.19 -0.94 -34.15
CA SER H 56 -33.10 -1.14 -35.59
C SER H 56 -34.49 -1.27 -36.20
N GLY H 57 -34.70 -0.61 -37.34
CA GLY H 57 -35.95 -0.68 -38.05
C GLY H 57 -36.96 0.38 -37.67
N VAL H 58 -36.73 1.12 -36.60
CA VAL H 58 -37.67 2.18 -36.20
C VAL H 58 -37.52 3.36 -37.15
N PRO H 59 -38.62 3.90 -37.69
CA PRO H 59 -38.51 5.08 -38.55
C PRO H 59 -37.89 6.26 -37.82
N SER H 60 -37.09 7.04 -38.54
CA SER H 60 -36.41 8.17 -37.93
C SER H 60 -37.36 9.29 -37.53
N ARG H 61 -38.57 9.31 -38.06
CA ARG H 61 -39.53 10.34 -37.68
C ARG H 61 -39.90 10.22 -36.21
N LEU H 62 -40.06 9.00 -35.72
CA LEU H 62 -40.32 8.78 -34.30
C LEU H 62 -39.13 9.23 -33.47
N SER H 63 -39.39 9.83 -32.32
CA SER H 63 -38.32 10.31 -31.46
C SER H 63 -38.87 10.56 -30.06
N GLY H 64 -38.09 10.19 -29.06
CA GLY H 64 -38.45 10.45 -27.68
C GLY H 64 -37.60 11.55 -27.08
N SER H 65 -38.10 12.19 -26.03
CA SER H 65 -37.40 13.30 -25.39
C SER H 65 -37.88 13.42 -23.95
N GLY H 66 -37.53 14.53 -23.31
CA GLY H 66 -37.90 14.77 -21.94
C GLY H 66 -36.89 14.23 -20.95
N SER H 67 -37.07 14.65 -19.69
CA SER H 67 -36.17 14.23 -18.61
C SER H 67 -36.91 14.40 -17.30
N GLY H 68 -36.36 13.78 -16.26
CA GLY H 68 -36.96 13.85 -14.94
C GLY H 68 -38.22 13.02 -14.82
N ALA H 69 -39.37 13.68 -14.72
CA ALA H 69 -40.66 13.00 -14.59
C ALA H 69 -41.59 13.31 -15.75
N GLU H 70 -41.06 13.84 -16.85
CA GLU H 70 -41.86 14.15 -18.03
C GLU H 70 -41.12 13.67 -19.26
N TYR H 71 -41.77 12.83 -20.07
CA TYR H 71 -41.18 12.29 -21.29
C TYR H 71 -42.22 12.30 -22.38
N THR H 72 -41.88 12.87 -23.52
CA THR H 72 -42.82 13.05 -24.63
C THR H 72 -42.33 12.30 -25.85
N LEU H 73 -43.21 11.51 -26.44
CA LEU H 73 -42.94 10.82 -27.71
C LEU H 73 -43.59 11.62 -28.83
N THR H 74 -42.77 12.12 -29.75
CA THR H 74 -43.23 12.98 -30.84
C THR H 74 -43.07 12.26 -32.17
N ILE H 75 -44.16 12.18 -32.93
CA ILE H 75 -44.17 11.58 -34.26
C ILE H 75 -44.46 12.68 -35.26
N LYS H 76 -43.54 12.91 -36.18
CA LYS H 76 -43.67 13.93 -37.21
C LYS H 76 -43.89 13.29 -38.56
N ASN H 77 -44.86 13.82 -39.31
CA ASN H 77 -45.25 13.29 -40.61
C ASN H 77 -45.62 11.81 -40.52
N MET H 78 -46.67 11.55 -39.72
CA MET H 78 -47.11 10.18 -39.48
C MET H 78 -47.59 9.54 -40.77
N GLN H 79 -47.13 8.31 -41.00
CA GLN H 79 -47.54 7.54 -42.17
C GLN H 79 -48.73 6.65 -41.82
N PRO H 80 -49.29 5.92 -42.79
CA PRO H 80 -50.42 5.03 -42.47
C PRO H 80 -50.06 3.95 -41.46
N GLU H 81 -48.82 3.47 -41.47
CA GLU H 81 -48.38 2.41 -40.57
C GLU H 81 -47.88 2.94 -39.23
N ASP H 82 -48.29 4.15 -38.85
CA ASP H 82 -47.88 4.77 -37.60
C ASP H 82 -49.07 5.39 -36.89
N PHE H 83 -50.22 4.72 -36.94
CA PHE H 83 -51.45 5.20 -36.30
C PHE H 83 -52.08 4.04 -35.54
N ALA H 84 -51.73 3.91 -34.26
CA ALA H 84 -52.28 2.87 -33.40
C ALA H 84 -52.04 3.27 -31.96
N THR H 85 -52.30 2.34 -31.04
CA THR H 85 -52.12 2.62 -29.62
C THR H 85 -50.64 2.75 -29.28
N TYR H 86 -50.33 3.64 -28.35
CA TYR H 86 -48.97 3.86 -27.87
C TYR H 86 -48.95 3.76 -26.36
N TYR H 87 -48.01 2.97 -25.83
CA TYR H 87 -47.91 2.73 -24.40
C TYR H 87 -46.55 3.20 -23.89
N CYS H 88 -46.56 3.93 -22.78
CA CYS H 88 -45.34 4.36 -22.12
C CYS H 88 -45.11 3.51 -20.87
N GLN H 89 -43.93 2.92 -20.78
CA GLN H 89 -43.59 2.02 -19.68
C GLN H 89 -42.29 2.47 -19.03
N GLN H 90 -42.27 2.48 -17.70
CA GLN H 90 -41.07 2.83 -16.95
C GLN H 90 -40.38 1.58 -16.44
N TYR H 91 -39.06 1.70 -16.26
CA TYR H 91 -38.28 0.61 -15.69
C TYR H 91 -37.21 1.12 -14.73
N TYR H 92 -37.51 2.24 -14.05
CA TYR H 92 -36.56 2.79 -13.09
C TYR H 92 -36.54 2.00 -11.79
N ASP H 93 -37.70 1.56 -11.32
CA ASP H 93 -37.81 0.85 -10.05
C ASP H 93 -38.81 -0.28 -10.23
N ASN H 94 -39.24 -0.87 -9.12
CA ASN H 94 -40.16 -1.99 -9.12
C ASN H 94 -41.36 -1.67 -8.23
N PRO H 95 -42.55 -2.20 -8.56
CA PRO H 95 -42.81 -3.04 -9.74
C PRO H 95 -42.95 -2.23 -11.02
N LEU H 96 -42.69 -2.87 -12.16
CA LEU H 96 -42.81 -2.18 -13.44
C LEU H 96 -44.27 -1.85 -13.73
N THR H 97 -44.51 -0.61 -14.14
CA THR H 97 -45.85 -0.14 -14.43
C THR H 97 -45.90 0.42 -15.85
N PHE H 98 -47.00 0.15 -16.55
CA PHE H 98 -47.21 0.63 -17.90
C PHE H 98 -48.05 1.90 -17.87
N GLY H 99 -48.22 2.52 -19.04
CA GLY H 99 -49.03 3.71 -19.14
C GLY H 99 -50.48 3.41 -19.48
N GLY H 100 -51.32 4.43 -19.30
CA GLY H 100 -52.71 4.28 -19.67
C GLY H 100 -52.92 4.03 -21.15
N GLY H 101 -52.07 4.62 -21.98
CA GLY H 101 -52.16 4.42 -23.41
C GLY H 101 -52.84 5.57 -24.11
N THR H 102 -52.49 5.77 -25.38
CA THR H 102 -53.08 6.81 -26.19
C THR H 102 -53.53 6.22 -27.52
N LYS H 103 -54.55 6.84 -28.10
CA LYS H 103 -55.14 6.37 -29.34
C LYS H 103 -55.04 7.47 -30.40
N VAL H 104 -54.72 7.07 -31.62
CA VAL H 104 -54.65 7.98 -32.77
C VAL H 104 -55.42 7.34 -33.92
N GLU H 105 -56.69 7.72 -34.06
CA GLU H 105 -57.55 7.22 -35.12
C GLU H 105 -57.71 8.30 -36.20
N ILE H 106 -57.58 7.89 -37.46
CA ILE H 106 -57.68 8.85 -38.55
C ILE H 106 -59.08 9.44 -38.61
N LYS H 107 -59.15 10.75 -38.80
CA LYS H 107 -60.43 11.45 -38.88
C LYS H 107 -61.17 11.11 -40.17
N ALA I 1 41.79 -17.23 -31.44
CA ALA I 1 43.04 -17.84 -31.88
C ALA I 1 42.87 -19.33 -32.12
N ASN I 2 42.15 -19.67 -33.17
CA ASN I 2 41.90 -21.07 -33.52
C ASN I 2 41.84 -21.20 -35.03
N PHE I 3 42.04 -22.42 -35.51
CA PHE I 3 42.00 -22.74 -36.93
C PHE I 3 41.18 -24.00 -37.14
N TYR I 4 40.57 -24.10 -38.32
CA TYR I 4 39.73 -25.24 -38.65
C TYR I 4 39.96 -25.64 -40.10
N VAL I 5 39.78 -26.93 -40.38
CA VAL I 5 39.85 -27.48 -41.72
C VAL I 5 38.52 -28.17 -42.01
N CYS I 6 37.86 -27.75 -43.09
CA CYS I 6 36.55 -28.29 -43.44
C CYS I 6 36.68 -29.25 -44.61
N PRO I 7 36.51 -30.56 -44.41
CA PRO I 7 36.54 -31.50 -45.53
C PRO I 7 35.33 -31.31 -46.41
N PRO I 8 35.40 -31.70 -47.68
CA PRO I 8 34.23 -31.60 -48.57
C PRO I 8 33.08 -32.43 -48.05
N PRO I 9 31.96 -31.80 -47.73
CA PRO I 9 30.83 -32.54 -47.14
C PRO I 9 30.23 -33.54 -48.11
N THR I 10 29.72 -34.63 -47.55
CA THR I 10 29.04 -35.67 -48.29
C THR I 10 27.56 -35.66 -47.94
N GLY I 11 26.82 -36.64 -48.48
CA GLY I 11 25.41 -36.79 -48.22
C GLY I 11 25.06 -37.54 -46.96
N ALA I 12 26.04 -37.82 -46.11
CA ALA I 12 25.78 -38.60 -44.89
C ALA I 12 24.89 -37.82 -43.93
N THR I 13 25.22 -36.56 -43.67
CA THR I 13 24.47 -35.72 -42.74
C THR I 13 23.73 -34.65 -43.50
N VAL I 14 22.43 -34.53 -43.26
CA VAL I 14 21.57 -33.56 -43.92
C VAL I 14 20.81 -32.79 -42.84
N VAL I 15 20.77 -31.47 -42.96
CA VAL I 15 20.08 -30.61 -42.01
C VAL I 15 19.14 -29.69 -42.75
N GLN I 16 18.10 -29.24 -42.04
CA GLN I 16 17.08 -28.37 -42.61
C GLN I 16 16.78 -27.23 -41.63
N PHE I 17 16.45 -26.08 -42.20
CA PHE I 17 16.04 -24.95 -41.38
C PHE I 17 14.62 -25.18 -40.85
N GLU I 18 14.38 -24.74 -39.63
CA GLU I 18 13.07 -24.91 -39.02
C GLU I 18 12.01 -24.13 -39.79
N GLN I 19 10.82 -24.72 -39.91
CA GLN I 19 9.73 -24.04 -40.58
C GLN I 19 9.29 -22.82 -39.76
N PRO I 20 8.72 -21.81 -40.42
CA PRO I 20 8.24 -20.63 -39.67
C PRO I 20 7.28 -21.00 -38.55
N ARG I 21 7.70 -20.76 -37.31
CA ARG I 21 6.87 -21.10 -36.17
C ARG I 21 5.62 -20.25 -36.15
N ARG I 22 4.54 -20.83 -35.61
CA ARG I 22 3.26 -20.13 -35.53
C ARG I 22 3.36 -19.07 -34.45
N CYS I 23 3.30 -17.80 -34.85
CA CYS I 23 3.40 -16.71 -33.89
C CYS I 23 2.20 -16.72 -32.95
N PRO I 24 2.40 -16.45 -31.66
CA PRO I 24 1.26 -16.39 -30.74
C PRO I 24 0.33 -15.25 -31.10
N THR I 25 -0.94 -15.42 -30.76
CA THR I 25 -1.96 -14.42 -31.04
C THR I 25 -2.20 -13.55 -29.81
N ARG I 26 -2.60 -12.31 -30.07
CA ARG I 26 -2.91 -11.41 -28.97
C ARG I 26 -4.13 -11.91 -28.22
N PRO I 27 -4.14 -11.80 -26.89
CA PRO I 27 -5.34 -12.18 -26.13
C PRO I 27 -6.51 -11.30 -26.51
N GLU I 28 -7.72 -11.87 -26.39
CA GLU I 28 -8.93 -11.13 -26.74
C GLU I 28 -9.12 -9.88 -25.88
N GLY I 29 -8.46 -9.81 -24.74
CA GLY I 29 -8.57 -8.63 -23.89
C GLY I 29 -9.71 -8.74 -22.91
N GLN I 30 -9.56 -8.04 -21.79
CA GLN I 30 -10.57 -8.04 -20.74
C GLN I 30 -11.79 -7.27 -21.22
N ASN I 31 -12.90 -7.98 -21.42
CA ASN I 31 -14.15 -7.33 -21.83
C ASN I 31 -14.66 -6.47 -20.69
N TYR I 32 -14.51 -5.15 -20.82
CA TYR I 32 -14.82 -4.22 -19.74
C TYR I 32 -16.23 -3.66 -19.94
N THR I 33 -17.02 -3.67 -18.88
CA THR I 33 -18.36 -3.08 -18.89
C THR I 33 -18.32 -1.81 -18.04
N GLU I 34 -18.59 -0.67 -18.67
CA GLU I 34 -18.59 0.59 -17.96
C GLU I 34 -19.83 0.70 -17.09
N GLY I 35 -19.94 1.81 -16.36
CA GLY I 35 -21.13 2.08 -15.58
C GLY I 35 -20.81 2.81 -14.30
N ILE I 36 -21.83 3.44 -13.75
CA ILE I 36 -21.69 4.14 -12.47
C ILE I 36 -21.58 3.11 -11.35
N ALA I 37 -20.98 3.53 -10.24
CA ALA I 37 -20.86 2.67 -9.08
C ALA I 37 -20.77 3.52 -7.82
N VAL I 38 -21.31 2.98 -6.73
CA VAL I 38 -21.29 3.63 -5.43
C VAL I 38 -20.87 2.56 -4.43
N VAL I 39 -19.59 2.54 -4.07
CA VAL I 39 -19.10 1.57 -3.10
C VAL I 39 -19.59 1.96 -1.70
N PHE I 40 -20.10 0.98 -0.97
CA PHE I 40 -20.63 1.19 0.38
C PHE I 40 -19.74 0.49 1.40
N LYS I 41 -19.56 1.14 2.54
CA LYS I 41 -18.77 0.59 3.64
C LYS I 41 -19.66 0.44 4.86
N GLU I 42 -19.23 -0.42 5.78
CA GLU I 42 -19.98 -0.67 7.00
C GLU I 42 -20.08 0.61 7.83
N ASN I 43 -21.29 0.91 8.28
CA ASN I 43 -21.56 2.15 9.01
C ASN I 43 -21.13 1.97 10.46
N ILE I 44 -19.85 2.22 10.73
CA ILE I 44 -19.37 2.20 12.10
C ILE I 44 -19.78 3.45 12.86
N ALA I 45 -20.14 4.52 12.16
CA ALA I 45 -20.58 5.73 12.82
C ALA I 45 -21.93 5.49 13.48
N PRO I 46 -22.14 6.01 14.69
CA PRO I 46 -23.43 5.81 15.37
C PRO I 46 -24.55 6.59 14.72
N TYR I 47 -25.77 6.39 15.19
CA TYR I 47 -26.95 7.11 14.70
C TYR I 47 -27.20 8.27 15.65
N LYS I 48 -26.84 9.47 15.23
CA LYS I 48 -26.94 10.66 16.07
C LYS I 48 -28.28 11.35 15.88
N PHE I 49 -28.87 11.79 16.99
CA PHE I 49 -30.10 12.55 16.96
C PHE I 49 -30.14 13.46 18.17
N LYS I 50 -30.93 14.52 18.07
CA LYS I 50 -31.01 15.53 19.12
C LYS I 50 -32.06 15.11 20.15
N ALA I 51 -31.66 15.09 21.42
CA ALA I 51 -32.54 14.75 22.52
C ALA I 51 -32.42 15.81 23.60
N THR I 52 -33.51 16.00 24.34
CA THR I 52 -33.58 17.03 25.37
C THR I 52 -33.84 16.37 26.72
N MET I 53 -33.02 16.71 27.72
CA MET I 53 -33.17 16.20 29.06
C MET I 53 -33.91 17.23 29.92
N TYR I 54 -34.89 16.77 30.68
CA TYR I 54 -35.64 17.60 31.62
C TYR I 54 -35.43 16.99 33.00
N TYR I 55 -34.41 17.46 33.72
CA TYR I 55 -34.13 16.97 35.06
C TYR I 55 -33.88 18.14 35.99
N LYS I 56 -34.13 17.90 37.27
CA LYS I 56 -33.97 18.91 38.31
C LYS I 56 -32.80 18.50 39.20
N ASP I 57 -31.76 19.33 39.24
CA ASP I 57 -30.57 19.04 40.05
C ASP I 57 -30.90 19.28 41.51
N VAL I 58 -31.61 18.33 42.10
CA VAL I 58 -31.96 18.38 43.52
C VAL I 58 -30.68 18.21 44.32
N THR I 59 -30.26 19.25 45.02
CA THR I 59 -29.08 19.19 45.87
C THR I 59 -29.44 19.74 47.25
N VAL I 60 -29.02 19.02 48.29
CA VAL I 60 -29.25 19.43 49.67
C VAL I 60 -27.91 19.43 50.39
N SER I 61 -27.69 20.45 51.20
CA SER I 61 -26.43 20.62 51.91
C SER I 61 -26.68 20.80 53.39
N GLN I 62 -25.99 20.04 54.22
CA GLN I 62 -25.98 20.23 55.66
C GLN I 62 -24.79 21.09 56.02
N VAL I 63 -25.04 22.19 56.72
CA VAL I 63 -24.02 23.19 57.00
C VAL I 63 -23.97 23.42 58.51
N TRP I 64 -22.77 23.35 59.08
CA TRP I 64 -22.57 23.66 60.49
C TRP I 64 -22.13 25.11 60.61
N PHE I 65 -22.91 25.89 61.37
CA PHE I 65 -22.58 27.29 61.63
C PHE I 65 -21.85 27.34 62.97
N GLY I 66 -20.53 27.52 62.92
CA GLY I 66 -19.73 27.54 64.12
C GLY I 66 -19.93 28.82 64.91
N HIS I 67 -19.26 28.86 66.07
CA HIS I 67 -19.34 30.02 66.94
C HIS I 67 -18.82 31.29 66.28
N ARG I 68 -17.98 31.17 65.25
CA ARG I 68 -17.47 32.33 64.53
C ARG I 68 -17.61 32.24 63.02
N TYR I 69 -17.77 31.06 62.43
CA TYR I 69 -17.74 30.97 60.99
C TYR I 69 -18.40 29.66 60.56
N SER I 70 -18.76 29.57 59.29
CA SER I 70 -19.56 28.48 58.76
C SER I 70 -18.69 27.34 58.24
N GLN I 71 -19.33 26.20 57.98
CA GLN I 71 -18.63 25.00 57.52
C GLN I 71 -19.64 24.01 56.96
N PHE I 72 -19.28 23.37 55.85
CA PHE I 72 -20.09 22.32 55.26
C PHE I 72 -19.90 20.99 55.98
N MET I 73 -20.94 20.14 55.92
CA MET I 73 -20.86 18.77 56.40
C MET I 73 -21.56 17.80 55.45
N GLY I 74 -21.53 18.09 54.15
CA GLY I 74 -22.15 17.20 53.18
C GLY I 74 -23.07 17.91 52.21
N ILE I 75 -22.93 17.62 50.92
CA ILE I 75 -23.75 18.19 49.87
C ILE I 75 -24.25 17.04 49.01
N PHE I 76 -25.48 16.59 49.27
CA PHE I 76 -26.06 15.47 48.54
C PHE I 76 -26.57 15.97 47.19
N GLU I 77 -25.70 15.92 46.18
CA GLU I 77 -26.11 16.26 44.83
C GLU I 77 -26.89 15.11 44.22
N ASP I 78 -27.94 15.45 43.47
CA ASP I 78 -28.78 14.42 42.87
C ASP I 78 -29.47 15.01 41.65
N ARG I 79 -29.78 14.13 40.69
CA ARG I 79 -30.53 14.49 39.50
C ARG I 79 -31.89 13.80 39.56
N ALA I 80 -32.95 14.58 39.42
CA ALA I 80 -34.30 14.05 39.55
C ALA I 80 -35.09 14.25 38.28
N PRO I 81 -35.85 13.24 37.85
CA PRO I 81 -36.69 13.39 36.66
C PRO I 81 -37.95 14.19 36.98
N VAL I 82 -38.69 14.51 35.92
CA VAL I 82 -39.92 15.28 36.03
C VAL I 82 -41.05 14.52 35.35
N PRO I 83 -42.29 14.68 35.80
CA PRO I 83 -43.40 13.97 35.16
C PRO I 83 -43.57 14.38 33.70
N PHE I 84 -44.01 13.41 32.88
CA PHE I 84 -44.31 13.70 31.49
C PHE I 84 -45.40 14.75 31.38
N GLU I 85 -46.38 14.71 32.29
CA GLU I 85 -47.41 15.74 32.31
C GLU I 85 -46.81 17.11 32.61
N GLU I 86 -45.82 17.16 33.52
CA GLU I 86 -45.15 18.42 33.80
C GLU I 86 -44.41 18.94 32.57
N VAL I 87 -43.72 18.04 31.85
CA VAL I 87 -43.02 18.45 30.64
C VAL I 87 -44.00 18.99 29.60
N ILE I 88 -45.13 18.29 29.42
CA ILE I 88 -46.09 18.68 28.41
C ILE I 88 -46.72 20.02 28.75
N ASP I 89 -47.13 20.20 30.01
CA ASP I 89 -47.90 21.38 30.38
C ASP I 89 -47.00 22.58 30.66
N LYS I 90 -46.12 22.47 31.64
CA LYS I 90 -45.39 23.65 32.10
C LYS I 90 -44.13 23.93 31.31
N ILE I 91 -43.41 22.89 30.90
CA ILE I 91 -42.12 23.09 30.23
C ILE I 91 -42.33 23.55 28.79
N ASN I 92 -43.03 22.76 27.99
CA ASN I 92 -43.13 23.06 26.56
C ASN I 92 -44.08 24.22 26.30
N ALA I 93 -45.23 24.25 26.98
CA ALA I 93 -46.24 25.25 26.65
C ALA I 93 -45.93 26.59 27.31
N LYS I 94 -45.92 26.62 28.65
CA LYS I 94 -45.72 27.87 29.37
C LYS I 94 -44.26 28.27 29.51
N GLY I 95 -43.33 27.37 29.24
CA GLY I 95 -41.92 27.69 29.37
C GLY I 95 -41.44 27.85 30.80
N VAL I 96 -42.18 27.31 31.77
CA VAL I 96 -41.83 27.43 33.17
C VAL I 96 -41.62 26.03 33.75
N CYS I 97 -41.17 25.97 34.99
CA CYS I 97 -40.95 24.72 35.69
C CYS I 97 -41.28 24.90 37.16
N ARG I 98 -41.69 23.81 37.80
CA ARG I 98 -42.10 23.86 39.19
C ARG I 98 -40.89 23.92 40.11
N SER I 99 -41.15 24.30 41.37
CA SER I 99 -40.14 24.32 42.40
C SER I 99 -40.00 22.98 43.12
N THR I 100 -40.85 22.00 42.79
CA THR I 100 -40.80 20.69 43.41
C THR I 100 -40.37 19.65 42.38
N ALA I 101 -39.98 18.48 42.89
CA ALA I 101 -39.53 17.37 42.05
C ALA I 101 -40.16 16.09 42.58
N LYS I 102 -41.31 15.73 42.02
CA LYS I 102 -41.98 14.48 42.37
C LYS I 102 -41.29 13.35 41.63
N TYR I 103 -40.39 12.65 42.32
CA TYR I 103 -39.67 11.54 41.70
C TYR I 103 -39.43 10.46 42.74
N VAL I 104 -39.31 9.23 42.28
CA VAL I 104 -39.11 8.07 43.14
C VAL I 104 -37.62 7.76 43.15
N ARG I 105 -37.01 7.86 44.32
CA ARG I 105 -35.58 7.65 44.49
C ARG I 105 -35.36 6.60 45.57
N ASN I 106 -34.43 5.67 45.31
CA ASN I 106 -34.06 4.65 46.29
C ASN I 106 -35.27 3.83 46.74
N ASN I 107 -36.12 3.47 45.79
CA ASN I 107 -37.37 2.75 46.07
C ASN I 107 -38.23 3.51 47.07
N LEU I 108 -38.26 4.83 46.94
CA LEU I 108 -39.07 5.69 47.79
C LEU I 108 -39.39 6.95 47.02
N GLU I 109 -40.57 7.52 47.31
CA GLU I 109 -41.04 8.72 46.64
C GLU I 109 -40.67 9.95 47.48
N THR I 110 -40.01 10.91 46.85
CA THR I 110 -39.50 12.09 47.53
C THR I 110 -39.72 13.33 46.68
N THR I 111 -39.86 14.47 47.34
CA THR I 111 -39.90 15.76 46.69
C THR I 111 -38.98 16.73 47.41
N ALA I 112 -38.41 17.65 46.65
CA ALA I 112 -37.60 18.73 47.19
C ALA I 112 -38.16 20.05 46.69
N PHE I 113 -38.36 20.99 47.61
CA PHE I 113 -38.88 22.32 47.28
C PHE I 113 -37.71 23.29 47.18
N HIS I 114 -37.60 23.97 46.04
CA HIS I 114 -36.50 24.90 45.84
C HIS I 114 -36.52 25.98 46.91
N ARG I 115 -35.35 26.24 47.49
CA ARG I 115 -35.17 27.16 48.62
C ARG I 115 -36.00 26.75 49.83
N ASP I 116 -36.53 25.53 49.85
CA ASP I 116 -37.35 25.01 50.94
C ASP I 116 -38.57 25.88 51.21
N ASP I 117 -39.11 26.50 50.17
CA ASP I 117 -40.30 27.31 50.27
C ASP I 117 -41.50 26.56 49.70
N HIS I 118 -42.64 27.23 49.65
CA HIS I 118 -43.84 26.63 49.10
C HIS I 118 -43.71 26.51 47.57
N GLU I 119 -44.64 25.76 46.99
CA GLU I 119 -44.58 25.47 45.56
C GLU I 119 -44.70 26.73 44.73
N THR I 120 -43.85 26.86 43.72
CA THR I 120 -43.88 27.99 42.81
C THR I 120 -43.34 27.55 41.45
N ASP I 121 -43.62 28.35 40.43
CA ASP I 121 -43.25 28.05 39.06
C ASP I 121 -42.32 29.16 38.55
N MET I 122 -41.02 28.92 38.64
CA MET I 122 -40.06 29.88 38.13
C MET I 122 -40.06 29.89 36.60
N GLU I 123 -39.75 31.05 36.04
CA GLU I 123 -39.63 31.18 34.59
C GLU I 123 -38.28 30.65 34.15
N LEU I 124 -38.29 29.58 33.37
CA LEU I 124 -37.05 28.98 32.87
C LEU I 124 -36.31 29.98 32.00
N LYS I 125 -34.99 30.10 32.23
CA LYS I 125 -34.16 31.08 31.56
C LYS I 125 -32.92 30.41 30.99
N PRO I 126 -32.36 30.97 29.92
CA PRO I 126 -31.16 30.35 29.31
C PRO I 126 -29.96 30.43 30.23
N ALA I 127 -29.10 29.43 30.11
CA ALA I 127 -27.86 29.39 30.87
C ALA I 127 -26.83 30.33 30.25
N ASN I 128 -25.94 30.84 31.10
CA ASN I 128 -24.89 31.73 30.62
C ASN I 128 -23.97 31.01 29.62
N ALA I 129 -23.58 31.73 28.58
CA ALA I 129 -22.83 31.12 27.48
C ALA I 129 -21.37 30.94 27.88
N ALA I 130 -20.95 29.69 28.00
CA ALA I 130 -19.55 29.36 28.22
C ALA I 130 -18.92 28.93 26.91
N THR I 131 -17.62 28.61 26.95
CA THR I 131 -16.91 28.24 25.74
C THR I 131 -17.41 26.91 25.19
N ARG I 132 -17.69 26.89 23.89
CA ARG I 132 -18.14 25.70 23.17
C ARG I 132 -19.31 25.02 23.90
N THR I 133 -20.35 25.81 24.12
CA THR I 133 -21.54 25.34 24.84
C THR I 133 -22.77 25.46 23.95
N SER I 134 -23.60 24.42 23.97
CA SER I 134 -24.86 24.43 23.23
C SER I 134 -25.90 25.22 24.02
N ARG I 135 -27.15 25.13 23.60
CA ARG I 135 -28.24 25.86 24.25
C ARG I 135 -28.74 25.05 25.44
N GLY I 136 -28.43 25.52 26.65
CA GLY I 136 -28.94 24.94 27.86
C GLY I 136 -29.92 25.89 28.54
N TRP I 137 -30.57 25.38 29.60
CA TRP I 137 -31.56 26.15 30.32
C TRP I 137 -31.59 25.70 31.78
N HIS I 138 -31.88 26.64 32.67
CA HIS I 138 -31.96 26.35 34.09
C HIS I 138 -32.81 27.43 34.75
N THR I 139 -33.65 27.01 35.69
CA THR I 139 -34.54 27.97 36.35
C THR I 139 -33.79 28.85 37.34
N THR I 140 -32.87 28.26 38.11
CA THR I 140 -32.13 28.97 39.13
C THR I 140 -30.65 29.04 38.77
N ASP I 141 -30.02 30.18 39.06
CA ASP I 141 -28.60 30.38 38.82
C ASP I 141 -27.78 30.17 40.08
N LEU I 142 -28.20 30.77 41.20
CA LEU I 142 -27.55 30.52 42.48
C LEU I 142 -28.06 29.21 43.07
N LYS I 143 -27.55 28.88 44.25
CA LYS I 143 -27.96 27.67 44.96
C LYS I 143 -28.28 28.04 46.40
N TYR I 144 -29.46 27.66 46.86
CA TYR I 144 -29.90 28.03 48.20
C TYR I 144 -29.06 27.34 49.26
N ASN I 145 -28.71 28.10 50.29
CA ASN I 145 -28.01 27.59 51.46
C ASN I 145 -28.70 28.10 52.72
N PRO I 146 -28.66 27.33 53.81
CA PRO I 146 -29.39 27.72 55.03
C PRO I 146 -28.88 29.03 55.59
N SER I 147 -29.79 29.80 56.18
CA SER I 147 -29.42 31.03 56.86
C SER I 147 -28.56 30.73 58.08
N ARG I 148 -27.58 31.59 58.33
CA ARG I 148 -26.62 31.35 59.40
C ARG I 148 -27.27 31.58 60.76
N VAL I 149 -27.33 30.52 61.57
CA VAL I 149 -27.76 30.60 62.95
C VAL I 149 -26.73 29.87 63.81
N GLU I 150 -26.33 30.49 64.92
CA GLU I 150 -25.19 30.02 65.68
C GLU I 150 -25.48 28.67 66.32
N ALA I 151 -24.51 27.76 66.22
CA ALA I 151 -24.53 26.45 66.87
C ALA I 151 -25.78 25.64 66.49
N PHE I 152 -25.88 25.35 65.20
CA PHE I 152 -26.99 24.55 64.68
C PHE I 152 -26.55 23.87 63.39
N HIS I 153 -27.02 22.64 63.21
CA HIS I 153 -26.84 21.89 61.96
C HIS I 153 -28.07 22.15 61.10
N ARG I 154 -27.97 23.08 60.16
CA ARG I 154 -29.11 23.54 59.40
C ARG I 154 -29.14 22.86 58.03
N TYR I 155 -30.21 22.11 57.78
CA TYR I 155 -30.45 21.55 56.45
C TYR I 155 -30.86 22.65 55.48
N GLY I 156 -30.52 22.45 54.21
CA GLY I 156 -30.92 23.38 53.18
C GLY I 156 -30.93 22.75 51.81
N THR I 157 -32.05 22.87 51.09
CA THR I 157 -32.23 22.21 49.81
C THR I 157 -32.07 23.20 48.67
N THR I 158 -32.15 22.66 47.44
CA THR I 158 -32.06 23.47 46.23
C THR I 158 -32.55 22.67 45.04
N VAL I 159 -33.47 23.23 44.26
CA VAL I 159 -33.98 22.58 43.06
C VAL I 159 -33.75 23.51 41.88
N ASN I 160 -33.07 22.98 40.85
CA ASN I 160 -32.75 23.74 39.64
C ASN I 160 -33.18 22.90 38.44
N CYS I 161 -34.42 23.11 37.99
CA CYS I 161 -34.91 22.43 36.80
C CYS I 161 -34.08 22.83 35.59
N ILE I 162 -33.46 21.85 34.94
CA ILE I 162 -32.50 22.09 33.88
C ILE I 162 -33.00 21.43 32.61
N VAL I 163 -33.05 22.19 31.52
CA VAL I 163 -33.41 21.69 30.20
C VAL I 163 -32.19 21.86 29.30
N GLU I 164 -31.70 20.74 28.76
CA GLU I 164 -30.45 20.74 28.01
C GLU I 164 -30.67 20.01 26.69
N GLU I 165 -30.45 20.72 25.57
CA GLU I 165 -30.55 20.13 24.24
C GLU I 165 -29.22 19.49 23.90
N VAL I 166 -29.18 18.17 23.97
CA VAL I 166 -27.96 17.42 23.69
C VAL I 166 -28.18 16.58 22.45
N ASP I 167 -27.11 15.92 22.00
CA ASP I 167 -27.16 15.00 20.87
C ASP I 167 -26.92 13.58 21.38
N ALA I 168 -27.86 12.69 21.10
CA ALA I 168 -27.77 11.30 21.51
C ALA I 168 -27.12 10.47 20.41
N ARG I 169 -26.60 9.31 20.82
CA ARG I 169 -25.92 8.40 19.89
C ARG I 169 -26.31 6.98 20.22
N SER I 170 -26.53 6.17 19.17
CA SER I 170 -26.88 4.77 19.31
C SER I 170 -26.08 3.95 18.30
N VAL I 171 -25.85 2.68 18.62
CA VAL I 171 -25.09 1.79 17.78
C VAL I 171 -25.90 0.52 17.56
N TYR I 172 -25.57 -0.20 16.49
CA TYR I 172 -26.28 -1.42 16.15
C TYR I 172 -26.20 -2.40 17.32
N PRO I 173 -27.31 -3.09 17.66
CA PRO I 173 -28.61 -3.08 16.96
C PRO I 173 -29.57 -2.00 17.45
N TYR I 174 -29.05 -0.90 17.99
CA TYR I 174 -29.87 0.23 18.42
C TYR I 174 -30.87 -0.19 19.50
N ASP I 175 -30.44 -1.08 20.39
CA ASP I 175 -31.27 -1.46 21.53
C ASP I 175 -31.25 -0.38 22.61
N GLU I 176 -30.18 0.41 22.66
CA GLU I 176 -30.09 1.51 23.62
C GLU I 176 -29.22 2.61 23.01
N PHE I 177 -29.36 3.81 23.54
CA PHE I 177 -28.62 4.96 23.05
C PHE I 177 -28.01 5.73 24.20
N VAL I 178 -26.90 6.40 23.91
CA VAL I 178 -26.20 7.19 24.90
C VAL I 178 -26.54 8.66 24.70
N LEU I 179 -26.21 9.49 25.68
CA LEU I 179 -26.42 10.92 25.61
C LEU I 179 -25.09 11.65 25.76
N ALA I 180 -25.11 12.96 25.51
CA ALA I 180 -23.89 13.74 25.51
C ALA I 180 -23.24 13.82 26.89
N THR I 181 -24.00 13.60 27.96
CA THR I 181 -23.46 13.66 29.30
C THR I 181 -22.92 12.32 29.79
N GLY I 182 -22.87 11.31 28.93
CA GLY I 182 -22.32 10.03 29.30
C GLY I 182 -23.23 9.13 30.12
N ASP I 183 -24.52 9.43 30.17
CA ASP I 183 -25.49 8.62 30.90
C ASP I 183 -26.33 7.83 29.91
N PHE I 184 -26.34 6.51 30.06
CA PHE I 184 -27.04 5.64 29.13
C PHE I 184 -28.56 5.74 29.31
N VAL I 185 -29.26 5.40 28.24
CA VAL I 185 -30.71 5.19 28.27
C VAL I 185 -30.98 3.84 27.62
N TYR I 186 -31.63 2.95 28.36
CA TYR I 186 -31.78 1.56 27.93
C TYR I 186 -33.15 1.37 27.29
N MET I 187 -33.25 1.87 26.06
CA MET I 187 -34.47 1.85 25.28
C MET I 187 -34.13 2.16 23.83
N SER I 188 -34.69 1.40 22.89
CA SER I 188 -34.40 1.66 21.49
C SER I 188 -34.88 3.06 21.11
N PRO I 189 -34.08 3.81 20.36
CA PRO I 189 -34.50 5.17 19.98
C PRO I 189 -35.78 5.19 19.16
N PHE I 190 -36.08 4.11 18.46
CA PHE I 190 -37.26 4.02 17.61
C PHE I 190 -38.42 3.30 18.28
N TYR I 191 -38.29 2.95 19.56
CA TYR I 191 -39.39 2.30 20.26
C TYR I 191 -40.58 3.23 20.38
N GLY I 192 -41.77 2.69 20.17
CA GLY I 192 -42.98 3.47 20.23
C GLY I 192 -44.23 2.62 20.12
N TYR I 193 -45.26 3.15 19.47
CA TYR I 193 -46.51 2.43 19.29
C TYR I 193 -46.91 2.26 17.84
N ARG I 194 -46.71 3.28 17.01
CA ARG I 194 -47.10 3.21 15.61
C ARG I 194 -46.11 2.40 14.79
N GLU I 195 -46.58 1.89 13.66
CA GLU I 195 -45.76 1.15 12.69
C GLU I 195 -45.10 -0.07 13.34
N GLY I 196 -45.77 -0.67 14.32
CA GLY I 196 -45.21 -1.83 15.00
C GLY I 196 -43.92 -1.54 15.72
N SER I 197 -43.80 -0.36 16.30
CA SER I 197 -42.58 0.01 17.03
C SER I 197 -42.47 -0.66 18.39
N HIS I 198 -43.58 -1.19 18.92
CA HIS I 198 -43.53 -1.89 20.19
C HIS I 198 -42.66 -3.14 20.13
N THR I 199 -42.41 -3.66 18.94
CA THR I 199 -41.52 -4.81 18.81
C THR I 199 -40.09 -4.46 19.20
N GLU I 200 -39.72 -3.19 19.14
CA GLU I 200 -38.36 -2.77 19.45
C GLU I 200 -38.03 -3.06 20.92
N HIS I 201 -36.73 -3.16 21.19
CA HIS I 201 -36.28 -3.54 22.52
C HIS I 201 -36.40 -2.37 23.49
N THR I 202 -36.79 -2.69 24.72
CA THR I 202 -36.83 -1.72 25.80
C THR I 202 -36.60 -2.44 27.12
N THR I 203 -36.17 -1.69 28.12
CA THR I 203 -35.92 -2.23 29.44
C THR I 203 -36.83 -1.67 30.51
N TYR I 204 -37.11 -0.36 30.46
CA TYR I 204 -38.02 0.24 31.43
C TYR I 204 -39.46 -0.20 31.17
N ALA I 205 -40.23 -0.28 32.24
CA ALA I 205 -41.63 -0.67 32.13
C ALA I 205 -42.42 0.37 31.34
N ALA I 206 -43.52 -0.08 30.74
CA ALA I 206 -44.30 0.76 29.84
C ALA I 206 -44.87 2.00 30.53
N ASP I 207 -45.02 1.97 31.86
CA ASP I 207 -45.57 3.13 32.55
C ASP I 207 -44.62 4.32 32.50
N ARG I 208 -43.32 4.07 32.54
CA ARG I 208 -42.35 5.17 32.53
C ARG I 208 -42.29 5.86 31.17
N PHE I 209 -42.53 5.12 30.09
CA PHE I 209 -42.43 5.66 28.74
C PHE I 209 -43.81 6.07 28.24
N LYS I 210 -43.91 7.29 27.71
CA LYS I 210 -45.14 7.79 27.12
C LYS I 210 -44.83 8.44 25.78
N GLN I 211 -45.83 8.47 24.91
CA GLN I 211 -45.67 9.01 23.56
C GLN I 211 -46.78 10.02 23.30
N VAL I 212 -46.42 11.14 22.70
CA VAL I 212 -47.35 12.22 22.39
C VAL I 212 -47.34 12.46 20.88
N ASP I 213 -48.52 12.48 20.28
CA ASP I 213 -48.66 12.73 18.85
C ASP I 213 -49.11 14.17 18.63
N GLY I 214 -48.55 14.80 17.60
CA GLY I 214 -48.86 16.19 17.33
C GLY I 214 -48.29 17.12 18.37
N PHE I 215 -46.95 17.20 18.43
CA PHE I 215 -46.25 17.97 19.44
C PHE I 215 -45.48 19.10 18.78
N TYR I 216 -45.63 20.31 19.30
CA TYR I 216 -44.93 21.48 18.82
C TYR I 216 -44.00 22.02 19.90
N ALA I 217 -42.87 22.56 19.47
CA ALA I 217 -41.82 22.99 20.38
C ALA I 217 -42.19 24.33 21.01
N ARG I 218 -41.23 24.96 21.68
CA ARG I 218 -41.44 26.22 22.37
C ARG I 218 -40.50 27.29 21.82
N ASP I 219 -41.01 28.51 21.67
CA ASP I 219 -40.20 29.64 21.26
C ASP I 219 -39.30 30.05 22.41
N LEU I 220 -38.33 29.21 22.74
CA LEU I 220 -37.57 29.33 23.98
C LEU I 220 -36.13 29.77 23.71
N ALA I 228 -45.01 23.26 12.50
CA ALA I 228 -45.23 21.91 12.01
C ALA I 228 -45.11 20.88 13.13
N PRO I 229 -46.20 20.69 13.88
CA PRO I 229 -46.17 19.72 14.98
C PRO I 229 -45.85 18.31 14.49
N THR I 230 -45.07 17.59 15.30
CA THR I 230 -44.69 16.22 14.99
C THR I 230 -44.97 15.32 16.20
N THR I 231 -44.53 14.07 16.12
CA THR I 231 -44.69 13.14 17.23
C THR I 231 -43.51 13.26 18.18
N ARG I 232 -43.79 13.04 19.47
CA ARG I 232 -42.78 13.11 20.51
C ARG I 232 -42.73 11.80 21.28
N ASN I 233 -41.52 11.39 21.66
CA ASN I 233 -41.30 10.12 22.36
C ASN I 233 -40.53 10.45 23.65
N LEU I 234 -41.25 10.58 24.76
CA LEU I 234 -40.65 10.90 26.03
C LEU I 234 -40.23 9.63 26.77
N LEU I 235 -39.64 9.82 27.94
CA LEU I 235 -39.17 8.73 28.79
C LEU I 235 -38.75 9.32 30.13
N THR I 236 -38.93 8.54 31.19
CA THR I 236 -38.61 8.97 32.55
C THR I 236 -37.63 7.96 33.15
N THR I 237 -36.34 8.20 32.94
CA THR I 237 -35.31 7.40 33.58
C THR I 237 -35.26 7.73 35.07
N PRO I 238 -34.69 6.85 35.89
CA PRO I 238 -34.63 7.12 37.34
C PRO I 238 -33.86 8.38 37.69
N LYS I 239 -33.03 8.90 36.79
CA LYS I 239 -32.25 10.11 37.04
C LYS I 239 -32.80 11.33 36.32
N PHE I 240 -33.24 11.18 35.07
CA PHE I 240 -33.66 12.32 34.26
C PHE I 240 -34.85 11.90 33.40
N THR I 241 -35.22 12.77 32.47
CA THR I 241 -36.24 12.47 31.47
C THR I 241 -35.72 12.91 30.10
N VAL I 242 -35.55 11.95 29.20
CA VAL I 242 -35.06 12.20 27.85
C VAL I 242 -36.25 12.19 26.89
N ALA I 243 -36.33 13.20 26.04
CA ALA I 243 -37.39 13.29 25.05
C ALA I 243 -36.77 13.46 23.67
N TRP I 244 -37.24 12.67 22.72
CA TRP I 244 -36.78 12.76 21.34
C TRP I 244 -37.93 12.43 20.42
N ASP I 245 -38.04 13.14 19.30
CA ASP I 245 -39.13 12.93 18.37
C ASP I 245 -39.03 11.56 17.72
N TRP I 246 -40.14 10.84 17.70
CA TRP I 246 -40.14 9.49 17.15
C TRP I 246 -39.93 9.52 15.64
N VAL I 247 -39.14 8.56 15.15
CA VAL I 247 -38.90 8.44 13.71
C VAL I 247 -38.98 6.96 13.33
N PRO I 248 -39.35 6.70 12.08
CA PRO I 248 -39.38 5.31 11.60
C PRO I 248 -37.97 4.75 11.45
N LYS I 249 -37.74 3.60 12.09
CA LYS I 249 -36.40 3.04 12.18
C LYS I 249 -35.83 2.71 10.80
N ARG I 250 -36.59 1.96 10.00
CA ARG I 250 -36.07 1.44 8.74
C ARG I 250 -35.59 2.54 7.80
N PRO I 251 -36.33 3.63 7.56
CA PRO I 251 -35.75 4.70 6.73
C PRO I 251 -34.88 5.67 7.48
N SER I 252 -35.02 5.77 8.82
CA SER I 252 -34.23 6.74 9.56
C SER I 252 -32.79 6.30 9.77
N VAL I 253 -32.54 5.00 9.86
CA VAL I 253 -31.20 4.50 10.15
C VAL I 253 -30.79 3.48 9.09
N CYS I 254 -29.48 3.34 8.92
CA CYS I 254 -28.91 2.36 8.00
C CYS I 254 -27.62 1.81 8.59
N THR I 255 -27.25 0.62 8.14
CA THR I 255 -26.06 -0.06 8.64
C THR I 255 -24.92 -0.09 7.62
N MET I 256 -25.03 0.68 6.54
CA MET I 256 -23.96 0.75 5.55
C MET I 256 -23.84 2.20 5.08
N THR I 257 -22.61 2.68 4.95
CA THR I 257 -22.34 4.08 4.67
C THR I 257 -21.88 4.26 3.24
N LYS I 258 -22.47 5.24 2.55
CA LYS I 258 -22.02 5.65 1.23
C LYS I 258 -20.58 6.14 1.30
N TRP I 259 -19.65 5.43 0.67
CA TRP I 259 -18.24 5.76 0.79
C TRP I 259 -17.76 6.67 -0.34
N GLN I 260 -17.86 6.20 -1.59
CA GLN I 260 -17.34 6.95 -2.73
C GLN I 260 -18.33 6.91 -3.87
N GLU I 261 -18.46 8.04 -4.57
CA GLU I 261 -19.28 8.14 -5.77
C GLU I 261 -18.37 8.00 -6.98
N VAL I 262 -18.08 6.76 -7.34
CA VAL I 262 -17.19 6.48 -8.47
C VAL I 262 -17.93 6.82 -9.75
N ASP I 263 -17.47 7.86 -10.45
CA ASP I 263 -18.15 8.29 -11.67
C ASP I 263 -18.03 7.26 -12.78
N GLU I 264 -16.95 6.48 -12.79
CA GLU I 264 -16.71 5.52 -13.86
C GLU I 264 -15.98 4.32 -13.27
N MET I 265 -16.69 3.23 -13.08
CA MET I 265 -16.12 1.97 -12.61
C MET I 265 -16.35 0.90 -13.67
N LEU I 266 -15.28 0.19 -14.02
CA LEU I 266 -15.35 -0.85 -15.03
C LEU I 266 -15.56 -2.21 -14.38
N ARG I 267 -16.52 -2.96 -14.90
CA ARG I 267 -16.81 -4.31 -14.44
C ARG I 267 -16.33 -5.30 -15.49
N SER I 268 -15.51 -6.26 -15.07
CA SER I 268 -14.99 -7.29 -15.95
C SER I 268 -15.07 -8.64 -15.27
N GLU I 269 -15.43 -9.66 -16.04
CA GLU I 269 -15.54 -11.02 -15.53
C GLU I 269 -14.25 -11.78 -15.83
N TYR I 270 -13.67 -12.38 -14.81
CA TYR I 270 -12.40 -13.09 -14.96
C TYR I 270 -12.27 -14.08 -13.80
N GLY I 271 -12.11 -15.36 -14.13
CA GLY I 271 -11.96 -16.38 -13.11
C GLY I 271 -13.17 -16.51 -12.20
N GLY I 272 -14.37 -16.42 -12.76
CA GLY I 272 -15.58 -16.52 -11.96
C GLY I 272 -15.74 -15.42 -10.94
N SER I 273 -15.38 -14.19 -11.30
CA SER I 273 -15.50 -13.07 -10.39
C SER I 273 -15.51 -11.78 -11.20
N PHE I 274 -15.97 -10.71 -10.55
CA PHE I 274 -16.04 -9.39 -11.16
C PHE I 274 -14.92 -8.52 -10.61
N ARG I 275 -14.12 -7.93 -11.50
CA ARG I 275 -13.05 -7.01 -11.13
C ARG I 275 -13.58 -5.59 -11.30
N PHE I 276 -14.07 -5.02 -10.19
CA PHE I 276 -14.60 -3.65 -10.20
C PHE I 276 -13.44 -2.67 -10.07
N SER I 277 -12.79 -2.40 -11.20
CA SER I 277 -11.64 -1.51 -11.23
C SER I 277 -12.10 -0.07 -11.42
N SER I 278 -11.66 0.81 -10.53
CA SER I 278 -12.01 2.23 -10.57
C SER I 278 -10.74 3.03 -10.76
N ASP I 279 -10.50 3.49 -11.99
CA ASP I 279 -9.30 4.27 -12.27
C ASP I 279 -9.33 5.64 -11.59
N ALA I 280 -10.52 6.15 -11.26
CA ALA I 280 -10.60 7.48 -10.65
C ALA I 280 -9.96 7.50 -9.27
N ILE I 281 -10.29 6.52 -8.42
CA ILE I 281 -9.73 6.44 -7.09
C ILE I 281 -8.63 5.40 -6.99
N SER I 282 -8.29 4.74 -8.10
CA SER I 282 -7.23 3.73 -8.14
C SER I 282 -7.49 2.60 -7.13
N THR I 283 -8.60 1.89 -7.36
CA THR I 283 -9.02 0.85 -6.44
C THR I 283 -9.81 -0.21 -7.20
N THR I 284 -9.37 -1.47 -7.08
CA THR I 284 -10.02 -2.59 -7.74
C THR I 284 -10.63 -3.52 -6.70
N PHE I 285 -11.91 -3.84 -6.88
CA PHE I 285 -12.62 -4.76 -6.01
C PHE I 285 -12.86 -6.08 -6.74
N THR I 286 -12.92 -7.17 -5.96
CA THR I 286 -13.24 -8.49 -6.48
C THR I 286 -14.49 -9.00 -5.79
N THR I 287 -15.48 -9.41 -6.57
CA THR I 287 -16.76 -9.83 -6.03
C THR I 287 -17.22 -11.10 -6.72
N ASN I 288 -18.12 -11.82 -6.05
CA ASN I 288 -18.67 -13.05 -6.60
C ASN I 288 -19.51 -12.77 -7.83
N LEU I 289 -19.65 -13.80 -8.67
CA LEU I 289 -20.44 -13.64 -9.90
C LEU I 289 -21.90 -13.32 -9.59
N THR I 290 -22.47 -14.01 -8.61
CA THR I 290 -23.87 -13.79 -8.28
C THR I 290 -24.08 -12.41 -7.67
N GLU I 291 -25.24 -11.82 -7.97
CA GLU I 291 -25.57 -10.52 -7.40
C GLU I 291 -25.97 -10.67 -5.94
N TYR I 292 -25.41 -9.81 -5.10
CA TYR I 292 -25.73 -9.86 -3.68
C TYR I 292 -27.18 -9.44 -3.46
N PRO I 293 -27.99 -10.24 -2.78
CA PRO I 293 -29.37 -9.84 -2.49
C PRO I 293 -29.41 -8.72 -1.46
N LEU I 294 -29.95 -7.57 -1.86
CA LEU I 294 -30.03 -6.43 -0.96
C LEU I 294 -30.90 -6.71 0.25
N SER I 295 -31.89 -7.61 0.12
CA SER I 295 -32.74 -7.96 1.26
C SER I 295 -31.95 -8.62 2.37
N ARG I 296 -30.80 -9.23 2.06
CA ARG I 296 -29.99 -9.89 3.07
C ARG I 296 -29.30 -8.89 4.01
N VAL I 297 -29.27 -7.61 3.66
CA VAL I 297 -28.64 -6.60 4.50
C VAL I 297 -29.68 -6.06 5.46
N ASP I 298 -29.36 -6.09 6.76
CA ASP I 298 -30.28 -5.59 7.76
C ASP I 298 -30.28 -4.07 7.77
N LEU I 299 -31.48 -3.48 7.75
CA LEU I 299 -31.65 -2.03 7.72
C LEU I 299 -30.91 -1.40 6.54
N GLY I 300 -31.01 -2.03 5.37
CA GLY I 300 -30.35 -1.54 4.18
C GLY I 300 -31.27 -0.71 3.28
N ASP I 301 -32.35 -0.20 3.85
CA ASP I 301 -33.31 0.56 3.05
C ASP I 301 -32.68 1.82 2.45
N CYS I 302 -31.89 2.55 3.26
CA CYS I 302 -31.27 3.77 2.79
C CYS I 302 -30.22 3.52 1.72
N ILE I 303 -29.71 2.29 1.62
CA ILE I 303 -28.69 1.97 0.62
C ILE I 303 -29.24 2.20 -0.78
N GLY I 304 -30.44 1.69 -1.04
CA GLY I 304 -31.04 1.85 -2.36
C GLY I 304 -31.30 3.31 -2.70
N LYS I 305 -31.83 4.06 -1.74
CA LYS I 305 -32.11 5.47 -1.98
C LYS I 305 -30.84 6.26 -2.28
N ASP I 306 -29.81 6.07 -1.46
CA ASP I 306 -28.55 6.79 -1.67
C ASP I 306 -27.93 6.41 -3.01
N ALA I 307 -27.91 5.12 -3.32
CA ALA I 307 -27.33 4.67 -4.58
C ALA I 307 -28.08 5.24 -5.77
N ARG I 308 -29.41 5.19 -5.74
CA ARG I 308 -30.19 5.68 -6.86
C ARG I 308 -29.99 7.17 -7.05
N ASP I 309 -29.97 7.94 -5.95
CA ASP I 309 -29.70 9.36 -6.07
C ASP I 309 -28.32 9.61 -6.66
N ALA I 310 -27.33 8.85 -6.23
CA ALA I 310 -25.97 9.03 -6.73
C ALA I 310 -25.87 8.74 -8.22
N MET I 311 -26.42 7.60 -8.67
CA MET I 311 -26.37 7.31 -10.09
C MET I 311 -27.17 8.33 -10.89
N ASP I 312 -28.32 8.78 -10.39
CA ASP I 312 -29.08 9.78 -11.12
C ASP I 312 -28.27 11.05 -11.31
N ARG I 313 -27.67 11.57 -10.23
CA ARG I 313 -26.90 12.79 -10.32
C ARG I 313 -25.71 12.62 -11.25
N ILE I 314 -24.96 11.52 -11.09
CA ILE I 314 -23.74 11.34 -11.88
C ILE I 314 -24.09 11.14 -13.35
N PHE I 315 -25.13 10.37 -13.65
CA PHE I 315 -25.55 10.16 -15.03
C PHE I 315 -25.99 11.47 -15.67
N ALA I 316 -26.78 12.26 -14.95
CA ALA I 316 -27.21 13.54 -15.50
C ALA I 316 -26.03 14.47 -15.75
N ARG I 317 -25.04 14.44 -14.86
CA ARG I 317 -23.90 15.34 -15.01
C ARG I 317 -22.94 14.88 -16.10
N ARG I 318 -22.79 13.57 -16.32
CA ARG I 318 -21.73 13.06 -17.19
C ARG I 318 -22.27 12.39 -18.45
N TYR I 319 -23.13 11.38 -18.31
CA TYR I 319 -23.46 10.48 -19.41
C TYR I 319 -24.78 10.80 -20.09
N ASN I 320 -25.36 11.97 -19.82
CA ASN I 320 -26.64 12.32 -20.43
C ASN I 320 -26.56 12.38 -21.95
N ALA I 321 -25.38 12.56 -22.53
CA ALA I 321 -25.23 12.73 -23.96
C ALA I 321 -24.53 11.59 -24.67
N THR I 322 -23.80 10.73 -23.95
CA THR I 322 -23.00 9.70 -24.58
C THR I 322 -23.44 8.28 -24.25
N HIS I 323 -23.89 8.02 -23.03
CA HIS I 323 -24.26 6.67 -22.62
C HIS I 323 -25.71 6.65 -22.15
N ILE I 324 -26.23 5.43 -21.96
CA ILE I 324 -27.57 5.21 -21.44
C ILE I 324 -27.49 4.17 -20.34
N LYS I 325 -28.43 4.24 -19.40
CA LYS I 325 -28.49 3.26 -18.32
C LYS I 325 -29.20 2.00 -18.80
N VAL I 326 -28.67 0.85 -18.40
CA VAL I 326 -29.23 -0.45 -18.77
C VAL I 326 -29.80 -1.08 -17.50
N GLY I 327 -31.11 -1.17 -17.44
CA GLY I 327 -31.77 -1.84 -16.33
C GLY I 327 -31.62 -1.12 -15.01
N GLN I 328 -32.02 -1.81 -13.96
CA GLN I 328 -31.93 -1.30 -12.60
C GLN I 328 -30.54 -1.55 -12.04
N PRO I 329 -30.13 -0.78 -11.03
CA PRO I 329 -28.81 -0.98 -10.43
C PRO I 329 -28.66 -2.37 -9.84
N GLN I 330 -27.45 -2.91 -9.95
CA GLN I 330 -27.11 -4.21 -9.41
C GLN I 330 -26.15 -4.06 -8.24
N TYR I 331 -26.35 -4.86 -7.20
CA TYR I 331 -25.56 -4.79 -5.98
C TYR I 331 -24.72 -6.04 -5.84
N TYR I 332 -23.41 -5.87 -5.70
CA TYR I 332 -22.48 -6.96 -5.48
C TYR I 332 -21.66 -6.69 -4.23
N GLN I 333 -21.35 -7.75 -3.49
CA GLN I 333 -20.52 -7.66 -2.29
C GLN I 333 -19.11 -8.10 -2.66
N ALA I 334 -18.15 -7.21 -2.48
CA ALA I 334 -16.76 -7.47 -2.84
C ALA I 334 -15.96 -7.89 -1.61
N ASN I 335 -14.74 -8.36 -1.86
CA ASN I 335 -13.86 -8.78 -0.79
C ASN I 335 -13.50 -7.59 0.11
N GLY I 336 -13.34 -7.87 1.38
CA GLY I 336 -13.06 -6.84 2.36
C GLY I 336 -14.28 -6.24 3.02
N GLY I 337 -15.49 -6.66 2.63
CA GLY I 337 -16.71 -6.19 3.23
C GLY I 337 -17.41 -5.06 2.50
N PHE I 338 -16.87 -4.61 1.37
CA PHE I 338 -17.48 -3.51 0.63
C PHE I 338 -18.65 -3.98 -0.22
N LEU I 339 -19.70 -3.19 -0.25
CA LEU I 339 -20.88 -3.46 -1.08
C LEU I 339 -20.93 -2.43 -2.19
N ILE I 340 -20.98 -2.90 -3.42
CA ILE I 340 -20.90 -2.04 -4.61
C ILE I 340 -22.28 -1.99 -5.26
N ALA I 341 -22.82 -0.78 -5.39
CA ALA I 341 -24.06 -0.56 -6.12
C ALA I 341 -23.69 -0.21 -7.55
N TYR I 342 -23.83 -1.17 -8.46
CA TYR I 342 -23.35 -1.01 -9.82
C TYR I 342 -24.52 -0.77 -10.77
N GLN I 343 -24.40 0.26 -11.60
CA GLN I 343 -25.40 0.56 -12.63
C GLN I 343 -24.70 0.54 -13.98
N PRO I 344 -24.91 -0.50 -14.79
CA PRO I 344 -24.20 -0.58 -16.08
C PRO I 344 -24.66 0.51 -17.04
N LEU I 345 -23.76 0.86 -17.96
CA LEU I 345 -24.00 1.88 -18.96
C LEU I 345 -23.67 1.34 -20.34
N LEU I 346 -24.41 1.85 -21.34
CA LEU I 346 -24.19 1.47 -22.73
C LEU I 346 -23.98 2.74 -23.54
N SER I 347 -22.83 2.84 -24.19
CA SER I 347 -22.53 4.01 -25.01
C SER I 347 -23.42 4.05 -26.23
N ASN I 348 -23.79 5.26 -26.65
CA ASN I 348 -24.64 5.42 -27.83
C ASN I 348 -23.95 4.98 -29.10
N THR I 349 -22.62 4.88 -29.10
CA THR I 349 -21.86 4.46 -30.27
C THR I 349 -22.13 3.00 -30.60
N VAL I 382 -30.79 -12.98 7.11
CA VAL I 382 -30.36 -11.59 7.17
C VAL I 382 -29.10 -11.46 8.03
N GLU I 383 -28.17 -10.63 7.60
CA GLU I 383 -26.91 -10.45 8.30
C GLU I 383 -26.32 -9.10 7.95
N ARG I 384 -25.39 -8.64 8.79
CA ARG I 384 -24.68 -7.39 8.59
C ARG I 384 -23.23 -7.71 8.26
N ILE I 385 -22.74 -7.19 7.14
CA ILE I 385 -21.37 -7.44 6.70
C ILE I 385 -20.45 -6.44 7.39
N LYS I 386 -19.21 -6.86 7.61
CA LYS I 386 -18.20 -6.06 8.29
C LYS I 386 -17.09 -5.72 7.30
N THR I 387 -16.83 -4.43 7.12
CA THR I 387 -15.69 -4.02 6.31
C THR I 387 -14.40 -4.21 7.10
N THR I 388 -13.34 -4.57 6.37
CA THR I 388 -12.05 -4.77 6.98
C THR I 388 -11.26 -3.49 7.13
N SER I 389 -11.79 -2.36 6.65
CA SER I 389 -11.03 -1.13 6.52
C SER I 389 -9.78 -1.40 5.68
N SER I 390 -8.80 -0.49 5.72
CA SER I 390 -7.49 -0.73 5.11
C SER I 390 -7.65 -1.10 3.64
N ILE I 391 -8.10 -0.13 2.86
CA ILE I 391 -8.36 -0.31 1.44
C ILE I 391 -7.05 -0.52 0.68
N GLU I 392 -5.94 -0.52 1.41
CA GLU I 392 -4.63 -0.72 0.79
C GLU I 392 -4.58 -2.02 0.01
N PHE I 393 -5.27 -3.07 0.47
CA PHE I 393 -5.27 -4.31 -0.29
C PHE I 393 -5.86 -4.09 -1.68
N ALA I 394 -6.95 -3.35 -1.77
CA ALA I 394 -7.55 -3.07 -3.06
C ALA I 394 -6.70 -2.13 -3.89
N ARG I 395 -6.04 -1.16 -3.24
CA ARG I 395 -5.18 -0.25 -3.98
C ARG I 395 -3.99 -0.97 -4.60
N LEU I 396 -3.31 -1.83 -3.83
CA LEU I 396 -2.26 -2.66 -4.38
C LEU I 396 -2.80 -3.62 -5.43
N GLN I 397 -4.02 -4.13 -5.24
CA GLN I 397 -4.61 -4.99 -6.26
C GLN I 397 -4.76 -4.25 -7.58
N PHE I 398 -5.27 -3.01 -7.53
CA PHE I 398 -5.43 -2.23 -8.74
C PHE I 398 -4.09 -1.87 -9.37
N THR I 399 -3.11 -1.48 -8.54
CA THR I 399 -1.80 -1.12 -9.07
C THR I 399 -1.14 -2.31 -9.74
N TYR I 400 -1.17 -3.47 -9.09
CA TYR I 400 -0.60 -4.67 -9.68
C TYR I 400 -1.35 -5.07 -10.93
N ASN I 401 -2.68 -4.94 -10.94
CA ASN I 401 -3.45 -5.27 -12.13
C ASN I 401 -3.06 -4.37 -13.29
N HIS I 402 -2.95 -3.07 -13.04
CA HIS I 402 -2.59 -2.13 -14.09
C HIS I 402 -1.20 -2.43 -14.64
N ILE I 403 -0.21 -2.57 -13.74
CA ILE I 403 1.15 -2.82 -14.17
C ILE I 403 1.25 -4.15 -14.89
N GLN I 404 0.60 -5.19 -14.36
CA GLN I 404 0.65 -6.51 -14.97
C GLN I 404 -0.01 -6.52 -16.34
N ARG I 405 -1.17 -5.88 -16.46
CA ARG I 405 -1.82 -5.76 -17.75
C ARG I 405 -0.91 -5.09 -18.76
N HIS I 406 -0.31 -3.96 -18.36
CA HIS I 406 0.55 -3.24 -19.29
C HIS I 406 1.75 -4.08 -19.70
N VAL I 407 2.49 -4.62 -18.72
CA VAL I 407 3.71 -5.35 -19.04
C VAL I 407 3.40 -6.62 -19.81
N ASN I 408 2.30 -7.30 -19.46
CA ASN I 408 1.91 -8.50 -20.19
C ASN I 408 1.58 -8.17 -21.62
N ASP I 409 0.80 -7.11 -21.85
CA ASP I 409 0.45 -6.73 -23.22
C ASP I 409 1.69 -6.36 -24.02
N MET I 410 2.61 -5.59 -23.43
CA MET I 410 3.74 -5.12 -24.20
C MET I 410 4.76 -6.23 -24.43
N LEU I 411 4.97 -7.10 -23.44
CA LEU I 411 5.86 -8.23 -23.65
C LEU I 411 5.26 -9.25 -24.60
N GLY I 412 3.93 -9.39 -24.61
CA GLY I 412 3.31 -10.22 -25.63
C GLY I 412 3.47 -9.64 -27.01
N ARG I 413 3.36 -8.31 -27.14
CA ARG I 413 3.63 -7.67 -28.41
C ARG I 413 5.08 -7.89 -28.83
N VAL I 414 6.01 -7.81 -27.88
CA VAL I 414 7.42 -8.04 -28.18
C VAL I 414 7.63 -9.48 -28.64
N ALA I 415 7.00 -10.43 -27.96
CA ALA I 415 7.14 -11.84 -28.34
C ALA I 415 6.54 -12.10 -29.72
N ILE I 416 5.38 -11.52 -30.01
CA ILE I 416 4.76 -11.67 -31.32
C ILE I 416 5.65 -11.06 -32.39
N ALA I 417 6.20 -9.88 -32.13
CA ALA I 417 7.11 -9.25 -33.08
C ALA I 417 8.38 -10.07 -33.27
N TRP I 418 8.86 -10.72 -32.22
CA TRP I 418 10.05 -11.56 -32.35
C TRP I 418 9.77 -12.80 -33.17
N CYS I 419 8.62 -13.44 -32.94
CA CYS I 419 8.25 -14.60 -33.76
C CYS I 419 8.07 -14.20 -35.21
N GLU I 420 7.44 -13.05 -35.45
CA GLU I 420 7.30 -12.55 -36.81
C GLU I 420 8.66 -12.23 -37.42
N LEU I 421 9.57 -11.69 -36.61
CA LEU I 421 10.90 -11.36 -37.11
C LEU I 421 11.67 -12.61 -37.51
N GLN I 422 11.55 -13.68 -36.72
CA GLN I 422 12.19 -14.94 -37.08
C GLN I 422 11.59 -15.51 -38.36
N ASN I 423 10.26 -15.61 -38.41
CA ASN I 423 9.59 -16.14 -39.59
C ASN I 423 9.81 -15.27 -40.82
N HIS I 424 10.17 -14.01 -40.61
CA HIS I 424 10.31 -13.04 -41.68
C HIS I 424 11.75 -12.95 -42.18
N GLU I 425 12.72 -13.15 -41.30
CA GLU I 425 14.12 -13.27 -41.66
C GLU I 425 14.50 -14.68 -42.09
N LEU I 426 13.58 -15.64 -41.99
CA LEU I 426 13.87 -16.97 -42.52
C LEU I 426 14.25 -16.92 -44.00
N THR I 427 13.67 -16.00 -44.76
CA THR I 427 14.03 -15.90 -46.17
C THR I 427 15.41 -15.30 -46.36
N LEU I 428 15.76 -14.29 -45.56
CA LEU I 428 17.13 -13.79 -45.55
C LEU I 428 18.10 -14.91 -45.23
N TRP I 429 17.72 -15.79 -44.30
CA TRP I 429 18.59 -16.89 -43.92
C TRP I 429 18.70 -17.91 -45.03
N ASN I 430 17.62 -18.16 -45.76
CA ASN I 430 17.69 -19.04 -46.93
C ASN I 430 18.63 -18.48 -47.98
N GLU I 431 18.53 -17.17 -48.25
CA GLU I 431 19.43 -16.55 -49.21
C GLU I 431 20.88 -16.62 -48.73
N ALA I 432 21.10 -16.39 -47.44
CA ALA I 432 22.46 -16.48 -46.90
C ALA I 432 23.00 -17.90 -46.97
N ARG I 433 22.14 -18.90 -46.77
CA ARG I 433 22.56 -20.28 -46.94
C ARG I 433 22.97 -20.54 -48.38
N LYS I 434 22.20 -20.01 -49.33
CA LYS I 434 22.57 -20.14 -50.74
C LYS I 434 23.89 -19.44 -51.03
N LEU I 435 24.19 -18.36 -50.31
CA LEU I 435 25.40 -17.59 -50.58
C LEU I 435 26.63 -18.22 -49.95
N ASN I 436 26.65 -18.31 -48.61
CA ASN I 436 27.81 -18.76 -47.85
C ASN I 436 27.40 -19.93 -46.95
N PRO I 437 27.21 -21.11 -47.54
CA PRO I 437 26.67 -22.25 -46.76
C PRO I 437 27.53 -22.63 -45.57
N ASN I 438 28.86 -22.56 -45.69
CA ASN I 438 29.72 -22.96 -44.58
C ASN I 438 29.47 -22.08 -43.35
N ALA I 439 29.54 -20.77 -43.54
CA ALA I 439 29.34 -19.85 -42.41
C ALA I 439 27.92 -19.95 -41.89
N ILE I 440 26.93 -20.06 -42.77
CA ILE I 440 25.54 -20.09 -42.31
C ILE I 440 25.27 -21.34 -41.50
N ALA I 441 25.74 -22.50 -42.00
CA ALA I 441 25.55 -23.75 -41.26
C ALA I 441 26.29 -23.73 -39.94
N SER I 442 27.51 -23.18 -39.92
CA SER I 442 28.25 -23.08 -38.67
C SER I 442 27.50 -22.24 -37.65
N VAL I 443 26.97 -21.10 -38.09
CA VAL I 443 26.24 -20.21 -37.19
C VAL I 443 24.98 -20.88 -36.67
N THR I 444 24.27 -21.60 -37.55
CA THR I 444 23.02 -22.23 -37.14
C THR I 444 23.27 -23.39 -36.18
N VAL I 445 24.22 -24.26 -36.50
CA VAL I 445 24.46 -25.44 -35.68
C VAL I 445 25.08 -25.06 -34.35
N GLY I 446 26.07 -24.16 -34.37
CA GLY I 446 26.82 -23.79 -33.18
C GLY I 446 28.24 -24.31 -33.17
N ARG I 447 28.60 -25.19 -34.09
CA ARG I 447 29.96 -25.69 -34.23
C ARG I 447 30.44 -25.44 -35.66
N ARG I 448 31.70 -25.04 -35.79
CA ARG I 448 32.26 -24.74 -37.10
C ARG I 448 32.29 -25.99 -37.97
N VAL I 449 31.39 -26.06 -38.96
CA VAL I 449 31.24 -27.23 -39.81
C VAL I 449 31.20 -26.78 -41.26
N SER I 450 31.89 -27.53 -42.13
CA SER I 450 31.80 -27.30 -43.56
C SER I 450 30.46 -27.82 -44.07
N ALA I 451 29.92 -27.12 -45.08
CA ALA I 451 28.59 -27.45 -45.58
C ALA I 451 28.55 -27.26 -47.09
N ARG I 452 27.55 -27.89 -47.71
CA ARG I 452 27.32 -27.75 -49.14
C ARG I 452 25.85 -28.07 -49.39
N MET I 453 25.10 -27.08 -49.86
CA MET I 453 23.66 -27.24 -50.06
C MET I 453 23.42 -28.09 -51.30
N LEU I 454 23.06 -29.35 -51.09
CA LEU I 454 22.75 -30.27 -52.19
C LEU I 454 21.27 -30.17 -52.56
N GLY I 455 20.87 -28.98 -53.00
CA GLY I 455 19.48 -28.73 -53.35
C GLY I 455 18.75 -27.93 -52.29
N ASP I 456 17.50 -28.29 -52.02
CA ASP I 456 16.71 -27.60 -51.02
C ASP I 456 17.17 -27.88 -49.60
N VAL I 457 18.06 -28.84 -49.40
CA VAL I 457 18.56 -29.20 -48.07
C VAL I 457 20.07 -29.02 -48.06
N MET I 458 20.62 -28.80 -46.87
CA MET I 458 22.03 -28.53 -46.69
C MET I 458 22.73 -29.77 -46.12
N ALA I 459 23.81 -30.18 -46.78
CA ALA I 459 24.63 -31.29 -46.32
C ALA I 459 25.87 -30.75 -45.64
N VAL I 460 26.13 -31.20 -44.41
CA VAL I 460 27.19 -30.64 -43.58
C VAL I 460 28.20 -31.74 -43.26
N SER I 461 29.34 -31.31 -42.71
CA SER I 461 30.40 -32.21 -42.30
C SER I 461 31.27 -31.49 -41.28
N THR I 462 31.52 -32.12 -40.14
CA THR I 462 32.26 -31.48 -39.07
C THR I 462 33.68 -31.17 -39.50
N CYS I 463 34.16 -29.98 -39.13
CA CYS I 463 35.49 -29.54 -39.50
C CYS I 463 36.53 -30.10 -38.53
N VAL I 464 37.77 -30.19 -39.01
CA VAL I 464 38.89 -30.71 -38.22
C VAL I 464 39.68 -29.54 -37.67
N PRO I 465 39.77 -29.38 -36.35
CA PRO I 465 40.56 -28.27 -35.79
C PRO I 465 42.04 -28.43 -36.09
N VAL I 466 42.73 -27.30 -36.20
CA VAL I 466 44.15 -27.26 -36.49
C VAL I 466 44.81 -26.24 -35.55
N ALA I 467 45.93 -26.62 -34.97
CA ALA I 467 46.67 -25.71 -34.09
C ALA I 467 47.22 -24.53 -34.87
N ALA I 468 47.27 -23.37 -34.20
CA ALA I 468 47.76 -22.15 -34.84
C ALA I 468 49.23 -22.27 -35.20
N ASP I 469 50.03 -22.86 -34.31
CA ASP I 469 51.47 -22.97 -34.56
C ASP I 469 51.77 -23.86 -35.77
N ASN I 470 50.90 -24.80 -36.09
CA ASN I 470 51.09 -25.72 -37.20
C ASN I 470 50.70 -25.11 -38.55
N VAL I 471 50.56 -23.79 -38.63
CA VAL I 471 50.15 -23.11 -39.85
C VAL I 471 51.12 -21.96 -40.11
N ILE I 472 51.61 -21.88 -41.35
CA ILE I 472 52.57 -20.85 -41.74
C ILE I 472 52.07 -20.17 -43.00
N VAL I 473 52.53 -18.94 -43.22
CA VAL I 473 52.10 -18.11 -44.32
C VAL I 473 53.09 -18.23 -45.47
N GLN I 474 52.59 -18.50 -46.67
CA GLN I 474 53.43 -18.45 -47.85
C GLN I 474 53.86 -17.01 -48.13
N ASN I 475 55.12 -16.85 -48.56
CA ASN I 475 55.69 -15.53 -48.71
C ASN I 475 54.96 -14.71 -49.77
N SER I 476 54.64 -15.32 -50.91
CA SER I 476 54.01 -14.61 -52.01
C SER I 476 52.84 -15.42 -52.55
N MET I 477 51.79 -14.71 -52.96
CA MET I 477 50.63 -15.34 -53.58
C MET I 477 50.79 -15.53 -55.08
N ARG I 478 51.89 -15.04 -55.66
CA ARG I 478 52.13 -15.21 -57.08
C ARG I 478 52.35 -16.68 -57.43
N ILE I 479 51.75 -17.12 -58.53
CA ILE I 479 51.90 -18.47 -59.01
C ILE I 479 52.85 -18.40 -60.21
N SER I 480 54.10 -18.83 -60.00
CA SER I 480 55.13 -18.68 -61.03
C SER I 480 54.86 -19.56 -62.24
N SER I 481 54.13 -20.67 -62.09
CA SER I 481 53.86 -21.54 -63.23
C SER I 481 53.04 -20.84 -64.29
N ARG I 482 52.04 -20.06 -63.87
CA ARG I 482 51.20 -19.31 -64.80
C ARG I 482 51.42 -17.81 -64.65
N PRO I 483 52.17 -17.18 -65.55
CA PRO I 483 52.39 -15.73 -65.43
C PRO I 483 51.10 -14.96 -65.65
N GLY I 484 51.02 -13.79 -65.01
CA GLY I 484 49.86 -12.92 -65.15
C GLY I 484 48.68 -13.28 -64.28
N ALA I 485 48.78 -14.33 -63.47
CA ALA I 485 47.71 -14.75 -62.58
C ALA I 485 48.27 -15.11 -61.22
N CYS I 486 47.47 -14.90 -60.18
CA CYS I 486 47.87 -15.20 -58.81
C CYS I 486 46.66 -15.72 -58.04
N TYR I 487 46.86 -15.96 -56.75
CA TYR I 487 45.78 -16.43 -55.88
C TYR I 487 45.17 -15.26 -55.14
N SER I 488 43.85 -15.12 -55.26
CA SER I 488 43.14 -14.05 -54.55
C SER I 488 43.18 -14.23 -53.04
N ARG I 489 43.48 -15.43 -52.56
CA ARG I 489 43.48 -15.72 -51.14
C ARG I 489 44.80 -16.39 -50.80
N PRO I 490 45.40 -16.07 -49.65
CA PRO I 490 46.76 -16.56 -49.36
C PRO I 490 46.87 -18.08 -49.42
N LEU I 491 47.99 -18.55 -49.97
CA LEU I 491 48.34 -19.96 -49.89
C LEU I 491 48.86 -20.27 -48.49
N VAL I 492 48.53 -21.47 -47.99
CA VAL I 492 48.89 -21.86 -46.64
C VAL I 492 49.61 -23.21 -46.70
N SER I 493 50.68 -23.32 -45.93
CA SER I 493 51.36 -24.59 -45.67
C SER I 493 51.13 -24.96 -44.22
N PHE I 494 50.60 -26.16 -43.98
CA PHE I 494 50.18 -26.54 -42.65
C PHE I 494 50.39 -28.03 -42.45
N ARG I 495 50.44 -28.43 -41.17
CA ARG I 495 50.57 -29.81 -40.77
C ARG I 495 49.51 -30.15 -39.75
N TYR I 496 49.00 -31.39 -39.82
CA TYR I 496 47.87 -31.78 -38.99
C TYR I 496 48.23 -31.72 -37.50
N GLU I 497 49.38 -32.29 -37.13
CA GLU I 497 49.79 -32.32 -35.73
C GLU I 497 51.18 -31.73 -35.55
N ASP I 498 51.74 -31.87 -34.35
CA ASP I 498 53.07 -31.33 -34.10
C ASP I 498 54.13 -31.99 -35.00
N GLN I 499 54.04 -33.31 -35.14
CA GLN I 499 54.95 -34.06 -36.00
C GLN I 499 54.31 -34.47 -37.32
N GLY I 500 53.11 -33.96 -37.62
CA GLY I 500 52.42 -34.32 -38.83
C GLY I 500 53.12 -33.78 -40.08
N PRO I 501 52.91 -34.45 -41.20
CA PRO I 501 53.52 -34.00 -42.45
C PRO I 501 52.96 -32.65 -42.89
N LEU I 502 53.82 -31.87 -43.55
CA LEU I 502 53.40 -30.57 -44.06
C LEU I 502 52.49 -30.74 -45.27
N VAL I 503 51.39 -30.01 -45.29
CA VAL I 503 50.40 -30.08 -46.35
C VAL I 503 50.29 -28.71 -47.01
N GLU I 504 50.40 -28.69 -48.34
CA GLU I 504 50.28 -27.44 -49.09
C GLU I 504 48.81 -27.19 -49.40
N GLY I 505 48.34 -25.99 -49.06
CA GLY I 505 46.94 -25.64 -49.26
C GLY I 505 46.71 -24.16 -49.46
N GLN I 506 45.44 -23.74 -49.40
CA GLN I 506 45.06 -22.35 -49.58
C GLN I 506 44.19 -21.91 -48.41
N LEU I 507 44.34 -20.66 -48.01
CA LEU I 507 43.54 -20.11 -46.93
C LEU I 507 42.07 -20.02 -47.35
N GLY I 508 41.19 -20.05 -46.35
CA GLY I 508 39.77 -19.93 -46.61
C GLY I 508 39.19 -18.66 -46.01
N GLU I 509 38.00 -18.77 -45.42
CA GLU I 509 37.34 -17.64 -44.77
C GLU I 509 37.23 -17.93 -43.29
N ASN I 510 37.58 -16.94 -42.46
CA ASN I 510 37.55 -17.07 -41.01
C ASN I 510 38.40 -18.24 -40.53
N ASN I 511 39.69 -18.16 -40.85
CA ASN I 511 40.71 -19.13 -40.44
C ASN I 511 40.50 -20.51 -41.05
N GLU I 512 39.56 -20.66 -41.97
CA GLU I 512 39.37 -21.93 -42.65
C GLU I 512 40.54 -22.20 -43.60
N LEU I 513 40.86 -23.48 -43.76
CA LEU I 513 41.93 -23.92 -44.65
C LEU I 513 41.35 -24.78 -45.76
N ARG I 514 41.64 -24.40 -47.01
CA ARG I 514 41.17 -25.12 -48.18
C ARG I 514 42.27 -26.06 -48.67
N LEU I 515 41.90 -27.33 -48.86
CA LEU I 515 42.88 -28.31 -49.31
C LEU I 515 43.38 -28.03 -50.72
N THR I 516 42.48 -27.62 -51.61
CA THR I 516 42.81 -27.40 -53.01
C THR I 516 43.13 -25.94 -53.25
N ARG I 517 44.27 -25.68 -53.92
CA ARG I 517 44.68 -24.33 -54.28
C ARG I 517 44.10 -23.99 -55.65
N ASP I 518 42.80 -23.71 -55.66
CA ASP I 518 42.08 -23.45 -56.90
C ASP I 518 41.65 -22.00 -57.07
N ALA I 519 41.66 -21.20 -56.01
CA ALA I 519 41.24 -19.80 -56.09
C ALA I 519 42.36 -19.01 -56.75
N ILE I 520 42.32 -18.95 -58.08
CA ILE I 520 43.33 -18.27 -58.89
C ILE I 520 42.65 -17.17 -59.69
N GLU I 521 43.23 -15.98 -59.65
CA GLU I 521 42.73 -14.82 -60.36
C GLU I 521 43.85 -14.17 -61.14
N PRO I 522 43.53 -13.44 -62.22
CA PRO I 522 44.58 -12.75 -62.98
C PRO I 522 45.25 -11.68 -62.13
N CYS I 523 46.52 -11.42 -62.44
CA CYS I 523 47.28 -10.43 -61.71
C CYS I 523 46.66 -9.05 -61.86
N THR I 524 46.55 -8.33 -60.75
CA THR I 524 45.93 -7.02 -60.71
C THR I 524 46.86 -6.02 -60.02
N VAL I 525 46.97 -4.83 -60.59
CA VAL I 525 47.77 -3.78 -59.98
C VAL I 525 47.04 -3.20 -58.77
N GLY I 526 47.82 -2.63 -57.86
CA GLY I 526 47.26 -2.09 -56.63
C GLY I 526 46.59 -3.15 -55.77
N HIS I 527 47.21 -4.33 -55.67
CA HIS I 527 46.62 -5.45 -54.95
C HIS I 527 46.88 -5.31 -53.45
N ARG I 528 46.26 -4.29 -52.87
CA ARG I 528 46.30 -4.07 -51.43
C ARG I 528 45.10 -4.76 -50.80
N ARG I 529 45.32 -5.97 -50.28
CA ARG I 529 44.25 -6.79 -49.74
C ARG I 529 44.59 -7.23 -48.32
N TYR I 530 43.55 -7.44 -47.53
CA TYR I 530 43.70 -7.91 -46.16
C TYR I 530 42.98 -9.25 -46.01
N PHE I 531 43.53 -10.10 -45.14
CA PHE I 531 42.95 -11.41 -44.88
C PHE I 531 43.11 -11.75 -43.41
N THR I 532 42.06 -12.33 -42.83
CA THR I 532 42.10 -12.71 -41.42
C THR I 532 43.07 -13.87 -41.22
N PHE I 533 43.72 -13.88 -40.06
CA PHE I 533 44.66 -14.94 -39.72
C PHE I 533 44.68 -15.10 -38.20
N GLY I 534 44.10 -16.18 -37.71
CA GLY I 534 44.04 -16.37 -36.26
C GLY I 534 43.29 -15.24 -35.60
N GLY I 535 43.89 -14.67 -34.57
CA GLY I 535 43.33 -13.50 -33.92
C GLY I 535 43.62 -12.20 -34.60
N GLY I 536 44.34 -12.22 -35.73
CA GLY I 536 44.70 -11.01 -36.42
C GLY I 536 44.53 -11.09 -37.93
N TYR I 537 45.25 -10.25 -38.66
CA TYR I 537 45.11 -10.17 -40.11
C TYR I 537 46.48 -10.28 -40.77
N VAL I 538 46.49 -10.89 -41.96
CA VAL I 538 47.69 -11.00 -42.79
C VAL I 538 47.53 -10.07 -43.99
N TYR I 539 48.61 -9.36 -44.31
CA TYR I 539 48.57 -8.28 -45.29
C TYR I 539 49.38 -8.66 -46.53
N PHE I 540 48.76 -8.52 -47.70
CA PHE I 540 49.46 -8.60 -48.97
C PHE I 540 49.44 -7.25 -49.67
N GLU I 541 50.54 -6.96 -50.37
CA GLU I 541 50.61 -5.81 -51.28
C GLU I 541 51.28 -6.31 -52.55
N GLU I 542 50.54 -6.29 -53.66
CA GLU I 542 50.99 -6.84 -54.93
C GLU I 542 51.40 -8.31 -54.77
N TYR I 543 50.55 -9.06 -54.07
CA TYR I 543 50.75 -10.50 -53.83
C TYR I 543 52.06 -10.77 -53.10
N ALA I 544 52.38 -9.91 -52.13
CA ALA I 544 53.57 -10.08 -51.29
C ALA I 544 53.19 -9.87 -49.84
N TYR I 545 53.56 -10.82 -48.99
CA TYR I 545 53.25 -10.72 -47.57
C TYR I 545 54.01 -9.56 -46.95
N SER I 546 53.30 -8.77 -46.13
CA SER I 546 53.86 -7.57 -45.52
C SER I 546 54.17 -7.76 -44.05
N HIS I 547 53.17 -8.08 -43.23
CA HIS I 547 53.35 -8.24 -41.80
C HIS I 547 52.02 -8.68 -41.18
N GLN I 548 52.10 -9.15 -39.94
CA GLN I 548 50.90 -9.47 -39.18
C GLN I 548 50.24 -8.19 -38.68
N LEU I 549 48.91 -8.21 -38.60
CA LEU I 549 48.14 -7.10 -38.08
C LEU I 549 47.16 -7.62 -37.04
N SER I 550 47.18 -7.01 -35.85
CA SER I 550 46.23 -7.38 -34.81
C SER I 550 44.83 -6.88 -35.16
N ARG I 551 43.84 -7.45 -34.47
CA ARG I 551 42.46 -7.06 -34.72
C ARG I 551 42.23 -5.59 -34.35
N ALA I 552 42.83 -5.12 -33.26
CA ALA I 552 42.66 -3.74 -32.83
C ALA I 552 43.38 -2.75 -33.73
N ASP I 553 44.23 -3.22 -34.64
CA ASP I 553 44.97 -2.31 -35.52
C ASP I 553 44.07 -1.63 -36.55
N ILE I 554 42.88 -2.16 -36.78
CA ILE I 554 41.96 -1.64 -37.78
C ILE I 554 40.75 -1.04 -37.08
N THR I 555 40.34 0.15 -37.53
CA THR I 555 39.15 0.78 -36.96
C THR I 555 37.94 -0.12 -37.14
N THR I 556 37.15 -0.23 -36.07
CA THR I 556 36.03 -1.16 -36.01
C THR I 556 34.73 -0.40 -36.11
N VAL I 557 33.91 -0.76 -37.10
CA VAL I 557 32.54 -0.25 -37.22
C VAL I 557 31.60 -1.31 -36.66
N SER I 558 30.66 -0.88 -35.82
CA SER I 558 29.78 -1.79 -35.11
C SER I 558 28.51 -2.00 -35.93
N THR I 559 28.30 -3.22 -36.41
CA THR I 559 27.05 -3.58 -37.07
C THR I 559 25.93 -3.85 -36.07
N PHE I 560 26.28 -4.05 -34.80
CA PHE I 560 25.26 -4.31 -33.79
C PHE I 560 24.51 -3.01 -33.46
N ILE I 561 23.31 -3.18 -32.92
CA ILE I 561 22.49 -2.06 -32.48
C ILE I 561 22.32 -2.17 -30.97
N ASP I 562 22.82 -1.17 -30.25
CA ASP I 562 22.86 -1.23 -28.80
C ASP I 562 21.46 -1.17 -28.22
N LEU I 563 21.23 -2.00 -27.20
CA LEU I 563 19.98 -2.01 -26.43
C LEU I 563 20.39 -1.96 -24.96
N ASN I 564 20.57 -0.74 -24.45
CA ASN I 564 21.09 -0.54 -23.09
C ASN I 564 19.99 -0.82 -22.07
N ILE I 565 19.64 -2.10 -21.96
CA ILE I 565 18.67 -2.56 -20.98
C ILE I 565 19.39 -2.72 -19.65
N THR I 566 18.90 -2.03 -18.62
CA THR I 566 19.49 -2.07 -17.28
C THR I 566 18.47 -2.62 -16.30
N MET I 567 18.92 -3.51 -15.41
CA MET I 567 18.02 -4.15 -14.48
C MET I 567 17.46 -3.15 -13.48
N LEU I 568 16.21 -3.34 -13.08
CA LEU I 568 15.61 -2.50 -12.06
C LEU I 568 16.29 -2.78 -10.72
N GLU I 569 16.76 -1.72 -10.08
CA GLU I 569 17.53 -1.89 -8.85
C GLU I 569 16.64 -2.36 -7.71
N ASP I 570 17.24 -3.09 -6.78
CA ASP I 570 16.52 -3.54 -5.60
C ASP I 570 16.15 -2.35 -4.72
N HIS I 571 14.97 -2.42 -4.12
CA HIS I 571 14.47 -1.35 -3.26
C HIS I 571 13.99 -1.93 -1.95
N GLU I 572 14.26 -1.22 -0.86
CA GLU I 572 13.84 -1.62 0.47
C GLU I 572 12.78 -0.65 0.97
N PHE I 573 11.61 -1.16 1.31
CA PHE I 573 10.50 -0.34 1.80
C PHE I 573 10.52 -0.42 3.32
N VAL I 574 11.10 0.60 3.94
CA VAL I 574 11.16 0.68 5.40
C VAL I 574 9.75 0.92 5.93
N PRO I 575 9.44 0.45 7.14
CA PRO I 575 8.12 0.77 7.72
C PRO I 575 7.94 2.28 7.84
N LEU I 576 6.73 2.74 7.56
CA LEU I 576 6.47 4.16 7.53
C LEU I 576 5.02 4.43 7.90
N GLU I 577 4.81 5.35 8.82
CA GLU I 577 3.47 5.76 9.23
C GLU I 577 3.58 7.07 9.98
N VAL I 578 2.81 8.07 9.53
CA VAL I 578 2.85 9.38 10.19
C VAL I 578 2.34 9.26 11.63
N TYR I 579 1.32 8.45 11.86
CA TYR I 579 0.73 8.32 13.18
C TYR I 579 0.78 6.85 13.61
N THR I 580 1.72 6.52 14.49
CA THR I 580 1.75 5.21 15.11
C THR I 580 0.58 5.07 16.07
N ARG I 581 0.28 3.82 16.45
CA ARG I 581 -0.84 3.59 17.37
C ARG I 581 -0.61 4.26 18.71
N HIS I 582 0.63 4.35 19.16
CA HIS I 582 0.91 4.97 20.46
C HIS I 582 0.52 6.45 20.46
N GLU I 583 0.98 7.19 19.45
CA GLU I 583 0.63 8.61 19.38
C GLU I 583 -0.82 8.83 18.98
N ILE I 584 -1.43 7.90 18.25
CA ILE I 584 -2.86 7.99 17.99
C ILE I 584 -3.65 7.87 19.29
N LYS I 585 -3.25 6.93 20.15
CA LYS I 585 -3.87 6.80 21.46
C LYS I 585 -3.62 8.04 22.31
N ASP I 586 -2.40 8.58 22.25
CA ASP I 586 -2.05 9.76 23.02
C ASP I 586 -2.67 11.04 22.46
N SER I 587 -3.25 10.99 21.26
CA SER I 587 -3.86 12.18 20.69
C SER I 587 -5.02 12.68 21.55
N GLY I 588 -5.79 11.76 22.13
CA GLY I 588 -6.89 12.17 22.98
C GLY I 588 -6.42 12.91 24.21
N LEU I 589 -7.24 13.87 24.65
CA LEU I 589 -6.88 14.67 25.82
C LEU I 589 -6.78 13.80 27.06
N LEU I 590 -7.82 13.03 27.34
CA LEU I 590 -7.88 12.20 28.54
C LEU I 590 -8.01 10.73 28.15
N ASP I 591 -7.22 9.88 28.79
CA ASP I 591 -7.32 8.44 28.63
C ASP I 591 -7.99 7.88 29.88
N TYR I 592 -9.07 7.12 29.67
CA TYR I 592 -9.84 6.61 30.81
C TYR I 592 -8.98 5.70 31.68
N THR I 593 -8.16 4.85 31.06
CA THR I 593 -7.34 3.93 31.83
C THR I 593 -6.38 4.68 32.74
N GLU I 594 -5.63 5.63 32.19
CA GLU I 594 -4.68 6.39 33.00
C GLU I 594 -5.38 7.22 34.06
N VAL I 595 -6.49 7.86 33.69
CA VAL I 595 -7.20 8.72 34.63
C VAL I 595 -7.74 7.90 35.80
N GLN I 596 -8.35 6.75 35.51
CA GLN I 596 -8.86 5.89 36.56
C GLN I 596 -7.74 5.31 37.41
N ARG I 597 -6.62 4.96 36.77
CA ARG I 597 -5.48 4.45 37.54
C ARG I 597 -5.00 5.48 38.53
N ARG I 598 -4.80 6.72 38.08
CA ARG I 598 -4.35 7.78 38.98
C ARG I 598 -5.38 8.05 40.07
N ASN I 599 -6.66 8.11 39.71
CA ASN I 599 -7.69 8.49 40.68
C ASN I 599 -7.90 7.40 41.73
N GLN I 600 -7.75 6.13 41.35
CA GLN I 600 -7.93 5.04 42.31
C GLN I 600 -6.66 4.76 43.11
N LEU I 601 -5.50 5.08 42.56
CA LEU I 601 -4.27 5.02 43.35
C LEU I 601 -4.08 6.26 44.22
N HIS I 602 -4.90 7.29 44.01
CA HIS I 602 -4.86 8.47 44.86
C HIS I 602 -5.04 8.12 46.33
N ASP I 603 -6.04 7.29 46.63
CA ASP I 603 -6.30 6.93 48.03
C ASP I 603 -5.12 6.20 48.63
N LEU I 604 -4.57 5.24 47.90
CA LEU I 604 -3.43 4.47 48.40
C LEU I 604 -2.21 5.35 48.60
N ARG I 605 -1.96 6.28 47.67
CA ARG I 605 -0.74 7.08 47.72
C ARG I 605 -0.84 8.18 48.77
N PHE I 606 -2.02 8.78 48.95
CA PHE I 606 -2.16 9.93 49.83
C PHE I 606 -2.93 9.60 51.10
N ALA I 607 -3.12 8.32 51.40
CA ALA I 607 -3.75 7.92 52.65
C ALA I 607 -3.35 6.49 52.97
N ASP I 608 -3.52 6.12 54.23
CA ASP I 608 -3.22 4.77 54.69
C ASP I 608 -4.49 3.93 54.62
N ILE I 609 -4.49 2.91 53.77
CA ILE I 609 -5.65 2.05 53.58
C ILE I 609 -5.57 0.79 54.43
N ASP I 610 -4.63 0.73 55.37
CA ASP I 610 -4.47 -0.45 56.20
C ASP I 610 -4.51 -0.13 57.69
N THR I 611 -3.98 1.02 58.10
CA THR I 611 -3.98 1.37 59.51
C THR I 611 -5.40 1.52 60.03
N VAL I 612 -5.66 0.92 61.19
CA VAL I 612 -6.97 0.95 61.83
C VAL I 612 -6.83 1.61 63.19
N ILE I 613 -7.64 2.62 63.45
CA ILE I 613 -7.62 3.35 64.71
C ILE I 613 -8.89 3.00 65.48
N HIS I 614 -8.72 2.48 66.68
CA HIS I 614 -9.83 2.11 67.55
C HIS I 614 -9.64 2.78 68.90
N ALA I 615 -10.69 3.44 69.38
CA ALA I 615 -10.64 4.13 70.66
C ALA I 615 -12.02 4.28 71.27
#